data_9CP2
#
_entry.id   9CP2
#
_cell.length_a   1.00
_cell.length_b   1.00
_cell.length_c   1.00
_cell.angle_alpha   90.00
_cell.angle_beta   90.00
_cell.angle_gamma   90.00
#
_symmetry.space_group_name_H-M   'P 1'
#
loop_
_entity.id
_entity.type
_entity.pdbx_description
1 polymer 'CRISPR-associated aCascade subunit Cas7/Csa2 2'
2 polymer 'CRISPR system aCascade subunit Cas5 1'
3 polymer 'RNA (27-MER)'
4 polymer "DNA (5'-D(P*TP*TP*TP*TP*CP*CP*TP*CP*GP*AP*A)-3')"
5 non-polymer 2-AMINO-2-HYDROXYMETHYL-PROPANE-1,3-DIOL
#
loop_
_entity_poly.entity_id
_entity_poly.type
_entity_poly.pdbx_seq_one_letter_code
_entity_poly.pdbx_strand_id
1 'polypeptide(L)'
;MISGSVRFLVNLESLNGVESIGNLTKHRTAPVVLKTSTGYLVRYVPVISGEALAHAYQASLVDIAKKEGLPVGSLSSQYE
FIKFSTDEALKIEGIKEPKDYNDARRFEVEVMLKDVIADVGGFMYAGGAPVRRTSRIKLGYMIPALRGDEIPAQLEAQFH
VRFSNKPVSGSQAIFNVEVSSALYTFSFELDEDLIAVPSTFGEKVKGEEELERQKAKRVKSAIKALYSLLSGNFGGKRSR
FLPSMKLMSLVVTKTDFPFMPEPAHDDDYIKTTIMRLGKAKGVLNGNLAKAYVINNEGIEVGEGVTVLSTVEDLVVKLEE
E
;
B,C,D,A
2 'polypeptide(L)'
;MIYSKVFLKLHWGFSVVKPLAAKAKPGFYLPPPTTLIGALSYGKFRGVDNINLGNVYGSPAYNFRNIMATARLESEGVYT
EDIIRNVISYFQRKERRENPRYIYGVIPTGKVYIPNGRLVVVYVTDSISKEELEKLCWSITRIGCKECLASVENVEVGEA
KKVSGRVKTRYYFRDTVKVVGRKEFLEYVTFWEENGYIWGKEGSPVRYILPITTYPLASKEVEVEAKEAYEVGGEYVVFS
;
G
3 'polyribonucleotide' AUUGAAAGUUCUGUUUCGAAGAAAACCCGCCUCAGAUUCAUUAUGGGGAUAAUCUCUUAUAGA S
4 'polydeoxyribonucleotide' (DT)(DT)(DT)(DT)(DC)(DC)(DT)(DC)(DG)(DA)(DA) M
#
# COMPACT_ATOMS: atom_id res chain seq x y z
N MET A 1 2.20 22.86 11.39
CA MET A 1 2.30 21.55 10.76
C MET A 1 1.42 21.48 9.52
N ILE A 2 1.83 20.65 8.56
CA ILE A 2 1.12 20.46 7.31
C ILE A 2 0.68 19.00 7.25
N SER A 3 -0.64 18.77 7.22
CA SER A 3 -1.20 17.44 7.14
C SER A 3 -2.03 17.34 5.87
N GLY A 4 -2.34 16.11 5.47
CA GLY A 4 -3.12 15.95 4.25
C GLY A 4 -3.62 14.54 4.05
N SER A 5 -4.61 14.42 3.17
CA SER A 5 -5.18 13.16 2.73
C SER A 5 -5.35 13.18 1.22
N VAL A 6 -5.06 12.04 0.57
CA VAL A 6 -4.93 11.94 -0.87
C VAL A 6 -5.61 10.67 -1.35
N ARG A 7 -6.29 10.77 -2.50
CA ARG A 7 -6.98 9.65 -3.14
C ARG A 7 -6.48 9.48 -4.57
N PHE A 8 -6.04 8.26 -4.91
CA PHE A 8 -5.50 7.92 -6.22
C PHE A 8 -6.30 6.78 -6.83
N LEU A 9 -6.29 6.70 -8.16
CA LEU A 9 -6.93 5.61 -8.90
C LEU A 9 -5.89 4.96 -9.81
N VAL A 10 -5.52 3.71 -9.53
CA VAL A 10 -4.39 3.05 -10.18
C VAL A 10 -4.87 1.79 -10.86
N ASN A 11 -4.38 1.55 -12.08
CA ASN A 11 -4.77 0.40 -12.87
C ASN A 11 -3.55 -0.34 -13.42
N LEU A 12 -3.63 -1.66 -13.45
CA LEU A 12 -2.61 -2.53 -14.03
C LEU A 12 -1.22 -2.20 -13.48
N GLU A 13 -1.09 -2.47 -12.19
CA GLU A 13 0.04 -2.01 -11.40
C GLU A 13 0.67 -3.16 -10.63
N SER A 14 1.99 -3.09 -10.48
CA SER A 14 2.71 -3.92 -9.51
C SER A 14 3.89 -3.08 -9.02
N LEU A 15 3.69 -2.36 -7.91
CA LEU A 15 4.69 -1.44 -7.40
C LEU A 15 5.46 -1.99 -6.21
N ASN A 16 4.83 -2.82 -5.38
CA ASN A 16 5.51 -3.48 -4.28
C ASN A 16 5.28 -4.98 -4.40
N GLY A 17 6.36 -5.75 -4.22
CA GLY A 17 6.29 -7.20 -4.29
C GLY A 17 6.73 -7.82 -2.99
N VAL A 18 6.67 -9.15 -2.97
CA VAL A 18 7.03 -9.95 -1.81
C VAL A 18 7.65 -11.24 -2.32
N GLU A 19 8.13 -12.08 -1.39
CA GLU A 19 8.86 -13.29 -1.75
C GLU A 19 8.06 -14.16 -2.72
N SER A 20 8.75 -14.66 -3.74
CA SER A 20 8.12 -15.37 -4.83
C SER A 20 8.02 -16.86 -4.53
N ILE A 21 7.05 -17.51 -5.16
CA ILE A 21 6.84 -18.94 -5.05
C ILE A 21 6.89 -19.53 -6.46
N GLY A 22 7.85 -20.42 -6.70
CA GLY A 22 7.99 -21.00 -8.03
C GLY A 22 8.33 -19.94 -9.04
N ASN A 23 7.53 -19.87 -10.11
CA ASN A 23 7.70 -18.86 -11.15
C ASN A 23 6.64 -17.76 -11.05
N LEU A 24 6.19 -17.44 -9.84
CA LEU A 24 5.15 -16.46 -9.61
C LEU A 24 5.67 -15.37 -8.69
N THR A 25 5.50 -14.11 -9.10
CA THR A 25 5.84 -12.97 -8.28
C THR A 25 4.55 -12.43 -7.65
N LYS A 26 4.55 -12.30 -6.33
CA LYS A 26 3.34 -11.99 -5.59
C LYS A 26 3.30 -10.52 -5.19
N HIS A 27 2.12 -9.93 -5.31
CA HIS A 27 1.86 -8.57 -4.85
C HIS A 27 1.60 -8.61 -3.35
N ARG A 28 1.90 -7.50 -2.67
CA ARG A 28 1.64 -7.41 -1.25
C ARG A 28 0.15 -7.38 -0.96
N THR A 29 -0.28 -8.13 0.05
CA THR A 29 -1.67 -8.18 0.46
C THR A 29 -1.76 -8.12 1.98
N ALA A 30 -2.89 -7.62 2.47
CA ALA A 30 -3.09 -7.45 3.90
C ALA A 30 -4.56 -7.60 4.23
N PRO A 31 -4.89 -7.95 5.48
CA PRO A 31 -6.29 -8.07 5.89
C PRO A 31 -6.85 -6.76 6.41
N VAL A 32 -8.11 -6.50 6.07
CA VAL A 32 -8.83 -5.33 6.52
C VAL A 32 -10.17 -5.77 7.11
N VAL A 33 -10.66 -4.99 8.06
CA VAL A 33 -11.96 -5.20 8.68
C VAL A 33 -12.92 -4.16 8.14
N LEU A 34 -14.00 -4.61 7.52
CA LEU A 34 -14.95 -3.72 6.86
C LEU A 34 -16.35 -3.97 7.40
N LYS A 35 -17.08 -2.87 7.61
CA LYS A 35 -18.41 -2.93 8.18
C LYS A 35 -19.45 -2.93 7.06
N THR A 36 -20.24 -4.00 6.99
CA THR A 36 -21.33 -4.14 6.04
C THR A 36 -22.66 -4.08 6.79
N SER A 37 -23.75 -3.99 6.01
CA SER A 37 -25.08 -3.94 6.60
C SER A 37 -25.37 -5.19 7.43
N THR A 38 -24.72 -6.30 7.12
CA THR A 38 -24.92 -7.54 7.85
C THR A 38 -24.05 -7.64 9.10
N GLY A 39 -23.08 -6.75 9.26
CA GLY A 39 -22.19 -6.83 10.41
C GLY A 39 -20.77 -6.42 10.09
N TYR A 40 -19.79 -7.24 10.46
CA TYR A 40 -18.40 -6.94 10.22
C TYR A 40 -17.72 -8.13 9.55
N LEU A 41 -16.87 -7.85 8.57
CA LEU A 41 -16.21 -8.88 7.78
C LEU A 41 -14.72 -8.62 7.73
N VAL A 42 -13.97 -9.68 7.46
CA VAL A 42 -12.52 -9.63 7.29
C VAL A 42 -12.20 -10.02 5.85
N ARG A 43 -11.37 -9.22 5.19
CA ARG A 43 -11.04 -9.46 3.78
C ARG A 43 -9.54 -9.31 3.59
N TYR A 44 -9.05 -9.85 2.47
CA TYR A 44 -7.65 -9.75 2.08
C TYR A 44 -7.56 -8.94 0.80
N VAL A 45 -6.83 -7.83 0.83
CA VAL A 45 -6.77 -6.92 -0.31
C VAL A 45 -5.33 -6.51 -0.59
N PRO A 46 -4.99 -6.15 -1.84
CA PRO A 46 -3.65 -5.66 -2.14
C PRO A 46 -3.38 -4.32 -1.46
N VAL A 47 -2.14 -4.13 -1.02
CA VAL A 47 -1.69 -2.88 -0.41
C VAL A 47 -0.33 -2.52 -0.96
N ILE A 48 0.04 -1.26 -0.79
CA ILE A 48 1.38 -0.76 -1.11
C ILE A 48 2.02 -0.28 0.18
N SER A 49 3.22 -0.79 0.47
CA SER A 49 3.86 -0.49 1.74
C SER A 49 4.19 0.99 1.85
N GLY A 50 4.43 1.43 3.08
CA GLY A 50 4.71 2.82 3.40
C GLY A 50 6.17 3.21 3.43
N GLU A 51 7.08 2.32 3.05
CA GLU A 51 8.50 2.66 3.07
C GLU A 51 9.03 3.05 1.69
N ALA A 52 8.43 2.51 0.64
CA ALA A 52 8.79 2.94 -0.71
C ALA A 52 8.50 4.43 -0.90
N LEU A 53 7.40 4.92 -0.30
CA LEU A 53 7.09 6.33 -0.38
C LEU A 53 8.16 7.17 0.31
N ALA A 54 8.65 6.71 1.46
CA ALA A 54 9.74 7.39 2.13
C ALA A 54 11.00 7.41 1.29
N HIS A 55 11.30 6.29 0.63
CA HIS A 55 12.48 6.24 -0.24
C HIS A 55 12.36 7.23 -1.39
N ALA A 56 11.18 7.30 -2.03
CA ALA A 56 10.99 8.25 -3.12
C ALA A 56 11.14 9.69 -2.64
N TYR A 57 10.52 10.01 -1.49
CA TYR A 57 10.62 11.35 -0.96
C TYR A 57 12.06 11.72 -0.64
N GLN A 58 12.81 10.80 -0.03
CA GLN A 58 14.20 11.10 0.34
C GLN A 58 15.07 11.23 -0.91
N ALA A 59 14.81 10.44 -1.95
CA ALA A 59 15.57 10.59 -3.18
C ALA A 59 15.33 11.95 -3.83
N SER A 60 14.07 12.39 -3.89
CA SER A 60 13.78 13.72 -4.42
C SER A 60 14.44 14.79 -3.58
N LEU A 61 14.44 14.62 -2.25
CA LEU A 61 15.10 15.58 -1.37
C LEU A 61 16.60 15.64 -1.65
N VAL A 62 17.23 14.49 -1.86
CA VAL A 62 18.65 14.47 -2.21
C VAL A 62 18.89 15.25 -3.49
N ASP A 63 18.07 14.99 -4.51
CA ASP A 63 18.24 15.67 -5.79
C ASP A 63 18.15 17.18 -5.61
N ILE A 64 17.09 17.65 -4.96
CA ILE A 64 16.89 19.10 -4.82
C ILE A 64 17.99 19.71 -3.95
N ALA A 65 18.37 19.02 -2.87
CA ALA A 65 19.40 19.55 -1.98
C ALA A 65 20.72 19.72 -2.70
N LYS A 66 21.12 18.74 -3.52
CA LYS A 66 22.34 18.90 -4.29
C LYS A 66 22.18 19.99 -5.35
N LYS A 67 20.99 20.10 -5.94
CA LYS A 67 20.78 21.10 -6.98
C LYS A 67 20.92 22.52 -6.45
N GLU A 68 20.42 22.78 -5.24
CA GLU A 68 20.40 24.14 -4.72
C GLU A 68 21.55 24.45 -3.78
N GLY A 69 22.51 23.54 -3.63
CA GLY A 69 23.73 23.83 -2.89
C GLY A 69 23.77 23.41 -1.45
N LEU A 70 22.71 22.77 -0.94
CA LEU A 70 22.73 22.29 0.43
C LEU A 70 23.63 21.06 0.55
N PRO A 71 24.27 20.88 1.70
CA PRO A 71 25.18 19.73 1.86
C PRO A 71 24.44 18.40 1.84
N VAL A 72 25.12 17.39 1.32
CA VAL A 72 24.59 16.03 1.24
C VAL A 72 25.70 15.06 1.62
N GLY A 73 25.36 14.04 2.40
CA GLY A 73 26.35 13.11 2.89
C GLY A 73 26.96 12.27 1.78
N SER A 74 28.06 11.59 2.13
CA SER A 74 28.79 10.81 1.13
C SER A 74 28.01 9.59 0.68
N LEU A 75 27.64 8.71 1.63
CA LEU A 75 26.86 7.54 1.26
C LEU A 75 25.48 7.91 0.75
N SER A 76 24.87 8.94 1.33
CA SER A 76 23.57 9.39 0.83
C SER A 76 23.66 10.09 -0.50
N SER A 77 24.87 10.42 -0.97
CA SER A 77 25.03 10.95 -2.32
C SER A 77 24.59 9.91 -3.35
N GLN A 78 25.02 8.67 -3.18
CA GLN A 78 24.35 7.55 -3.81
C GLN A 78 23.06 7.27 -3.06
N TYR A 79 22.09 6.68 -3.76
CA TYR A 79 20.75 6.52 -3.19
C TYR A 79 20.71 5.26 -2.32
N GLU A 80 21.44 5.33 -1.21
CA GLU A 80 21.51 4.25 -0.22
C GLU A 80 21.32 4.88 1.15
N PHE A 81 20.11 4.78 1.69
CA PHE A 81 19.77 5.49 2.92
C PHE A 81 20.04 4.64 4.16
N ILE A 82 21.28 4.15 4.28
CA ILE A 82 21.71 3.59 5.56
C ILE A 82 21.93 4.69 6.58
N LYS A 83 22.14 5.92 6.13
CA LYS A 83 22.34 7.08 6.99
C LYS A 83 23.54 6.87 7.92
N PHE A 84 23.30 6.76 9.21
CA PHE A 84 24.41 6.63 10.15
C PHE A 84 24.14 5.56 11.19
N SER A 85 23.43 4.49 10.81
CA SER A 85 23.10 3.45 11.77
C SER A 85 24.33 2.64 12.18
N THR A 86 25.14 2.22 11.21
CA THR A 86 26.27 1.35 11.47
C THR A 86 27.57 2.15 11.54
N ASP A 87 28.60 1.50 12.08
CA ASP A 87 29.88 2.18 12.23
C ASP A 87 30.59 2.36 10.89
N GLU A 88 30.29 1.51 9.90
CA GLU A 88 30.93 1.64 8.60
C GLU A 88 30.51 2.92 7.90
N ALA A 89 29.24 3.30 8.03
CA ALA A 89 28.77 4.56 7.46
C ALA A 89 29.49 5.73 8.09
N LEU A 90 29.66 5.71 9.41
CA LEU A 90 30.40 6.77 10.09
C LEU A 90 31.85 6.82 9.63
N LYS A 91 32.46 5.65 9.44
CA LYS A 91 33.85 5.61 8.98
C LYS A 91 33.98 6.19 7.57
N ILE A 92 33.01 5.90 6.70
CA ILE A 92 33.05 6.43 5.34
C ILE A 92 32.83 7.94 5.35
N GLU A 93 31.82 8.41 6.08
CA GLU A 93 31.52 9.84 6.08
C GLU A 93 32.59 10.64 6.81
N GLY A 94 33.17 10.09 7.86
CA GLY A 94 34.23 10.77 8.58
C GLY A 94 33.75 11.49 9.83
N ILE A 95 32.95 10.82 10.65
CA ILE A 95 32.41 11.38 11.87
C ILE A 95 32.76 10.47 13.03
N LYS A 96 33.22 11.06 14.14
CA LYS A 96 33.53 10.29 15.33
C LYS A 96 32.25 9.91 16.08
N GLU A 97 32.30 8.75 16.73
CA GLU A 97 31.17 8.30 17.52
C GLU A 97 31.07 9.12 18.80
N PRO A 98 29.85 9.30 19.33
CA PRO A 98 29.72 10.00 20.61
C PRO A 98 30.37 9.23 21.74
N LYS A 99 30.98 9.96 22.66
CA LYS A 99 31.67 9.33 23.79
C LYS A 99 30.72 9.04 24.94
N ASP A 100 30.01 10.07 25.41
CA ASP A 100 29.08 9.92 26.52
C ASP A 100 27.73 10.56 26.19
N TYR A 101 26.84 10.64 27.17
CA TYR A 101 25.56 11.29 26.94
C TYR A 101 25.73 12.77 26.64
N ASN A 102 26.62 13.45 27.38
CA ASN A 102 26.76 14.88 27.24
C ASN A 102 27.25 15.27 25.86
N ASP A 103 28.16 14.49 25.28
CA ASP A 103 28.65 14.76 23.93
C ASP A 103 27.59 14.49 22.87
N ALA A 104 26.51 13.78 23.22
CA ALA A 104 25.54 13.32 22.23
C ALA A 104 25.06 14.46 21.35
N ARG A 105 24.66 15.58 21.96
CA ARG A 105 24.17 16.73 21.23
C ARG A 105 25.14 17.12 20.11
N ARG A 106 26.42 17.26 20.47
CA ARG A 106 27.43 17.63 19.48
C ARG A 106 27.36 16.72 18.28
N PHE A 107 27.35 15.40 18.53
CA PHE A 107 27.32 14.44 17.44
C PHE A 107 26.18 14.76 16.49
N GLU A 108 24.98 14.93 17.03
CA GLU A 108 23.83 15.16 16.17
C GLU A 108 24.07 16.37 15.28
N VAL A 109 24.54 17.46 15.87
CA VAL A 109 24.75 18.69 15.11
C VAL A 109 25.69 18.41 13.94
N GLU A 110 26.79 17.69 14.20
CA GLU A 110 27.70 17.37 13.11
C GLU A 110 26.98 16.60 12.03
N VAL A 111 26.28 15.53 12.40
CA VAL A 111 25.52 14.75 11.44
C VAL A 111 24.44 15.64 10.82
N MET A 112 23.91 16.57 11.60
CA MET A 112 22.85 17.44 11.11
C MET A 112 23.38 18.48 10.12
N LEU A 113 24.70 18.65 10.04
CA LEU A 113 25.29 19.66 9.18
C LEU A 113 25.86 19.09 7.89
N LYS A 114 25.96 17.77 7.77
CA LYS A 114 26.52 17.15 6.57
C LYS A 114 25.47 16.58 5.63
N ASP A 115 24.30 16.19 6.15
CA ASP A 115 23.28 15.56 5.32
C ASP A 115 21.92 16.12 5.69
N VAL A 116 21.21 16.66 4.70
CA VAL A 116 19.83 17.09 4.91
C VAL A 116 18.93 15.88 5.17
N ILE A 117 19.29 14.72 4.62
CA ILE A 117 18.47 13.53 4.82
C ILE A 117 18.42 13.14 6.30
N ALA A 118 19.58 13.13 6.96
CA ALA A 118 19.61 12.77 8.38
C ALA A 118 18.88 13.80 9.23
N ASP A 119 18.56 14.96 8.66
CA ASP A 119 17.78 15.97 9.36
C ASP A 119 16.28 15.79 9.14
N VAL A 120 15.84 15.83 7.88
CA VAL A 120 14.41 15.79 7.59
C VAL A 120 13.84 14.41 7.87
N GLY A 121 14.56 13.36 7.46
CA GLY A 121 14.03 12.02 7.57
C GLY A 121 14.29 11.29 8.86
N GLY A 122 15.02 11.89 9.80
CA GLY A 122 15.31 11.24 11.06
C GLY A 122 16.28 10.09 10.93
N PHE A 123 16.90 9.68 12.03
CA PHE A 123 17.89 8.61 11.98
C PHE A 123 18.03 8.00 13.36
N MET A 124 18.85 6.95 13.43
CA MET A 124 19.11 6.24 14.68
C MET A 124 20.53 5.72 14.67
N TYR A 125 21.23 5.90 15.80
CA TYR A 125 22.53 5.28 16.02
C TYR A 125 22.47 4.52 17.33
N ALA A 126 22.83 3.24 17.27
CA ALA A 126 22.81 2.37 18.44
C ALA A 126 24.22 2.05 18.87
N GLY A 127 24.51 2.20 20.16
CA GLY A 127 25.84 1.95 20.68
C GLY A 127 25.95 2.28 22.15
N GLY A 128 27.12 2.77 22.56
CA GLY A 128 27.31 3.15 23.96
C GLY A 128 26.39 4.27 24.39
N ALA A 129 26.19 5.26 23.52
CA ALA A 129 25.30 6.38 23.76
C ALA A 129 24.36 6.49 22.57
N PRO A 130 23.27 5.73 22.56
CA PRO A 130 22.37 5.75 21.40
C PRO A 130 21.76 7.13 21.19
N VAL A 131 21.59 7.49 19.92
CA VAL A 131 21.03 8.77 19.53
C VAL A 131 19.86 8.52 18.59
N ARG A 132 18.71 9.09 18.91
CA ARG A 132 17.51 8.92 18.11
C ARG A 132 17.04 10.28 17.59
N ARG A 133 16.46 10.28 16.39
CA ARG A 133 15.85 11.48 15.86
C ARG A 133 14.66 11.06 15.01
N THR A 134 13.45 11.35 15.49
CA THR A 134 12.23 10.92 14.82
C THR A 134 12.11 11.63 13.47
N SER A 135 11.57 10.91 12.49
CA SER A 135 11.35 11.49 11.18
C SER A 135 10.40 12.69 11.27
N ARG A 136 10.69 13.71 10.46
CA ARG A 136 9.84 14.88 10.42
C ARG A 136 8.70 14.75 9.42
N ILE A 137 8.66 13.67 8.65
CA ILE A 137 7.53 13.36 7.78
C ILE A 137 7.02 11.98 8.16
N LYS A 138 5.70 11.85 8.23
CA LYS A 138 5.04 10.63 8.68
C LYS A 138 4.12 10.10 7.59
N LEU A 139 4.28 8.82 7.26
CA LEU A 139 3.56 8.19 6.18
C LEU A 139 3.01 6.85 6.64
N GLY A 140 2.07 6.31 5.84
CA GLY A 140 1.45 5.05 6.15
C GLY A 140 1.16 4.26 4.88
N TYR A 141 0.60 3.07 5.08
CA TYR A 141 0.29 2.18 3.97
C TYR A 141 -0.70 2.82 3.00
N MET A 142 -0.66 2.35 1.76
CA MET A 142 -1.62 2.76 0.74
C MET A 142 -2.67 1.65 0.62
N ILE A 143 -3.90 1.96 0.99
CA ILE A 143 -4.96 0.97 1.15
C ILE A 143 -6.13 1.33 0.24
N PRO A 144 -6.79 0.36 -0.40
CA PRO A 144 -7.99 0.68 -1.17
C PRO A 144 -9.08 1.22 -0.27
N ALA A 145 -9.91 2.09 -0.84
CA ALA A 145 -10.94 2.78 -0.06
C ALA A 145 -11.99 1.79 0.43
N LEU A 146 -12.17 1.75 1.75
CA LEU A 146 -13.14 0.84 2.37
C LEU A 146 -14.52 1.50 2.42
N ARG A 147 -15.06 1.72 1.22
CA ARG A 147 -16.33 2.41 1.06
C ARG A 147 -17.42 1.40 0.70
N GLY A 148 -18.58 1.55 1.34
CA GLY A 148 -19.70 0.68 1.02
C GLY A 148 -19.45 -0.75 1.48
N ASP A 149 -20.06 -1.68 0.75
CA ASP A 149 -19.97 -3.10 1.08
C ASP A 149 -18.99 -3.88 0.23
N GLU A 150 -18.67 -3.39 -0.97
CA GLU A 150 -17.77 -4.08 -1.89
C GLU A 150 -16.49 -3.28 -2.04
N ILE A 151 -15.35 -3.93 -1.83
CA ILE A 151 -14.04 -3.29 -1.96
C ILE A 151 -13.73 -3.12 -3.44
N PRO A 152 -13.45 -1.89 -3.90
CA PRO A 152 -13.18 -1.67 -5.34
C PRO A 152 -11.73 -1.92 -5.73
N ALA A 153 -11.32 -3.18 -5.60
CA ALA A 153 -9.95 -3.58 -5.92
C ALA A 153 -9.97 -4.99 -6.49
N GLN A 154 -8.91 -5.32 -7.23
CA GLN A 154 -8.80 -6.65 -7.82
C GLN A 154 -7.33 -6.98 -8.06
N LEU A 155 -7.03 -8.27 -8.03
CA LEU A 155 -5.68 -8.79 -8.21
C LEU A 155 -5.75 -10.07 -9.03
N GLU A 156 -4.80 -10.23 -9.97
CA GLU A 156 -4.77 -11.40 -10.82
C GLU A 156 -3.31 -11.71 -11.16
N ALA A 157 -3.10 -12.79 -11.91
CA ALA A 157 -1.78 -13.21 -12.34
C ALA A 157 -1.74 -13.31 -13.87
N GLN A 158 -0.60 -12.95 -14.44
CA GLN A 158 -0.42 -12.91 -15.88
C GLN A 158 0.82 -13.73 -16.26
N PHE A 159 0.79 -14.21 -17.50
CA PHE A 159 1.70 -15.24 -18.01
C PHE A 159 2.63 -14.64 -19.05
N HIS A 160 3.94 -14.75 -18.82
CA HIS A 160 4.94 -14.12 -19.69
C HIS A 160 6.00 -15.13 -20.08
N VAL A 161 6.58 -14.92 -21.26
CA VAL A 161 7.46 -15.87 -21.91
C VAL A 161 8.71 -15.15 -22.40
N ARG A 162 9.86 -15.82 -22.30
CA ARG A 162 11.09 -15.37 -22.93
C ARG A 162 11.39 -16.24 -24.14
N PHE A 163 11.87 -15.61 -25.22
CA PHE A 163 12.00 -16.25 -26.51
C PHE A 163 13.41 -16.75 -26.73
N SER A 164 13.54 -17.93 -27.32
CA SER A 164 14.83 -18.50 -27.68
C SER A 164 14.69 -19.30 -28.97
N ASN A 165 15.80 -19.49 -29.66
CA ASN A 165 15.82 -20.28 -30.88
C ASN A 165 16.20 -21.74 -30.65
N LYS A 166 16.76 -22.07 -29.48
CA LYS A 166 17.17 -23.42 -29.14
C LYS A 166 16.52 -23.80 -27.81
N PRO A 167 15.25 -24.18 -27.83
CA PRO A 167 14.56 -24.49 -26.58
C PRO A 167 15.25 -25.63 -25.83
N VAL A 168 15.37 -25.45 -24.52
CA VAL A 168 16.03 -26.42 -23.66
C VAL A 168 15.27 -26.56 -22.35
N ALA A 173 12.01 -20.08 -18.81
CA ALA A 173 11.56 -19.40 -20.03
C ALA A 173 10.11 -18.97 -19.90
N ILE A 174 9.49 -19.30 -18.77
CA ILE A 174 8.11 -18.92 -18.47
C ILE A 174 8.05 -18.38 -17.06
N PHE A 175 7.35 -17.26 -16.87
CA PHE A 175 7.17 -16.70 -15.55
C PHE A 175 5.78 -16.09 -15.45
N ASN A 176 5.38 -15.80 -14.21
CA ASN A 176 4.05 -15.26 -13.92
C ASN A 176 4.19 -14.08 -12.97
N VAL A 177 3.44 -13.03 -13.24
CA VAL A 177 3.53 -11.77 -12.49
C VAL A 177 2.14 -11.38 -12.01
N GLU A 178 2.04 -10.97 -10.75
CA GLU A 178 0.76 -10.52 -10.21
C GLU A 178 0.53 -9.05 -10.52
N VAL A 179 -0.65 -8.73 -11.03
CA VAL A 179 -1.02 -7.38 -11.44
C VAL A 179 -2.33 -7.01 -10.74
N SER A 180 -2.39 -5.79 -10.22
CA SER A 180 -3.52 -5.34 -9.41
C SER A 180 -4.08 -4.04 -9.94
N SER A 181 -5.35 -3.78 -9.61
CA SER A 181 -6.02 -2.52 -9.89
C SER A 181 -6.76 -2.10 -8.63
N ALA A 182 -6.67 -0.81 -8.28
CA ALA A 182 -7.19 -0.38 -6.99
C ALA A 182 -7.51 1.11 -7.02
N LEU A 183 -8.21 1.54 -5.96
CA LEU A 183 -8.48 2.94 -5.66
C LEU A 183 -7.79 3.22 -4.33
N TYR A 184 -6.54 3.67 -4.41
CA TYR A 184 -5.69 3.78 -3.23
C TYR A 184 -5.96 5.09 -2.49
N THR A 185 -5.74 5.08 -1.18
CA THR A 185 -5.87 6.27 -0.36
C THR A 185 -4.74 6.29 0.65
N PHE A 186 -4.23 7.49 0.94
CA PHE A 186 -3.26 7.59 2.03
C PHE A 186 -3.17 9.02 2.53
N SER A 187 -2.68 9.16 3.76
CA SER A 187 -2.56 10.45 4.41
C SER A 187 -1.14 10.66 4.91
N PHE A 188 -0.76 11.93 5.08
CA PHE A 188 0.60 12.27 5.46
C PHE A 188 0.59 13.46 6.39
N GLU A 189 1.75 13.70 7.00
CA GLU A 189 1.94 14.78 7.97
C GLU A 189 3.41 15.16 8.01
N LEU A 190 3.68 16.46 8.14
CA LEU A 190 5.04 16.99 8.12
C LEU A 190 5.08 18.24 8.98
N ASP A 191 5.98 18.28 9.96
CA ASP A 191 6.09 19.41 10.88
C ASP A 191 7.35 20.20 10.56
N GLU A 192 7.19 21.29 9.81
CA GLU A 192 8.33 22.10 9.40
C GLU A 192 8.87 22.98 10.53
N ASP A 193 8.12 23.15 11.62
CA ASP A 193 8.57 24.01 12.70
C ASP A 193 9.75 23.43 13.46
N LEU A 194 10.05 22.14 13.26
CA LEU A 194 11.16 21.49 13.94
C LEU A 194 12.32 21.15 13.02
N ILE A 195 12.24 21.53 11.74
CA ILE A 195 13.35 21.28 10.83
C ILE A 195 14.52 22.17 11.19
N ALA A 196 15.73 21.61 11.13
CA ALA A 196 16.96 22.30 11.50
C ALA A 196 16.92 22.78 12.94
N VAL A 197 16.35 21.95 13.82
CA VAL A 197 16.32 22.22 15.26
C VAL A 197 16.79 20.95 15.98
N PRO A 198 17.84 21.02 16.79
CA PRO A 198 18.27 19.82 17.51
C PRO A 198 17.19 19.30 18.44
N SER A 199 17.12 17.98 18.56
CA SER A 199 16.11 17.34 19.39
C SER A 199 16.66 16.84 20.73
N THR A 200 17.93 16.46 20.78
CA THR A 200 18.52 16.03 22.04
C THR A 200 18.76 17.22 22.94
N PHE A 201 18.46 17.06 24.23
CA PHE A 201 18.59 18.14 25.19
C PHE A 201 20.00 18.19 25.77
N GLY A 202 20.50 19.40 25.96
CA GLY A 202 21.84 19.60 26.50
C GLY A 202 22.21 21.07 26.56
N GLU A 203 23.47 21.39 26.27
CA GLU A 203 23.96 22.76 26.25
C GLU A 203 24.29 23.17 24.82
N LYS A 204 24.33 24.48 24.60
CA LYS A 204 24.63 25.01 23.28
C LYS A 204 26.03 24.62 22.85
N VAL A 205 26.17 24.24 21.58
CA VAL A 205 27.43 23.78 21.02
C VAL A 205 27.73 24.60 19.78
N LYS A 206 29.00 24.96 19.59
CA LYS A 206 29.41 25.74 18.44
C LYS A 206 29.03 25.04 17.14
N GLY A 207 28.52 25.81 16.18
CA GLY A 207 28.03 25.27 14.93
C GLY A 207 26.53 25.36 14.74
N GLU A 208 25.80 25.95 15.68
CA GLU A 208 24.36 26.07 15.57
C GLU A 208 23.93 27.35 14.85
N GLU A 209 24.78 28.38 14.81
CA GLU A 209 24.46 29.58 14.05
C GLU A 209 24.32 29.27 12.57
N GLU A 210 25.26 28.48 12.03
CA GLU A 210 25.15 28.06 10.63
C GLU A 210 23.88 27.25 10.41
N LEU A 211 23.48 26.44 11.39
CA LEU A 211 22.22 25.73 11.29
C LEU A 211 21.05 26.70 11.21
N GLU A 212 21.10 27.77 12.00
CA GLU A 212 20.02 28.76 11.99
C GLU A 212 19.97 29.50 10.66
N ARG A 213 21.14 29.72 10.03
CA ARG A 213 21.15 30.44 8.76
C ARG A 213 20.44 29.67 7.65
N GLN A 214 20.62 28.34 7.62
CA GLN A 214 20.10 27.51 6.54
C GLN A 214 18.68 27.03 6.78
N LYS A 215 18.05 27.44 7.87
CA LYS A 215 16.74 26.90 8.22
C LYS A 215 15.71 27.16 7.12
N ALA A 216 15.69 28.38 6.58
CA ALA A 216 14.72 28.71 5.54
C ALA A 216 14.92 27.84 4.30
N LYS A 217 16.19 27.66 3.89
CA LYS A 217 16.46 26.84 2.71
C LYS A 217 16.09 25.39 2.93
N ARG A 218 16.39 24.86 4.13
CA ARG A 218 16.02 23.47 4.43
C ARG A 218 14.52 23.29 4.42
N VAL A 219 13.77 24.23 5.00
CA VAL A 219 12.32 24.14 5.00
C VAL A 219 11.79 24.23 3.57
N LYS A 220 12.36 25.13 2.76
CA LYS A 220 11.95 25.25 1.37
C LYS A 220 12.16 23.94 0.62
N SER A 221 13.32 23.32 0.79
CA SER A 221 13.60 22.07 0.10
C SER A 221 12.67 20.96 0.58
N ALA A 222 12.42 20.89 1.89
CA ALA A 222 11.55 19.85 2.42
C ALA A 222 10.13 19.99 1.88
N ILE A 223 9.62 21.21 1.80
CA ILE A 223 8.29 21.40 1.22
C ILE A 223 8.30 21.08 -0.27
N LYS A 224 9.40 21.41 -0.96
CA LYS A 224 9.48 21.10 -2.39
C LYS A 224 9.48 19.60 -2.65
N ALA A 225 10.09 18.82 -1.74
CA ALA A 225 10.25 17.39 -1.99
C ALA A 225 8.92 16.65 -2.09
N LEU A 226 7.83 17.22 -1.56
CA LEU A 226 6.53 16.54 -1.60
C LEU A 226 5.95 16.43 -3.00
N TYR A 227 6.51 17.15 -3.97
CA TYR A 227 5.97 17.12 -5.33
C TYR A 227 6.05 15.73 -5.92
N SER A 228 7.12 14.99 -5.61
CA SER A 228 7.25 13.63 -6.13
C SER A 228 6.14 12.73 -5.63
N LEU A 229 5.92 12.71 -4.31
CA LEU A 229 4.86 11.87 -3.76
C LEU A 229 3.49 12.28 -4.26
N LEU A 230 3.22 13.58 -4.30
CA LEU A 230 1.91 14.04 -4.75
C LEU A 230 1.71 13.90 -6.25
N SER A 231 2.78 13.67 -7.02
CA SER A 231 2.67 13.46 -8.45
C SER A 231 2.73 11.98 -8.84
N GLY A 232 3.27 11.12 -7.99
CA GLY A 232 3.27 9.69 -8.27
C GLY A 232 4.55 9.14 -8.86
N ASN A 233 5.70 9.50 -8.28
CA ASN A 233 6.98 8.95 -8.67
C ASN A 233 7.51 8.09 -7.52
N PHE A 234 7.09 6.84 -7.50
CA PHE A 234 7.55 5.87 -6.50
C PHE A 234 7.20 4.47 -6.99
N GLY A 235 7.62 3.47 -6.21
CA GLY A 235 7.37 2.10 -6.54
C GLY A 235 8.43 1.49 -7.43
N GLY A 236 8.26 0.20 -7.70
CA GLY A 236 9.20 -0.56 -8.51
C GLY A 236 8.56 -1.12 -9.77
N LYS A 237 9.40 -1.79 -10.56
CA LYS A 237 8.99 -2.41 -11.81
C LYS A 237 8.32 -1.40 -12.74
N ARG A 238 8.89 -0.21 -12.83
CA ARG A 238 8.33 0.84 -13.66
C ARG A 238 8.75 0.76 -15.12
N SER A 239 9.74 -0.07 -15.45
CA SER A 239 10.25 -0.10 -16.82
C SER A 239 9.26 -0.71 -17.79
N ARG A 240 8.67 -1.84 -17.44
CA ARG A 240 7.69 -2.49 -18.30
C ARG A 240 6.29 -2.53 -17.70
N PHE A 241 6.14 -2.19 -16.42
CA PHE A 241 4.84 -2.19 -15.76
C PHE A 241 4.53 -0.79 -15.27
N LEU A 242 4.72 0.21 -16.12
CA LEU A 242 4.46 1.59 -15.75
C LEU A 242 2.98 1.77 -15.46
N PRO A 243 2.61 2.22 -14.27
CA PRO A 243 1.19 2.32 -13.92
C PRO A 243 0.54 3.55 -14.54
N SER A 244 -0.79 3.55 -14.51
CA SER A 244 -1.60 4.65 -15.03
C SER A 244 -2.27 5.33 -13.84
N MET A 245 -1.57 6.27 -13.23
CA MET A 245 -2.05 6.91 -12.03
C MET A 245 -2.97 8.09 -12.36
N LYS A 246 -3.75 8.51 -11.37
CA LYS A 246 -4.67 9.62 -11.53
C LYS A 246 -5.08 10.11 -10.14
N LEU A 247 -5.17 11.43 -9.99
CA LEU A 247 -5.52 12.05 -8.73
C LEU A 247 -6.97 12.49 -8.76
N MET A 248 -7.72 12.15 -7.70
CA MET A 248 -9.15 12.40 -7.65
C MET A 248 -9.53 13.43 -6.60
N SER A 249 -9.05 13.29 -5.37
CA SER A 249 -9.39 14.22 -4.30
C SER A 249 -8.20 14.36 -3.35
N LEU A 250 -8.02 15.57 -2.83
CA LEU A 250 -6.88 15.86 -1.97
C LEU A 250 -7.23 17.03 -1.05
N VAL A 251 -6.90 16.90 0.22
CA VAL A 251 -7.10 17.98 1.20
C VAL A 251 -5.83 18.14 2.01
N VAL A 252 -5.36 19.39 2.12
CA VAL A 252 -4.17 19.70 2.91
C VAL A 252 -4.50 20.82 3.88
N THR A 253 -4.06 20.67 5.12
CA THR A 253 -4.34 21.62 6.19
C THR A 253 -3.03 22.09 6.80
N LYS A 254 -2.92 23.41 6.97
CA LYS A 254 -1.78 24.04 7.62
C LYS A 254 -2.25 24.71 8.92
N THR A 255 -1.71 24.27 10.05
CA THR A 255 -2.13 24.75 11.36
C THR A 255 -0.91 24.93 12.25
N ASP A 256 -1.15 25.56 13.40
CA ASP A 256 -0.14 25.74 14.44
C ASP A 256 -0.34 24.80 15.62
N PHE A 257 -1.29 23.87 15.52
CA PHE A 257 -1.61 22.95 16.60
C PHE A 257 -1.76 21.54 16.03
N PRO A 258 -1.57 20.51 16.85
CA PRO A 258 -1.76 19.14 16.36
C PRO A 258 -3.17 18.92 15.85
N PHE A 259 -3.27 18.21 14.73
CA PHE A 259 -4.55 18.00 14.05
C PHE A 259 -4.34 16.96 12.96
N MET A 260 -5.40 16.19 12.69
CA MET A 260 -5.34 15.13 11.69
C MET A 260 -6.68 15.05 10.97
N PRO A 261 -6.67 15.07 9.64
CA PRO A 261 -7.94 15.01 8.90
C PRO A 261 -8.50 13.60 8.86
N GLU A 262 -9.72 13.51 8.33
CA GLU A 262 -10.39 12.22 8.22
C GLU A 262 -9.74 11.38 7.11
N PRO A 263 -9.57 10.08 7.33
CA PRO A 263 -9.09 9.22 6.25
C PRO A 263 -10.04 9.24 5.06
N ALA A 264 -9.48 9.06 3.87
CA ALA A 264 -10.26 9.20 2.64
C ALA A 264 -11.05 7.94 2.31
N HIS A 265 -11.86 7.47 3.26
CA HIS A 265 -12.66 6.27 3.03
C HIS A 265 -14.08 6.61 2.59
N ASP A 266 -14.80 7.36 3.42
CA ASP A 266 -16.16 7.76 3.08
C ASP A 266 -16.14 8.84 2.00
N ASP A 267 -17.25 8.92 1.25
CA ASP A 267 -17.38 9.94 0.23
C ASP A 267 -17.35 11.35 0.81
N ASP A 268 -17.64 11.51 2.10
CA ASP A 268 -17.61 12.81 2.76
C ASP A 268 -16.54 12.77 3.85
N TYR A 269 -15.30 13.09 3.45
CA TYR A 269 -14.21 13.25 4.40
C TYR A 269 -13.61 14.65 4.32
N ILE A 270 -14.17 15.52 3.49
CA ILE A 270 -13.71 16.90 3.35
C ILE A 270 -14.52 17.85 4.22
N LYS A 271 -15.84 17.77 4.10
CA LYS A 271 -16.72 18.57 4.95
C LYS A 271 -16.47 18.28 6.42
N THR A 272 -16.34 17.00 6.77
CA THR A 272 -16.14 16.62 8.16
C THR A 272 -14.83 17.18 8.71
N THR A 273 -13.75 17.07 7.94
CA THR A 273 -12.47 17.55 8.44
C THR A 273 -12.42 19.07 8.49
N ILE A 274 -13.12 19.76 7.58
CA ILE A 274 -13.17 21.21 7.64
C ILE A 274 -13.93 21.67 8.89
N MET A 275 -15.06 21.03 9.17
CA MET A 275 -15.79 21.35 10.39
C MET A 275 -14.95 21.06 11.62
N ARG A 276 -14.25 19.92 11.62
CA ARG A 276 -13.40 19.57 12.76
C ARG A 276 -12.30 20.59 12.94
N LEU A 277 -11.71 21.08 11.85
CA LEU A 277 -10.67 22.11 11.95
C LEU A 277 -11.24 23.41 12.51
N GLY A 278 -12.42 23.81 12.04
CA GLY A 278 -13.03 25.03 12.53
C GLY A 278 -13.28 24.98 14.03
N LYS A 279 -13.75 23.83 14.53
CA LYS A 279 -13.97 23.70 15.97
C LYS A 279 -12.66 23.53 16.74
N ALA A 280 -11.69 22.83 16.16
CA ALA A 280 -10.44 22.53 16.88
C ALA A 280 -9.57 23.78 17.03
N LYS A 281 -9.66 24.72 16.09
CA LYS A 281 -8.96 25.98 16.28
C LYS A 281 -9.45 26.69 17.52
N GLY A 282 -10.76 26.70 17.74
CA GLY A 282 -11.30 27.33 18.93
C GLY A 282 -10.97 26.57 20.21
N VAL A 283 -11.07 25.24 20.16
CA VAL A 283 -10.95 24.47 21.39
C VAL A 283 -9.54 24.52 21.97
N LEU A 284 -8.51 24.57 21.12
CA LEU A 284 -7.13 24.47 21.57
C LEU A 284 -6.41 25.81 21.65
N ASN A 285 -7.13 26.92 21.46
CA ASN A 285 -6.54 28.26 21.49
C ASN A 285 -5.47 28.41 20.40
N GLY A 286 -5.87 28.12 19.16
CA GLY A 286 -4.97 28.27 18.04
C GLY A 286 -5.02 29.66 17.45
N ASN A 287 -4.11 29.91 16.49
CA ASN A 287 -4.04 31.21 15.86
C ASN A 287 -3.82 31.13 14.35
N LEU A 288 -3.85 29.93 13.76
CA LEU A 288 -3.70 29.80 12.32
C LEU A 288 -4.33 28.49 11.87
N ALA A 289 -5.10 28.54 10.79
CA ALA A 289 -5.74 27.36 10.23
C ALA A 289 -6.11 27.64 8.79
N LYS A 290 -5.49 26.92 7.85
CA LYS A 290 -5.76 27.10 6.44
C LYS A 290 -5.96 25.74 5.79
N ALA A 291 -6.81 25.70 4.76
CA ALA A 291 -7.15 24.46 4.08
C ALA A 291 -7.11 24.67 2.57
N TYR A 292 -6.59 23.66 1.86
CA TYR A 292 -6.57 23.64 0.41
C TYR A 292 -7.19 22.35 -0.08
N VAL A 293 -8.04 22.46 -1.09
CA VAL A 293 -8.85 21.34 -1.58
C VAL A 293 -8.67 21.21 -3.08
N ILE A 294 -8.40 20.00 -3.54
CA ILE A 294 -8.44 19.65 -4.96
C ILE A 294 -9.51 18.58 -5.12
N ASN A 295 -10.48 18.86 -5.99
CA ASN A 295 -11.64 17.99 -6.17
C ASN A 295 -11.85 17.77 -7.66
N ASN A 296 -11.55 16.56 -8.14
CA ASN A 296 -11.73 16.21 -9.54
C ASN A 296 -12.89 15.24 -9.76
N GLU A 297 -13.38 14.59 -8.72
CA GLU A 297 -14.45 13.60 -8.85
C GLU A 297 -15.83 14.17 -8.61
N GLY A 298 -15.94 15.35 -8.01
CA GLY A 298 -17.23 15.99 -7.85
C GLY A 298 -18.01 15.55 -6.62
N ILE A 299 -17.41 15.70 -5.44
CA ILE A 299 -18.06 15.38 -4.18
C ILE A 299 -18.22 16.67 -3.37
N GLU A 300 -19.01 16.59 -2.32
CA GLU A 300 -19.28 17.75 -1.49
C GLU A 300 -18.00 18.20 -0.78
N VAL A 301 -17.77 19.52 -0.77
CA VAL A 301 -16.55 20.09 -0.21
C VAL A 301 -16.87 20.93 1.01
N GLY A 302 -17.71 21.94 0.82
CA GLY A 302 -18.04 22.86 1.89
C GLY A 302 -18.06 24.30 1.42
N GLU A 303 -17.79 25.24 2.33
CA GLU A 303 -17.77 26.66 2.00
C GLU A 303 -16.59 27.33 2.69
N GLY A 304 -16.12 28.42 2.09
CA GLY A 304 -15.03 29.18 2.66
C GLY A 304 -13.71 28.45 2.71
N VAL A 305 -13.39 27.70 1.67
CA VAL A 305 -12.12 26.97 1.57
C VAL A 305 -11.58 27.17 0.15
N THR A 306 -10.28 27.42 0.06
CA THR A 306 -9.65 27.66 -1.23
C THR A 306 -9.72 26.42 -2.12
N VAL A 307 -10.02 26.64 -3.40
CA VAL A 307 -10.10 25.57 -4.38
C VAL A 307 -8.98 25.76 -5.38
N LEU A 308 -8.11 24.76 -5.51
CA LEU A 308 -6.98 24.80 -6.42
C LEU A 308 -7.28 23.99 -7.67
N SER A 309 -6.27 23.85 -8.51
CA SER A 309 -6.41 23.09 -9.76
C SER A 309 -5.36 22.00 -9.93
N THR A 310 -4.13 22.24 -9.47
CA THR A 310 -3.05 21.28 -9.65
C THR A 310 -2.26 21.11 -8.36
N VAL A 311 -1.11 20.46 -8.44
CA VAL A 311 -0.27 20.19 -7.26
C VAL A 311 0.82 21.24 -7.16
N GLU A 312 1.32 21.71 -8.31
CA GLU A 312 2.34 22.74 -8.30
C GLU A 312 1.83 24.01 -7.64
N ASP A 313 0.54 24.33 -7.84
CA ASP A 313 -0.06 25.45 -7.13
C ASP A 313 0.00 25.24 -5.63
N LEU A 314 -0.31 24.04 -5.17
CA LEU A 314 -0.24 23.74 -3.75
C LEU A 314 1.17 23.88 -3.22
N VAL A 315 2.16 23.43 -3.99
CA VAL A 315 3.55 23.54 -3.57
C VAL A 315 3.96 25.00 -3.44
N VAL A 316 3.57 25.84 -4.41
CA VAL A 316 3.90 27.25 -4.36
C VAL A 316 3.23 27.90 -3.15
N LYS A 317 1.95 27.60 -2.92
CA LYS A 317 1.24 28.20 -1.79
C LYS A 317 1.84 27.76 -0.47
N LEU A 318 2.24 26.49 -0.36
CA LEU A 318 2.92 26.03 0.85
C LEU A 318 4.24 26.73 1.05
N GLU A 319 4.99 26.96 -0.03
CA GLU A 319 6.26 27.66 0.10
C GLU A 319 6.06 29.10 0.56
N GLU A 320 5.04 29.77 0.02
CA GLU A 320 4.85 31.19 0.32
C GLU A 320 4.62 31.44 1.80
N GLU A 321 3.74 30.67 2.42
CA GLU A 321 3.42 30.86 3.83
C GLU A 321 4.52 30.31 4.72
N MET B 1 14.81 14.92 -20.83
CA MET B 1 14.01 13.71 -20.98
C MET B 1 12.89 13.91 -21.98
N ILE B 2 12.55 12.85 -22.71
CA ILE B 2 11.49 12.86 -23.70
C ILE B 2 10.37 11.96 -23.20
N SER B 3 9.24 12.55 -22.85
CA SER B 3 8.08 11.80 -22.42
C SER B 3 6.95 11.97 -23.43
N GLY B 4 5.95 11.09 -23.34
CA GLY B 4 4.85 11.22 -24.28
C GLY B 4 3.68 10.32 -23.91
N SER B 5 2.54 10.65 -24.51
CA SER B 5 1.33 9.85 -24.41
C SER B 5 0.72 9.71 -25.80
N VAL B 6 0.18 8.52 -26.08
CA VAL B 6 -0.28 8.14 -27.42
C VAL B 6 -1.64 7.46 -27.29
N ARG B 7 -2.53 7.76 -28.22
CA ARG B 7 -3.84 7.13 -28.31
C ARG B 7 -3.96 6.42 -29.64
N PHE B 8 -4.43 5.17 -29.60
CA PHE B 8 -4.52 4.31 -30.78
C PHE B 8 -5.93 3.78 -30.96
N LEU B 9 -6.24 3.35 -32.18
CA LEU B 9 -7.52 2.71 -32.51
C LEU B 9 -7.22 1.47 -33.34
N VAL B 10 -7.56 0.29 -32.82
CA VAL B 10 -7.22 -0.97 -33.46
C VAL B 10 -8.47 -1.83 -33.55
N ASN B 11 -8.66 -2.50 -34.68
CA ASN B 11 -9.85 -3.30 -34.93
C ASN B 11 -9.48 -4.69 -35.42
N LEU B 12 -10.28 -5.69 -35.02
CA LEU B 12 -10.14 -7.08 -35.46
C LEU B 12 -8.71 -7.57 -35.24
N GLU B 13 -8.40 -7.69 -33.96
CA GLU B 13 -7.04 -7.70 -33.44
C GLU B 13 -6.77 -8.90 -32.54
N SER B 14 -5.57 -9.45 -32.67
CA SER B 14 -5.03 -10.36 -31.66
C SER B 14 -3.50 -10.28 -31.74
N LEU B 15 -2.90 -9.44 -30.89
CA LEU B 15 -1.46 -9.29 -30.89
C LEU B 15 -0.78 -10.00 -29.73
N ASN B 16 -1.47 -10.17 -28.61
CA ASN B 16 -0.92 -10.82 -27.43
C ASN B 16 -1.81 -12.00 -27.05
N GLY B 17 -1.18 -13.14 -26.77
CA GLY B 17 -1.90 -14.34 -26.40
C GLY B 17 -1.43 -14.89 -25.06
N VAL B 18 -2.12 -15.94 -24.63
CA VAL B 18 -1.86 -16.60 -23.36
C VAL B 18 -2.15 -18.09 -23.56
N GLU B 19 -1.93 -18.87 -22.50
CA GLU B 19 -2.08 -20.32 -22.59
C GLU B 19 -3.46 -20.70 -23.11
N SER B 20 -3.49 -21.70 -23.99
CA SER B 20 -4.71 -22.11 -24.67
C SER B 20 -5.48 -23.14 -23.86
N ILE B 21 -6.79 -23.16 -24.09
CA ILE B 21 -7.69 -24.12 -23.45
C ILE B 21 -8.41 -24.88 -24.56
N GLY B 22 -8.18 -26.19 -24.63
CA GLY B 22 -8.77 -26.98 -25.69
C GLY B 22 -8.26 -26.52 -27.05
N ASN B 23 -9.20 -26.25 -27.97
CA ASN B 23 -8.88 -25.70 -29.27
C ASN B 23 -9.15 -24.20 -29.35
N LEU B 24 -8.94 -23.49 -28.25
CA LEU B 24 -9.21 -22.06 -28.16
C LEU B 24 -7.95 -21.33 -27.76
N THR B 25 -7.61 -20.27 -28.50
CA THR B 25 -6.49 -19.40 -28.18
C THR B 25 -7.03 -18.15 -27.51
N LYS B 26 -6.54 -17.85 -26.32
CA LYS B 26 -7.10 -16.80 -25.48
C LYS B 26 -6.31 -15.51 -25.63
N HIS B 27 -7.04 -14.40 -25.78
CA HIS B 27 -6.47 -13.06 -25.76
C HIS B 27 -6.31 -12.62 -24.31
N ARG B 28 -5.23 -11.88 -24.04
CA ARG B 28 -4.96 -11.42 -22.69
C ARG B 28 -6.08 -10.51 -22.19
N THR B 29 -6.51 -10.73 -20.96
CA THR B 29 -7.53 -9.92 -20.31
C THR B 29 -7.08 -9.56 -18.90
N ALA B 30 -7.59 -8.44 -18.41
CA ALA B 30 -7.18 -7.94 -17.10
C ALA B 30 -8.33 -7.18 -16.44
N PRO B 31 -8.32 -7.09 -15.11
CA PRO B 31 -9.34 -6.31 -14.41
C PRO B 31 -8.94 -4.85 -14.28
N VAL B 32 -9.94 -3.98 -14.42
CA VAL B 32 -9.76 -2.54 -14.30
C VAL B 32 -10.86 -1.98 -13.40
N VAL B 33 -10.49 -0.93 -12.66
CA VAL B 33 -11.41 -0.22 -11.77
C VAL B 33 -11.83 1.07 -12.46
N LEU B 34 -13.14 1.28 -12.57
CA LEU B 34 -13.67 2.40 -13.33
C LEU B 34 -14.67 3.16 -12.46
N LYS B 35 -14.79 4.46 -12.71
CA LYS B 35 -15.71 5.32 -11.97
C LYS B 35 -16.87 5.73 -12.86
N THR B 36 -18.08 5.35 -12.48
CA THR B 36 -19.30 5.74 -13.16
C THR B 36 -20.04 6.79 -12.33
N SER B 37 -21.21 7.17 -12.81
CA SER B 37 -22.07 8.07 -12.03
C SER B 37 -22.54 7.41 -10.75
N THR B 38 -22.81 6.10 -10.79
CA THR B 38 -23.32 5.37 -9.64
C THR B 38 -22.24 4.99 -8.64
N GLY B 39 -20.97 5.10 -9.01
CA GLY B 39 -19.90 4.75 -8.10
C GLY B 39 -18.69 4.16 -8.77
N TYR B 40 -18.17 3.06 -8.21
CA TYR B 40 -16.96 2.42 -8.70
C TYR B 40 -17.25 0.97 -9.03
N LEU B 41 -16.74 0.50 -10.17
CA LEU B 41 -17.01 -0.83 -10.67
C LEU B 41 -15.71 -1.50 -11.08
N VAL B 42 -15.77 -2.83 -11.20
CA VAL B 42 -14.66 -3.65 -11.64
C VAL B 42 -15.07 -4.37 -12.91
N ARG B 43 -14.21 -4.34 -13.92
CA ARG B 43 -14.52 -4.97 -15.20
C ARG B 43 -13.32 -5.76 -15.70
N TYR B 44 -13.58 -6.72 -16.58
CA TYR B 44 -12.55 -7.51 -17.23
C TYR B 44 -12.49 -7.14 -18.70
N VAL B 45 -11.34 -6.62 -19.13
CA VAL B 45 -11.21 -6.04 -20.47
C VAL B 45 -9.95 -6.58 -21.13
N PRO B 46 -9.93 -6.78 -22.45
CA PRO B 46 -8.70 -7.20 -23.12
C PRO B 46 -7.63 -6.12 -23.06
N VAL B 47 -6.38 -6.55 -22.95
CA VAL B 47 -5.22 -5.65 -22.90
C VAL B 47 -4.12 -6.23 -23.79
N ILE B 48 -3.04 -5.46 -23.93
CA ILE B 48 -1.83 -5.90 -24.61
C ILE B 48 -0.65 -5.57 -23.70
N SER B 49 0.20 -6.56 -23.45
CA SER B 49 1.24 -6.40 -22.45
C SER B 49 2.29 -5.40 -22.89
N GLY B 50 3.20 -5.09 -21.97
CA GLY B 50 4.27 -4.14 -22.18
C GLY B 50 5.59 -4.72 -22.57
N GLU B 51 5.66 -6.03 -22.82
CA GLU B 51 6.94 -6.63 -23.20
C GLU B 51 7.01 -6.93 -24.69
N ALA B 52 5.87 -6.98 -25.38
CA ALA B 52 5.90 -6.99 -26.83
C ALA B 52 6.45 -5.69 -27.38
N LEU B 53 6.05 -4.57 -26.78
CA LEU B 53 6.52 -3.26 -27.23
C LEU B 53 8.03 -3.13 -27.03
N ALA B 54 8.54 -3.59 -25.90
CA ALA B 54 9.97 -3.54 -25.65
C ALA B 54 10.73 -4.39 -26.66
N HIS B 55 10.19 -5.57 -26.98
CA HIS B 55 10.84 -6.44 -27.95
C HIS B 55 10.90 -5.80 -29.32
N ALA B 56 9.80 -5.19 -29.76
CA ALA B 56 9.80 -4.51 -31.05
C ALA B 56 10.79 -3.35 -31.07
N TYR B 57 10.81 -2.56 -30.00
CA TYR B 57 11.74 -1.44 -29.92
C TYR B 57 13.19 -1.92 -29.99
N GLN B 58 13.52 -2.97 -29.25
CA GLN B 58 14.90 -3.44 -29.25
C GLN B 58 15.28 -4.06 -30.58
N ALA B 59 14.33 -4.71 -31.26
CA ALA B 59 14.62 -5.25 -32.59
C ALA B 59 14.91 -4.13 -33.58
N SER B 60 14.09 -3.07 -33.57
CA SER B 60 14.35 -1.94 -34.46
C SER B 60 15.68 -1.28 -34.13
N LEU B 61 16.00 -1.17 -32.83
CA LEU B 61 17.28 -0.60 -32.44
C LEU B 61 18.44 -1.44 -32.95
N VAL B 62 18.33 -2.77 -32.87
CA VAL B 62 19.38 -3.64 -33.40
C VAL B 62 19.56 -3.40 -34.89
N ASP B 63 18.45 -3.36 -35.63
CA ASP B 63 18.54 -3.14 -37.07
C ASP B 63 19.26 -1.83 -37.38
N ILE B 64 18.85 -0.73 -36.72
CA ILE B 64 19.44 0.57 -37.00
C ILE B 64 20.91 0.61 -36.58
N ALA B 65 21.23 0.02 -35.43
CA ALA B 65 22.60 0.03 -34.96
C ALA B 65 23.53 -0.71 -35.91
N LYS B 66 23.09 -1.86 -36.42
CA LYS B 66 23.91 -2.57 -37.41
C LYS B 66 23.98 -1.79 -38.72
N LYS B 67 22.89 -1.11 -39.09
CA LYS B 67 22.90 -0.34 -40.33
C LYS B 67 23.89 0.81 -40.29
N GLU B 68 24.00 1.49 -39.15
CA GLU B 68 24.83 2.69 -39.06
C GLU B 68 26.21 2.42 -38.48
N GLY B 69 26.60 1.17 -38.27
CA GLY B 69 27.96 0.84 -37.90
C GLY B 69 28.24 0.69 -36.43
N LEU B 70 27.25 0.87 -35.56
CA LEU B 70 27.47 0.68 -34.14
C LEU B 70 27.63 -0.81 -33.82
N PRO B 71 28.38 -1.14 -32.77
CA PRO B 71 28.57 -2.56 -32.42
C PRO B 71 27.28 -3.21 -31.95
N VAL B 72 27.17 -4.51 -32.22
CA VAL B 72 26.02 -5.32 -31.82
C VAL B 72 26.55 -6.65 -31.30
N GLY B 73 25.98 -7.11 -30.19
CA GLY B 73 26.45 -8.35 -29.59
C GLY B 73 26.17 -9.56 -30.46
N SER B 74 26.77 -10.69 -30.06
CA SER B 74 26.65 -11.91 -30.85
C SER B 74 25.25 -12.49 -30.77
N LEU B 75 24.81 -12.85 -29.57
CA LEU B 75 23.48 -13.43 -29.40
C LEU B 75 22.40 -12.43 -29.78
N SER B 76 22.56 -11.16 -29.39
CA SER B 76 21.56 -10.16 -29.73
C SER B 76 21.56 -9.80 -31.21
N SER B 77 22.57 -10.24 -31.96
CA SER B 77 22.51 -10.12 -33.42
C SER B 77 21.35 -10.94 -33.97
N GLN B 78 21.18 -12.16 -33.45
CA GLN B 78 19.91 -12.84 -33.56
C GLN B 78 18.92 -12.16 -32.62
N TYR B 79 17.64 -12.16 -33.02
CA TYR B 79 16.63 -11.43 -32.26
C TYR B 79 16.25 -12.24 -31.02
N GLU B 80 17.24 -12.44 -30.16
CA GLU B 80 17.08 -13.17 -28.90
C GLU B 80 17.71 -12.31 -27.81
N PHE B 81 16.89 -11.60 -27.06
CA PHE B 81 17.38 -10.63 -26.09
C PHE B 81 17.55 -11.23 -24.69
N ILE B 82 18.28 -12.34 -24.62
CA ILE B 82 18.72 -12.82 -23.31
C ILE B 82 19.76 -11.89 -22.71
N LYS B 83 20.43 -11.09 -23.54
CA LYS B 83 21.45 -10.15 -23.11
C LYS B 83 22.59 -10.87 -22.40
N PHE B 84 22.78 -10.62 -21.11
CA PHE B 84 23.90 -11.22 -20.41
C PHE B 84 23.48 -11.79 -19.06
N SER B 85 22.25 -12.33 -18.98
CA SER B 85 21.74 -12.81 -17.71
C SER B 85 22.45 -14.09 -17.27
N THR B 86 22.61 -15.05 -18.16
CA THR B 86 23.15 -16.35 -17.82
C THR B 86 24.63 -16.45 -18.22
N ASP B 87 25.30 -17.47 -17.69
CA ASP B 87 26.72 -17.66 -17.98
C ASP B 87 26.95 -18.16 -19.40
N GLU B 88 25.95 -18.78 -20.02
CA GLU B 88 26.11 -19.26 -21.38
C GLU B 88 26.23 -18.11 -22.37
N ALA B 89 25.44 -17.05 -22.16
CA ALA B 89 25.57 -15.86 -23.00
C ALA B 89 26.95 -15.24 -22.85
N LEU B 90 27.46 -15.18 -21.61
CA LEU B 90 28.81 -14.65 -21.39
C LEU B 90 29.85 -15.49 -22.10
N LYS B 91 29.71 -16.82 -22.04
CA LYS B 91 30.68 -17.68 -22.71
C LYS B 91 30.62 -17.51 -24.23
N ILE B 92 29.41 -17.36 -24.78
CA ILE B 92 29.29 -17.18 -26.22
C ILE B 92 29.90 -15.85 -26.65
N GLU B 93 29.56 -14.77 -25.95
CA GLU B 93 30.01 -13.44 -26.37
C GLU B 93 31.51 -13.25 -26.12
N GLY B 94 32.03 -13.85 -25.05
CA GLY B 94 33.45 -13.77 -24.77
C GLY B 94 33.82 -12.68 -23.79
N ILE B 95 33.07 -12.58 -22.69
CA ILE B 95 33.31 -11.60 -21.64
C ILE B 95 33.45 -12.32 -20.32
N LYS B 96 34.54 -12.02 -19.60
CA LYS B 96 34.77 -12.64 -18.31
C LYS B 96 33.80 -12.10 -17.27
N GLU B 97 33.51 -12.94 -16.27
CA GLU B 97 32.62 -12.54 -15.20
C GLU B 97 33.33 -11.57 -14.26
N PRO B 98 32.58 -10.68 -13.61
CA PRO B 98 33.19 -9.80 -12.62
C PRO B 98 33.76 -10.59 -11.44
N LYS B 99 34.89 -10.13 -10.92
CA LYS B 99 35.53 -10.77 -9.78
C LYS B 99 34.98 -10.24 -8.46
N ASP B 100 35.07 -8.93 -8.25
CA ASP B 100 34.61 -8.30 -7.02
C ASP B 100 33.71 -7.11 -7.33
N TYR B 101 33.34 -6.35 -6.30
CA TYR B 101 32.60 -5.11 -6.54
C TYR B 101 33.45 -4.10 -7.30
N ASN B 102 34.73 -4.00 -6.94
CA ASN B 102 35.61 -3.02 -7.58
C ASN B 102 35.73 -3.26 -9.08
N ASP B 103 35.83 -4.52 -9.49
CA ASP B 103 35.91 -4.86 -10.91
C ASP B 103 34.58 -4.62 -11.63
N ALA B 104 33.48 -4.48 -10.88
CA ALA B 104 32.16 -4.44 -11.49
C ALA B 104 32.08 -3.39 -12.60
N ARG B 105 32.54 -2.17 -12.31
CA ARG B 105 32.52 -1.09 -13.27
C ARG B 105 33.12 -1.52 -14.60
N ARG B 106 34.33 -2.10 -14.53
CA ARG B 106 35.01 -2.55 -15.74
C ARG B 106 34.08 -3.42 -16.57
N PHE B 107 33.50 -4.43 -15.94
CA PHE B 107 32.63 -5.37 -16.67
C PHE B 107 31.58 -4.60 -17.44
N GLU B 108 30.88 -3.69 -16.77
CA GLU B 108 29.79 -2.98 -17.44
C GLU B 108 30.31 -2.29 -18.67
N VAL B 109 31.43 -1.56 -18.53
CA VAL B 109 31.97 -0.81 -19.66
C VAL B 109 32.26 -1.75 -20.81
N GLU B 110 32.89 -2.90 -20.51
CA GLU B 110 33.15 -3.88 -21.55
C GLU B 110 31.87 -4.27 -22.26
N VAL B 111 30.86 -4.69 -21.48
CA VAL B 111 29.57 -5.01 -22.07
C VAL B 111 29.03 -3.81 -22.82
N MET B 112 29.19 -2.62 -22.23
CA MET B 112 28.64 -1.41 -22.82
C MET B 112 29.28 -1.09 -24.16
N LEU B 113 30.44 -1.69 -24.46
CA LEU B 113 31.11 -1.47 -25.73
C LEU B 113 30.80 -2.53 -26.77
N LYS B 114 30.14 -3.62 -26.40
CA LYS B 114 29.89 -4.69 -27.35
C LYS B 114 28.48 -4.71 -27.91
N ASP B 115 27.48 -4.23 -27.16
CA ASP B 115 26.11 -4.21 -27.65
C ASP B 115 25.45 -2.91 -27.22
N VAL B 116 24.80 -2.24 -28.17
CA VAL B 116 24.01 -1.07 -27.84
C VAL B 116 22.79 -1.46 -27.01
N ILE B 117 22.24 -2.66 -27.24
CA ILE B 117 21.04 -3.09 -26.53
C ILE B 117 21.30 -3.17 -25.04
N ALA B 118 22.43 -3.74 -24.63
CA ALA B 118 22.75 -3.80 -23.22
C ALA B 118 22.95 -2.43 -22.61
N ASP B 119 23.13 -1.40 -23.44
CA ASP B 119 23.24 -0.03 -22.95
C ASP B 119 21.87 0.65 -22.83
N VAL B 120 21.15 0.76 -23.95
CA VAL B 120 19.89 1.47 -23.94
C VAL B 120 18.83 0.71 -23.16
N GLY B 121 18.77 -0.60 -23.36
CA GLY B 121 17.74 -1.41 -22.73
C GLY B 121 18.04 -1.91 -21.35
N GLY B 122 19.24 -1.68 -20.83
CA GLY B 122 19.60 -2.16 -19.51
C GLY B 122 19.71 -3.68 -19.43
N PHE B 123 20.32 -4.17 -18.36
CA PHE B 123 20.54 -5.61 -18.24
C PHE B 123 20.73 -5.95 -16.77
N MET B 124 20.86 -7.25 -16.51
CA MET B 124 21.05 -7.77 -15.16
C MET B 124 21.88 -9.02 -15.20
N TYR B 125 22.90 -9.09 -14.34
CA TYR B 125 23.67 -10.31 -14.13
C TYR B 125 23.69 -10.62 -12.65
N ALA B 126 23.33 -11.85 -12.31
CA ALA B 126 23.19 -12.27 -10.92
C ALA B 126 24.26 -13.30 -10.58
N GLY B 127 24.97 -13.06 -9.49
CA GLY B 127 26.02 -13.97 -9.05
C GLY B 127 26.74 -13.49 -7.81
N GLY B 128 28.06 -13.69 -7.78
CA GLY B 128 28.83 -13.22 -6.63
C GLY B 128 28.83 -11.71 -6.51
N ALA B 129 28.91 -11.02 -7.63
CA ALA B 129 28.87 -9.55 -7.67
C ALA B 129 27.79 -9.15 -8.66
N PRO B 130 26.53 -9.12 -8.24
CA PRO B 130 25.44 -8.78 -9.16
C PRO B 130 25.61 -7.40 -9.74
N VAL B 131 25.28 -7.26 -11.02
CA VAL B 131 25.39 -5.99 -11.74
C VAL B 131 24.05 -5.69 -12.38
N ARG B 132 23.55 -4.49 -12.15
CA ARG B 132 22.24 -4.08 -12.64
C ARG B 132 22.37 -2.82 -13.48
N ARG B 133 21.46 -2.67 -14.43
CA ARG B 133 21.38 -1.43 -15.21
C ARG B 133 19.96 -1.27 -15.70
N THR B 134 19.24 -0.31 -15.12
CA THR B 134 17.84 -0.09 -15.44
C THR B 134 17.68 0.39 -16.88
N SER B 135 16.62 -0.07 -17.53
CA SER B 135 16.34 0.33 -18.90
C SER B 135 16.17 1.83 -19.00
N ARG B 136 16.66 2.40 -20.10
CA ARG B 136 16.53 3.83 -20.35
C ARG B 136 15.21 4.19 -21.03
N ILE B 137 14.41 3.21 -21.42
CA ILE B 137 13.08 3.43 -21.96
C ILE B 137 12.08 2.69 -21.08
N LYS B 138 11.01 3.37 -20.70
CA LYS B 138 10.01 2.81 -19.80
C LYS B 138 8.66 2.79 -20.52
N LEU B 139 8.01 1.63 -20.50
CA LEU B 139 6.75 1.42 -21.19
C LEU B 139 5.73 0.82 -20.24
N GLY B 140 4.46 0.89 -20.65
CA GLY B 140 3.37 0.36 -19.85
C GLY B 140 2.41 -0.44 -20.70
N TYR B 141 1.45 -1.07 -20.04
CA TYR B 141 0.45 -1.87 -20.72
C TYR B 141 -0.37 -1.02 -21.68
N MET B 142 -1.02 -1.67 -22.63
CA MET B 142 -1.91 -1.00 -23.56
C MET B 142 -3.34 -1.26 -23.10
N ILE B 143 -3.93 -0.29 -22.39
CA ILE B 143 -5.26 -0.41 -21.84
C ILE B 143 -6.22 0.43 -22.67
N PRO B 144 -7.45 -0.02 -22.90
CA PRO B 144 -8.44 0.86 -23.53
C PRO B 144 -8.74 2.06 -22.66
N ALA B 145 -9.11 3.16 -23.31
CA ALA B 145 -9.35 4.40 -22.58
C ALA B 145 -10.54 4.26 -21.64
N LEU B 146 -10.32 4.61 -20.36
CA LEU B 146 -11.38 4.57 -19.37
C LEU B 146 -12.15 5.88 -19.35
N ARG B 147 -12.90 6.10 -20.44
CA ARG B 147 -13.65 7.33 -20.64
C ARG B 147 -15.13 7.06 -20.47
N GLY B 148 -15.81 7.95 -19.74
CA GLY B 148 -17.24 7.80 -19.55
C GLY B 148 -17.58 6.59 -18.68
N ASP B 149 -18.78 6.05 -18.92
CA ASP B 149 -19.27 4.90 -18.16
C ASP B 149 -19.21 3.59 -18.92
N GLU B 150 -19.12 3.63 -20.24
CA GLU B 150 -19.05 2.43 -21.07
C GLU B 150 -17.65 2.31 -21.68
N ILE B 151 -16.99 1.20 -21.42
CA ILE B 151 -15.65 0.96 -21.95
C ILE B 151 -15.76 0.72 -23.46
N PRO B 152 -14.97 1.41 -24.28
CA PRO B 152 -15.02 1.19 -25.73
C PRO B 152 -14.16 0.01 -26.16
N ALA B 153 -14.59 -1.19 -25.79
CA ALA B 153 -13.85 -2.41 -26.09
C ALA B 153 -14.82 -3.58 -26.24
N GLN B 154 -14.36 -4.63 -26.91
CA GLN B 154 -15.14 -5.84 -27.10
C GLN B 154 -14.19 -6.99 -27.40
N LEU B 155 -14.61 -8.20 -27.01
CA LEU B 155 -13.83 -9.40 -27.23
C LEU B 155 -14.76 -10.55 -27.60
N GLU B 156 -14.36 -11.36 -28.58
CA GLU B 156 -15.18 -12.48 -29.02
C GLU B 156 -14.26 -13.60 -29.48
N ALA B 157 -14.86 -14.72 -29.90
CA ALA B 157 -14.13 -15.86 -30.43
C ALA B 157 -14.65 -16.19 -31.82
N GLN B 158 -13.74 -16.64 -32.68
CA GLN B 158 -14.04 -16.94 -34.07
C GLN B 158 -13.61 -18.36 -34.39
N PHE B 159 -14.28 -18.95 -35.37
CA PHE B 159 -14.25 -20.37 -35.66
C PHE B 159 -13.58 -20.60 -37.00
N HIS B 160 -12.53 -21.45 -37.03
CA HIS B 160 -11.76 -21.69 -38.23
C HIS B 160 -11.58 -23.18 -38.46
N VAL B 161 -11.43 -23.56 -39.73
CA VAL B 161 -11.43 -24.94 -40.17
C VAL B 161 -10.26 -25.19 -41.11
N ARG B 162 -9.59 -26.32 -40.94
CA ARG B 162 -8.61 -26.81 -41.91
C ARG B 162 -9.29 -27.81 -42.84
N PHE B 163 -8.99 -27.70 -44.13
CA PHE B 163 -9.66 -28.50 -45.16
C PHE B 163 -8.77 -29.67 -45.57
N SER B 164 -9.35 -30.86 -45.65
CA SER B 164 -8.64 -32.04 -46.06
C SER B 164 -9.59 -32.96 -46.84
N ASN B 165 -9.02 -33.78 -47.70
CA ASN B 165 -9.79 -34.69 -48.54
C ASN B 165 -10.06 -36.05 -47.90
N LYS B 166 -9.39 -36.36 -46.78
CA LYS B 166 -9.56 -37.63 -46.08
C LYS B 166 -9.81 -37.34 -44.61
N PRO B 167 -11.03 -36.97 -44.24
CA PRO B 167 -11.32 -36.70 -42.82
C PRO B 167 -11.10 -37.93 -41.97
N VAL B 168 -10.57 -37.71 -40.76
CA VAL B 168 -10.30 -38.79 -39.82
C VAL B 168 -10.73 -38.38 -38.43
N ALA B 173 -8.51 -30.13 -37.16
CA ALA B 173 -9.17 -29.58 -38.34
C ALA B 173 -10.10 -28.44 -37.97
N ILE B 174 -10.32 -28.25 -36.68
CA ILE B 174 -11.19 -27.22 -36.15
C ILE B 174 -10.49 -26.50 -35.01
N PHE B 175 -10.52 -25.17 -35.01
CA PHE B 175 -9.93 -24.40 -33.93
C PHE B 175 -10.64 -23.06 -33.80
N ASN B 176 -10.33 -22.36 -32.72
CA ASN B 176 -10.98 -21.10 -32.39
C ASN B 176 -9.94 -20.09 -31.94
N VAL B 177 -10.11 -18.84 -32.39
CA VAL B 177 -9.17 -17.75 -32.11
C VAL B 177 -9.94 -16.57 -31.55
N GLU B 178 -9.43 -15.98 -30.47
CA GLU B 178 -10.08 -14.82 -29.86
C GLU B 178 -9.64 -13.54 -30.54
N VAL B 179 -10.59 -12.63 -30.75
CA VAL B 179 -10.38 -11.39 -31.50
C VAL B 179 -10.97 -10.24 -30.69
N SER B 180 -10.26 -9.11 -30.65
CA SER B 180 -10.64 -7.96 -29.84
C SER B 180 -10.61 -6.68 -30.66
N SER B 181 -11.31 -5.67 -30.17
CA SER B 181 -11.31 -4.32 -30.73
C SER B 181 -11.36 -3.33 -29.58
N ALA B 182 -10.47 -2.32 -29.62
CA ALA B 182 -10.35 -1.42 -28.49
C ALA B 182 -9.77 -0.09 -28.96
N LEU B 183 -9.81 0.90 -28.06
CA LEU B 183 -9.21 2.20 -28.25
C LEU B 183 -8.04 2.28 -27.27
N TYR B 184 -6.88 1.80 -27.70
CA TYR B 184 -5.74 1.64 -26.82
C TYR B 184 -5.03 2.96 -26.57
N THR B 185 -4.51 3.10 -25.35
CA THR B 185 -3.76 4.28 -24.94
C THR B 185 -2.53 3.83 -24.17
N PHE B 186 -1.41 4.51 -24.38
CA PHE B 186 -0.24 4.19 -23.58
C PHE B 186 0.73 5.36 -23.57
N SER B 187 1.55 5.43 -22.52
CA SER B 187 2.52 6.49 -22.34
C SER B 187 3.92 5.90 -22.26
N PHE B 188 4.91 6.73 -22.57
CA PHE B 188 6.29 6.28 -22.61
C PHE B 188 7.21 7.40 -22.14
N GLU B 189 8.45 7.02 -21.84
CA GLU B 189 9.44 7.91 -21.26
C GLU B 189 10.82 7.41 -21.63
N LEU B 190 11.69 8.33 -22.04
CA LEU B 190 13.05 7.99 -22.44
C LEU B 190 13.97 9.14 -22.04
N ASP B 191 14.92 8.85 -21.15
CA ASP B 191 15.86 9.85 -20.65
C ASP B 191 17.17 9.69 -21.43
N GLU B 192 17.34 10.50 -22.47
CA GLU B 192 18.52 10.41 -23.32
C GLU B 192 19.77 11.00 -22.66
N ASP B 193 19.65 11.67 -21.53
CA ASP B 193 20.81 12.28 -20.89
C ASP B 193 21.73 11.25 -20.27
N LEU B 194 21.25 10.04 -20.00
CA LEU B 194 22.04 9.01 -19.34
C LEU B 194 22.48 7.90 -20.29
N ILE B 195 22.22 8.04 -21.58
CA ILE B 195 22.65 7.04 -22.56
C ILE B 195 24.17 7.11 -22.71
N ALA B 196 24.80 5.94 -22.76
CA ALA B 196 26.25 5.82 -22.93
C ALA B 196 27.00 6.48 -21.78
N VAL B 197 26.46 6.36 -20.57
CA VAL B 197 27.12 6.82 -19.36
C VAL B 197 27.06 5.68 -18.34
N PRO B 198 28.19 5.25 -17.78
CA PRO B 198 28.15 4.18 -16.78
C PRO B 198 27.30 4.57 -15.58
N SER B 199 26.57 3.58 -15.05
CA SER B 199 25.72 3.79 -13.89
C SER B 199 26.34 3.27 -12.60
N THR B 200 27.27 2.33 -12.68
CA THR B 200 27.98 1.87 -11.49
C THR B 200 28.92 2.95 -11.01
N PHE B 201 29.02 3.09 -9.69
CA PHE B 201 29.86 4.13 -9.10
C PHE B 201 31.24 3.56 -8.79
N GLY B 202 32.27 4.31 -9.14
CA GLY B 202 33.63 3.87 -8.93
C GLY B 202 34.67 4.80 -9.53
N GLU B 203 35.78 4.23 -9.98
CA GLU B 203 36.89 4.98 -10.56
C GLU B 203 36.88 4.84 -12.07
N LYS B 204 37.50 5.80 -12.74
CA LYS B 204 37.55 5.78 -14.20
C LYS B 204 38.34 4.58 -14.70
N VAL B 205 37.86 3.98 -15.78
CA VAL B 205 38.47 2.79 -16.36
C VAL B 205 38.71 3.06 -17.85
N LYS B 206 39.85 2.57 -18.35
CA LYS B 206 40.21 2.77 -19.75
C LYS B 206 39.12 2.23 -20.66
N GLY B 207 38.81 3.01 -21.70
CA GLY B 207 37.76 2.65 -22.64
C GLY B 207 36.55 3.56 -22.61
N GLU B 208 36.54 4.58 -21.76
CA GLU B 208 35.41 5.51 -21.68
C GLU B 208 35.52 6.66 -22.69
N GLU B 209 36.72 6.92 -23.22
CA GLU B 209 36.85 7.93 -24.27
C GLU B 209 36.10 7.51 -25.53
N GLU B 210 36.28 6.26 -25.95
CA GLU B 210 35.51 5.74 -27.07
C GLU B 210 34.02 5.77 -26.75
N LEU B 211 33.66 5.55 -25.49
CA LEU B 211 32.26 5.69 -25.09
C LEU B 211 31.75 7.10 -25.31
N GLU B 212 32.57 8.10 -24.97
CA GLU B 212 32.17 9.49 -25.13
C GLU B 212 32.06 9.87 -26.60
N ARG B 213 32.93 9.30 -27.45
CA ARG B 213 32.91 9.64 -28.87
C ARG B 213 31.60 9.23 -29.52
N GLN B 214 31.07 8.07 -29.17
CA GLN B 214 29.88 7.52 -29.81
C GLN B 214 28.58 8.00 -29.19
N LYS B 215 28.65 8.88 -28.17
CA LYS B 215 27.45 9.25 -27.44
C LYS B 215 26.41 9.88 -28.35
N ALA B 216 26.83 10.78 -29.24
CA ALA B 216 25.88 11.41 -30.15
C ALA B 216 25.24 10.38 -31.08
N LYS B 217 26.04 9.45 -31.60
CA LYS B 217 25.49 8.42 -32.48
C LYS B 217 24.51 7.52 -31.75
N ARG B 218 24.86 7.11 -30.52
CA ARG B 218 23.97 6.26 -29.75
C ARG B 218 22.66 6.97 -29.44
N VAL B 219 22.72 8.24 -29.04
CA VAL B 219 21.51 8.98 -28.74
C VAL B 219 20.66 9.14 -30.00
N LYS B 220 21.30 9.43 -31.13
CA LYS B 220 20.57 9.56 -32.38
C LYS B 220 19.85 8.27 -32.76
N SER B 221 20.54 7.14 -32.62
CA SER B 221 19.93 5.85 -32.94
C SER B 221 18.79 5.53 -31.99
N ALA B 222 18.97 5.80 -30.70
CA ALA B 222 17.91 5.52 -29.73
C ALA B 222 16.67 6.36 -30.04
N ILE B 223 16.86 7.63 -30.38
CA ILE B 223 15.72 8.48 -30.73
C ILE B 223 15.05 7.97 -32.00
N LYS B 224 15.85 7.59 -33.01
CA LYS B 224 15.28 7.09 -34.26
C LYS B 224 14.50 5.80 -34.04
N ALA B 225 14.87 5.01 -33.04
CA ALA B 225 14.21 3.73 -32.80
C ALA B 225 12.74 3.88 -32.45
N LEU B 226 12.33 5.01 -31.88
CA LEU B 226 10.95 5.18 -31.42
C LEU B 226 9.95 5.24 -32.57
N TYR B 227 10.42 5.40 -33.81
CA TYR B 227 9.50 5.41 -34.94
C TYR B 227 8.75 4.08 -35.05
N SER B 228 9.40 2.98 -34.68
CA SER B 228 8.74 1.68 -34.73
C SER B 228 7.54 1.64 -33.80
N LEU B 229 7.73 1.99 -32.53
CA LEU B 229 6.63 1.97 -31.57
C LEU B 229 5.55 2.99 -31.94
N LEU B 230 5.96 4.19 -32.36
CA LEU B 230 4.98 5.20 -32.73
C LEU B 230 4.26 4.89 -34.04
N SER B 231 4.77 3.95 -34.84
CA SER B 231 4.15 3.57 -36.09
C SER B 231 3.28 2.33 -35.99
N GLY B 232 3.54 1.45 -35.02
CA GLY B 232 2.73 0.26 -34.86
C GLY B 232 3.30 -1.00 -35.45
N ASN B 233 4.57 -1.28 -35.18
CA ASN B 233 5.22 -2.52 -35.62
C ASN B 233 5.59 -3.31 -34.37
N PHE B 234 4.64 -4.09 -33.86
CA PHE B 234 4.86 -4.93 -32.69
C PHE B 234 3.78 -6.00 -32.65
N GLY B 235 3.93 -6.94 -31.73
CA GLY B 235 2.94 -7.98 -31.54
C GLY B 235 3.14 -9.17 -32.45
N GLY B 236 2.23 -10.13 -32.31
CA GLY B 236 2.27 -11.36 -33.08
C GLY B 236 0.99 -11.62 -33.84
N LYS B 237 0.97 -12.78 -34.51
CA LYS B 237 -0.16 -13.20 -35.34
C LYS B 237 -0.49 -12.15 -36.39
N ARG B 238 0.54 -11.53 -36.95
CA ARG B 238 0.38 -10.52 -37.99
C ARG B 238 0.30 -11.13 -39.38
N SER B 239 0.50 -12.43 -39.51
CA SER B 239 0.48 -13.05 -40.83
C SER B 239 -0.94 -13.16 -41.39
N ARG B 240 -1.90 -13.50 -40.55
CA ARG B 240 -3.29 -13.60 -40.98
C ARG B 240 -4.23 -12.71 -40.18
N PHE B 241 -3.76 -12.06 -39.12
CA PHE B 241 -4.61 -11.18 -38.31
C PHE B 241 -4.04 -9.77 -38.28
N LEU B 242 -3.67 -9.25 -39.44
CA LEU B 242 -3.04 -7.93 -39.50
C LEU B 242 -4.02 -6.86 -39.02
N PRO B 243 -3.67 -6.10 -37.99
CA PRO B 243 -4.61 -5.12 -37.45
C PRO B 243 -4.68 -3.86 -38.31
N SER B 244 -5.80 -3.18 -38.20
CA SER B 244 -6.05 -1.91 -38.90
C SER B 244 -5.79 -0.77 -37.91
N MET B 245 -4.50 -0.48 -37.68
CA MET B 245 -4.15 0.52 -36.69
C MET B 245 -4.35 1.93 -37.25
N LYS B 246 -4.36 2.90 -36.33
CA LYS B 246 -4.60 4.29 -36.68
C LYS B 246 -4.22 5.16 -35.48
N LEU B 247 -3.66 6.33 -35.75
CA LEU B 247 -3.27 7.27 -34.71
C LEU B 247 -4.33 8.36 -34.58
N MET B 248 -4.64 8.75 -33.35
CA MET B 248 -5.65 9.77 -33.10
C MET B 248 -5.10 10.98 -32.37
N SER B 249 -4.36 10.78 -31.28
CA SER B 249 -3.85 11.89 -30.50
C SER B 249 -2.49 11.52 -29.92
N LEU B 250 -1.59 12.49 -29.90
CA LEU B 250 -0.23 12.24 -29.44
C LEU B 250 0.35 13.51 -28.85
N VAL B 251 0.99 13.39 -27.69
CA VAL B 251 1.67 14.52 -27.05
C VAL B 251 3.06 14.08 -26.64
N VAL B 252 4.07 14.87 -27.02
CA VAL B 252 5.46 14.60 -26.63
C VAL B 252 6.03 15.85 -25.98
N THR B 253 6.68 15.67 -24.83
CA THR B 253 7.27 16.76 -24.07
C THR B 253 8.76 16.52 -23.91
N LYS B 254 9.55 17.57 -24.12
CA LYS B 254 11.00 17.54 -23.98
C LYS B 254 11.38 18.51 -22.87
N THR B 255 11.95 17.99 -21.79
CA THR B 255 12.24 18.78 -20.60
C THR B 255 13.61 18.43 -20.05
N ASP B 256 14.08 19.26 -19.13
CA ASP B 256 15.32 19.02 -18.39
C ASP B 256 15.05 18.55 -16.96
N PHE B 257 13.79 18.30 -16.60
CA PHE B 257 13.40 17.91 -15.26
C PHE B 257 12.42 16.75 -15.34
N PRO B 258 12.31 15.94 -14.29
CA PRO B 258 11.34 14.85 -14.28
C PRO B 258 9.92 15.36 -14.48
N PHE B 259 9.15 14.66 -15.30
CA PHE B 259 7.80 15.07 -15.65
C PHE B 259 7.08 13.91 -16.31
N MET B 260 5.76 13.87 -16.12
CA MET B 260 4.93 12.82 -16.69
C MET B 260 3.63 13.44 -17.16
N PRO B 261 3.26 13.27 -18.42
CA PRO B 261 1.99 13.82 -18.91
C PRO B 261 0.80 13.01 -18.41
N GLU B 262 -0.38 13.58 -18.62
CA GLU B 262 -1.61 12.92 -18.20
C GLU B 262 -1.89 11.71 -19.10
N PRO B 263 -2.31 10.58 -18.53
CA PRO B 263 -2.69 9.44 -19.36
C PRO B 263 -3.87 9.78 -20.26
N ALA B 264 -3.94 9.10 -21.40
CA ALA B 264 -4.94 9.44 -22.40
C ALA B 264 -6.30 8.83 -22.07
N HIS B 265 -6.77 9.05 -20.84
CA HIS B 265 -8.10 8.58 -20.44
C HIS B 265 -9.15 9.64 -20.73
N ASP B 266 -9.00 10.82 -20.14
CA ASP B 266 -9.97 11.89 -20.30
C ASP B 266 -9.80 12.56 -21.66
N ASP B 267 -10.91 13.09 -22.19
CA ASP B 267 -10.88 13.77 -23.47
C ASP B 267 -10.00 15.01 -23.45
N ASP B 268 -9.77 15.60 -22.28
CA ASP B 268 -8.94 16.79 -22.14
C ASP B 268 -7.71 16.39 -21.32
N TYR B 269 -6.68 15.90 -22.00
CA TYR B 269 -5.42 15.56 -21.36
C TYR B 269 -4.22 16.26 -21.98
N ILE B 270 -4.42 17.08 -23.01
CA ILE B 270 -3.36 17.89 -23.59
C ILE B 270 -3.26 19.25 -22.93
N LYS B 271 -4.41 19.92 -22.76
CA LYS B 271 -4.42 21.20 -22.08
C LYS B 271 -3.90 21.08 -20.65
N THR B 272 -4.33 20.04 -19.95
CA THR B 272 -3.92 19.86 -18.56
C THR B 272 -2.42 19.66 -18.45
N THR B 273 -1.85 18.83 -19.33
CA THR B 273 -0.40 18.59 -19.23
C THR B 273 0.40 19.80 -19.70
N ILE B 274 -0.12 20.58 -20.65
CA ILE B 274 0.55 21.82 -21.03
C ILE B 274 0.59 22.79 -19.85
N MET B 275 -0.54 22.95 -19.17
CA MET B 275 -0.58 23.85 -18.02
C MET B 275 0.34 23.36 -16.91
N ARG B 276 0.30 22.06 -16.63
CA ARG B 276 1.17 21.50 -15.60
C ARG B 276 2.63 21.67 -15.97
N LEU B 277 2.97 21.57 -17.25
CA LEU B 277 4.35 21.79 -17.68
C LEU B 277 4.76 23.23 -17.48
N GLY B 278 3.88 24.17 -17.85
CA GLY B 278 4.18 25.58 -17.65
C GLY B 278 4.43 25.91 -16.20
N LYS B 279 3.64 25.33 -15.30
CA LYS B 279 3.84 25.59 -13.87
C LYS B 279 5.05 24.84 -13.32
N ALA B 280 5.27 23.59 -13.76
CA ALA B 280 6.35 22.78 -13.23
C ALA B 280 7.71 23.30 -13.65
N LYS B 281 7.81 23.94 -14.82
CA LYS B 281 9.06 24.55 -15.22
C LYS B 281 9.48 25.61 -14.20
N GLY B 282 8.53 26.43 -13.76
CA GLY B 282 8.84 27.45 -12.76
C GLY B 282 9.12 26.86 -11.39
N VAL B 283 8.27 25.91 -10.95
CA VAL B 283 8.37 25.45 -9.56
C VAL B 283 9.65 24.64 -9.34
N LEU B 284 10.14 23.94 -10.35
CA LEU B 284 11.32 23.11 -10.21
C LEU B 284 12.60 23.77 -10.70
N ASN B 285 12.54 25.06 -11.06
CA ASN B 285 13.70 25.80 -11.53
C ASN B 285 14.30 25.16 -12.79
N GLY B 286 13.43 24.89 -13.76
CA GLY B 286 13.89 24.32 -15.02
C GLY B 286 14.39 25.37 -15.98
N ASN B 287 14.95 24.90 -17.09
CA ASN B 287 15.47 25.80 -18.12
C ASN B 287 15.10 25.38 -19.53
N LEU B 288 14.24 24.37 -19.69
CA LEU B 288 13.84 23.92 -21.01
C LEU B 288 12.53 23.15 -20.89
N ALA B 289 11.57 23.49 -21.76
CA ALA B 289 10.30 22.78 -21.78
C ALA B 289 9.66 23.01 -23.14
N LYS B 290 9.51 21.96 -23.92
CA LYS B 290 8.93 22.06 -25.25
C LYS B 290 7.86 20.99 -25.42
N ALA B 291 6.81 21.34 -26.16
CA ALA B 291 5.69 20.44 -26.37
C ALA B 291 5.40 20.31 -27.86
N TYR B 292 5.08 19.09 -28.29
CA TYR B 292 4.64 18.82 -29.65
C TYR B 292 3.35 18.01 -29.58
N VAL B 293 2.39 18.39 -30.41
CA VAL B 293 1.04 17.84 -30.35
C VAL B 293 0.63 17.38 -31.74
N ILE B 294 0.08 16.18 -31.84
CA ILE B 294 -0.58 15.70 -33.04
C ILE B 294 -2.03 15.41 -32.68
N ASN B 295 -2.95 16.08 -33.38
CA ASN B 295 -4.38 15.95 -33.12
C ASN B 295 -5.08 15.65 -34.43
N ASN B 296 -5.67 14.46 -34.53
CA ASN B 296 -6.39 14.04 -35.72
C ASN B 296 -7.88 13.84 -35.47
N GLU B 297 -8.34 14.01 -34.22
CA GLU B 297 -9.73 13.79 -33.89
C GLU B 297 -10.51 15.07 -33.66
N GLY B 298 -9.85 16.18 -33.39
CA GLY B 298 -10.53 17.44 -33.18
C GLY B 298 -10.95 17.67 -31.74
N ILE B 299 -9.98 17.64 -30.82
CA ILE B 299 -10.23 17.94 -29.42
C ILE B 299 -9.47 19.21 -29.06
N GLU B 300 -9.83 19.79 -27.91
CA GLU B 300 -9.20 21.02 -27.47
C GLU B 300 -7.71 20.80 -27.21
N VAL B 301 -6.89 21.75 -27.66
CA VAL B 301 -5.44 21.60 -27.59
C VAL B 301 -4.84 22.64 -26.65
N GLY B 302 -5.05 23.91 -26.97
CA GLY B 302 -4.47 24.98 -26.17
C GLY B 302 -3.84 26.06 -27.02
N GLU B 303 -2.88 26.80 -26.45
CA GLU B 303 -2.21 27.88 -27.15
C GLU B 303 -0.72 27.83 -26.87
N GLY B 304 0.06 28.36 -27.81
CA GLY B 304 1.51 28.39 -27.66
C GLY B 304 2.15 27.03 -27.68
N VAL B 305 1.70 26.14 -28.56
CA VAL B 305 2.22 24.78 -28.69
C VAL B 305 2.35 24.45 -30.17
N THR B 306 3.48 23.86 -30.54
CA THR B 306 3.69 23.46 -31.93
C THR B 306 2.73 22.35 -32.33
N VAL B 307 2.21 22.44 -33.54
CA VAL B 307 1.28 21.45 -34.08
C VAL B 307 1.93 20.81 -35.30
N LEU B 308 2.03 19.49 -35.30
CA LEU B 308 2.64 18.74 -36.39
C LEU B 308 1.57 17.98 -37.17
N SER B 309 2.02 17.19 -38.12
CA SER B 309 1.10 16.43 -38.98
C SER B 309 1.38 14.94 -38.99
N THR B 310 2.65 14.53 -38.94
CA THR B 310 3.00 13.12 -38.98
C THR B 310 4.00 12.78 -37.88
N VAL B 311 4.54 11.57 -37.91
CA VAL B 311 5.46 11.10 -36.87
C VAL B 311 6.90 11.32 -37.31
N GLU B 312 7.14 11.25 -38.63
CA GLU B 312 8.49 11.51 -39.13
C GLU B 312 8.93 12.93 -38.81
N ASP B 313 8.00 13.88 -38.88
CA ASP B 313 8.30 15.26 -38.50
C ASP B 313 8.74 15.34 -37.05
N LEU B 314 8.03 14.64 -36.16
CA LEU B 314 8.41 14.64 -34.75
C LEU B 314 9.77 13.98 -34.55
N VAL B 315 10.06 12.90 -35.28
CA VAL B 315 11.35 12.24 -35.17
C VAL B 315 12.47 13.19 -35.59
N VAL B 316 12.28 13.90 -36.70
CA VAL B 316 13.28 14.86 -37.16
C VAL B 316 13.47 15.97 -36.13
N LYS B 317 12.36 16.50 -35.60
CA LYS B 317 12.45 17.58 -34.62
C LYS B 317 13.18 17.14 -33.37
N LEU B 318 12.89 15.93 -32.88
CA LEU B 318 13.57 15.41 -31.71
C LEU B 318 15.06 15.18 -31.99
N GLU B 319 15.38 14.73 -33.20
CA GLU B 319 16.78 14.56 -33.57
C GLU B 319 17.52 15.90 -33.57
N GLU B 320 16.89 16.94 -34.10
CA GLU B 320 17.57 18.22 -34.25
C GLU B 320 17.96 18.82 -32.90
N GLU B 321 17.05 18.80 -31.94
CA GLU B 321 17.33 19.39 -30.62
C GLU B 321 18.24 18.47 -29.80
N MET C 1 10.36 -4.74 -50.40
CA MET C 1 9.04 -4.80 -49.76
C MET C 1 7.96 -4.22 -50.65
N ILE C 2 6.79 -4.85 -50.65
CA ILE C 2 5.63 -4.37 -51.38
C ILE C 2 4.47 -4.28 -50.40
N SER C 3 4.00 -3.06 -50.14
CA SER C 3 2.92 -2.82 -49.20
C SER C 3 1.79 -2.11 -49.91
N GLY C 4 0.57 -2.63 -49.78
CA GLY C 4 -0.54 -2.11 -50.55
C GLY C 4 -1.79 -1.98 -49.72
N SER C 5 -2.64 -1.06 -50.15
CA SER C 5 -3.96 -0.85 -49.58
C SER C 5 -4.99 -0.91 -50.71
N VAL C 6 -6.07 -1.63 -50.48
CA VAL C 6 -7.07 -1.90 -51.52
C VAL C 6 -8.45 -1.60 -50.98
N ARG C 7 -9.28 -0.96 -51.81
CA ARG C 7 -10.68 -0.72 -51.51
C ARG C 7 -11.52 -1.48 -52.54
N PHE C 8 -12.66 -2.02 -52.10
CA PHE C 8 -13.49 -2.87 -52.93
C PHE C 8 -14.95 -2.47 -52.78
N LEU C 9 -15.74 -2.85 -53.79
CA LEU C 9 -17.18 -2.66 -53.76
C LEU C 9 -17.85 -3.94 -54.21
N VAL C 10 -18.63 -4.54 -53.32
CA VAL C 10 -19.33 -5.80 -53.58
C VAL C 10 -20.80 -5.60 -53.27
N ASN C 11 -21.66 -6.01 -54.21
CA ASN C 11 -23.10 -5.90 -54.02
C ASN C 11 -23.82 -7.15 -54.53
N HIS C 27 -23.51 -16.10 -41.78
CA HIS C 27 -22.37 -15.29 -42.17
C HIS C 27 -21.65 -14.77 -40.93
N ARG C 28 -20.32 -14.77 -40.98
CA ARG C 28 -19.53 -14.38 -39.81
C ARG C 28 -19.70 -12.90 -39.52
N THR C 29 -19.76 -12.57 -38.23
CA THR C 29 -19.85 -11.19 -37.76
C THR C 29 -18.79 -10.93 -36.71
N ALA C 30 -18.34 -9.69 -36.62
CA ALA C 30 -17.28 -9.32 -35.70
C ALA C 30 -17.56 -7.96 -35.08
N PRO C 31 -16.99 -7.69 -33.91
CA PRO C 31 -17.17 -6.37 -33.27
C PRO C 31 -16.13 -5.37 -33.73
N VAL C 32 -16.59 -4.14 -33.97
CA VAL C 32 -15.73 -3.04 -34.37
C VAL C 32 -16.02 -1.83 -33.49
N VAL C 33 -15.00 -1.01 -33.29
CA VAL C 33 -15.11 0.25 -32.57
C VAL C 33 -15.16 1.36 -33.61
N LEU C 34 -16.28 2.07 -33.67
CA LEU C 34 -16.57 3.04 -34.71
C LEU C 34 -16.60 4.44 -34.12
N LYS C 35 -16.13 5.41 -34.90
CA LYS C 35 -16.03 6.79 -34.45
C LYS C 35 -17.07 7.65 -35.15
N THR C 36 -17.81 8.43 -34.36
CA THR C 36 -18.74 9.43 -34.85
C THR C 36 -18.51 10.72 -34.09
N SER C 37 -19.22 11.77 -34.51
CA SER C 37 -19.06 13.08 -33.89
C SER C 37 -19.36 13.03 -32.40
N THR C 38 -20.35 12.24 -31.99
CA THR C 38 -20.67 12.13 -30.56
C THR C 38 -19.62 11.38 -29.77
N GLY C 39 -18.75 10.60 -30.44
CA GLY C 39 -17.76 9.83 -29.73
C GLY C 39 -17.47 8.48 -30.35
N TYR C 40 -17.58 7.42 -29.58
CA TYR C 40 -17.25 6.08 -30.03
C TYR C 40 -18.38 5.11 -29.72
N LEU C 41 -18.50 4.08 -30.55
CA LEU C 41 -19.55 3.08 -30.42
C LEU C 41 -18.97 1.71 -30.73
N VAL C 42 -19.70 0.68 -30.31
CA VAL C 42 -19.35 -0.71 -30.58
C VAL C 42 -20.43 -1.31 -31.47
N ARG C 43 -20.04 -1.92 -32.58
CA ARG C 43 -20.98 -2.44 -33.55
C ARG C 43 -20.61 -3.86 -33.94
N TYR C 44 -21.60 -4.62 -34.40
CA TYR C 44 -21.40 -5.95 -34.95
C TYR C 44 -21.61 -5.89 -36.45
N VAL C 45 -20.56 -6.17 -37.21
CA VAL C 45 -20.59 -6.02 -38.67
C VAL C 45 -20.11 -7.31 -39.32
N PRO C 46 -20.70 -7.72 -40.44
CA PRO C 46 -20.17 -8.89 -41.15
C PRO C 46 -18.75 -8.67 -41.63
N VAL C 47 -17.94 -9.72 -41.58
CA VAL C 47 -16.54 -9.68 -42.00
C VAL C 47 -16.23 -10.92 -42.83
N ILE C 48 -15.03 -10.91 -43.43
CA ILE C 48 -14.50 -12.05 -44.15
C ILE C 48 -13.18 -12.44 -43.50
N SER C 49 -13.01 -13.73 -43.20
CA SER C 49 -11.87 -14.19 -42.43
C SER C 49 -10.57 -13.91 -43.17
N GLY C 50 -9.47 -13.87 -42.40
CA GLY C 50 -8.16 -13.61 -42.95
C GLY C 50 -7.48 -14.80 -43.60
N GLU C 51 -8.07 -15.99 -43.48
CA GLU C 51 -7.52 -17.19 -44.10
C GLU C 51 -8.29 -17.60 -45.34
N ALA C 52 -9.45 -17.00 -45.61
CA ALA C 52 -10.13 -17.25 -46.87
C ALA C 52 -9.45 -16.56 -48.04
N LEU C 53 -8.57 -15.60 -47.76
CA LEU C 53 -7.81 -14.92 -48.81
C LEU C 53 -6.44 -15.55 -49.04
N ALA C 54 -5.83 -16.10 -48.00
CA ALA C 54 -4.54 -16.77 -48.17
C ALA C 54 -4.66 -18.00 -49.06
N HIS C 55 -5.79 -18.71 -48.98
CA HIS C 55 -5.95 -19.92 -49.77
C HIS C 55 -5.94 -19.62 -51.27
N ALA C 56 -6.64 -18.56 -51.68
CA ALA C 56 -6.67 -18.21 -53.09
C ALA C 56 -5.29 -17.79 -53.58
N TYR C 57 -4.57 -16.99 -52.78
CA TYR C 57 -3.22 -16.58 -53.16
C TYR C 57 -2.31 -17.78 -53.30
N GLN C 58 -2.36 -18.71 -52.35
CA GLN C 58 -1.48 -19.88 -52.42
C GLN C 58 -1.85 -20.80 -53.57
N ALA C 59 -3.15 -20.93 -53.87
CA ALA C 59 -3.56 -21.73 -55.02
C ALA C 59 -3.06 -21.12 -56.33
N SER C 60 -3.19 -19.80 -56.45
CA SER C 60 -2.66 -19.14 -57.64
C SER C 60 -1.15 -19.31 -57.74
N LEU C 61 -0.46 -19.25 -56.61
CA LEU C 61 0.99 -19.47 -56.60
C LEU C 61 1.32 -20.88 -57.07
N VAL C 62 0.56 -21.87 -56.61
CA VAL C 62 0.78 -23.25 -57.06
C VAL C 62 0.61 -23.34 -58.57
N ASP C 63 -0.48 -22.77 -59.08
CA ASP C 63 -0.74 -22.86 -60.52
C ASP C 63 0.36 -22.20 -61.32
N ILE C 64 0.79 -21.00 -60.91
CA ILE C 64 1.82 -20.28 -61.64
C ILE C 64 3.15 -21.03 -61.58
N ALA C 65 3.52 -21.52 -60.39
CA ALA C 65 4.78 -22.24 -60.24
C ALA C 65 4.81 -23.51 -61.08
N LYS C 66 3.69 -24.24 -61.12
CA LYS C 66 3.63 -25.42 -61.98
C LYS C 66 3.71 -25.03 -63.46
N LYS C 67 3.06 -23.93 -63.84
CA LYS C 67 3.09 -23.52 -65.23
C LYS C 67 4.49 -23.09 -65.66
N GLU C 68 5.27 -22.51 -64.76
CA GLU C 68 6.60 -21.99 -65.09
C GLU C 68 7.72 -22.96 -64.72
N GLY C 69 7.40 -24.21 -64.43
CA GLY C 69 8.42 -25.22 -64.21
C GLY C 69 9.08 -25.23 -62.84
N LEU C 70 8.51 -24.52 -61.88
CA LEU C 70 9.09 -24.51 -60.54
C LEU C 70 8.66 -25.76 -59.76
N PRO C 71 9.49 -26.21 -58.81
CA PRO C 71 9.13 -27.41 -58.05
C PRO C 71 7.88 -27.20 -57.21
N VAL C 72 7.09 -28.26 -57.08
CA VAL C 72 5.85 -28.24 -56.31
C VAL C 72 5.79 -29.52 -55.48
N GLY C 73 5.39 -29.38 -54.22
CA GLY C 73 5.35 -30.54 -53.34
C GLY C 73 4.29 -31.54 -53.74
N SER C 74 4.44 -32.76 -53.20
CA SER C 74 3.51 -33.84 -53.54
C SER C 74 2.11 -33.56 -53.00
N LEU C 75 2.01 -33.24 -51.70
CA LEU C 75 0.71 -32.92 -51.13
C LEU C 75 0.19 -31.59 -51.65
N SER C 76 1.05 -30.58 -51.72
CA SER C 76 0.63 -29.27 -52.20
C SER C 76 0.28 -29.27 -53.68
N SER C 77 0.66 -30.32 -54.42
CA SER C 77 0.18 -30.46 -55.80
C SER C 77 -1.34 -30.56 -55.82
N GLN C 78 -1.90 -31.34 -54.90
CA GLN C 78 -3.32 -31.21 -54.59
C GLN C 78 -3.53 -29.96 -53.75
N TYR C 79 -4.74 -29.42 -53.83
CA TYR C 79 -5.00 -28.16 -53.14
C TYR C 79 -5.29 -28.40 -51.66
N GLU C 80 -4.39 -29.12 -51.00
CA GLU C 80 -4.43 -29.33 -49.55
C GLU C 80 -3.13 -28.79 -48.98
N PHE C 81 -3.23 -27.76 -48.15
CA PHE C 81 -2.06 -27.03 -47.66
C PHE C 81 -1.66 -27.46 -46.26
N ILE C 82 -1.77 -28.76 -45.96
CA ILE C 82 -1.21 -29.27 -44.72
C ILE C 82 0.31 -29.09 -44.69
N LYS C 83 0.93 -28.93 -45.86
CA LYS C 83 2.37 -28.71 -45.99
C LYS C 83 3.16 -29.86 -45.36
N PHE C 84 3.87 -29.58 -44.28
CA PHE C 84 4.71 -30.58 -43.63
C PHE C 84 4.48 -30.60 -42.13
N SER C 85 3.21 -30.49 -41.73
CA SER C 85 2.91 -30.38 -40.30
C SER C 85 3.06 -31.72 -39.58
N THR C 86 2.61 -32.80 -40.20
CA THR C 86 2.52 -34.10 -39.53
C THR C 86 3.59 -35.06 -40.08
N ASP C 87 3.92 -36.05 -39.25
CA ASP C 87 4.87 -37.07 -39.66
C ASP C 87 4.31 -37.92 -40.80
N GLU C 88 2.99 -38.09 -40.85
CA GLU C 88 2.37 -38.77 -41.99
C GLU C 88 2.61 -38.00 -43.27
N ALA C 89 2.54 -36.66 -43.21
CA ALA C 89 2.88 -35.86 -44.37
C ALA C 89 4.35 -36.04 -44.75
N LEU C 90 5.23 -36.14 -43.77
CA LEU C 90 6.64 -36.42 -44.05
C LEU C 90 6.80 -37.75 -44.77
N LYS C 91 6.08 -38.77 -44.33
CA LYS C 91 6.16 -40.08 -44.99
C LYS C 91 5.64 -40.00 -46.41
N ILE C 92 4.52 -39.30 -46.62
CA ILE C 92 3.95 -39.21 -47.96
C ILE C 92 4.88 -38.47 -48.90
N GLU C 93 5.41 -37.32 -48.45
CA GLU C 93 6.33 -36.56 -49.29
C GLU C 93 7.64 -37.31 -49.52
N GLY C 94 8.18 -37.94 -48.48
CA GLY C 94 9.39 -38.71 -48.62
C GLY C 94 10.65 -37.98 -48.19
N ILE C 95 10.59 -37.26 -47.07
CA ILE C 95 11.72 -36.53 -46.54
C ILE C 95 11.93 -36.95 -45.09
N LYS C 96 13.17 -37.26 -44.73
CA LYS C 96 13.48 -37.69 -43.38
C LYS C 96 13.23 -36.58 -42.38
N GLU C 97 12.82 -36.97 -41.18
CA GLU C 97 12.60 -36.00 -40.11
C GLU C 97 13.94 -35.46 -39.61
N PRO C 98 13.94 -34.26 -39.05
CA PRO C 98 15.18 -33.72 -38.47
C PRO C 98 15.62 -34.53 -37.27
N LYS C 99 16.94 -34.60 -37.08
CA LYS C 99 17.51 -35.33 -35.96
C LYS C 99 17.73 -34.43 -34.75
N ASP C 100 18.52 -33.37 -34.93
CA ASP C 100 18.84 -32.46 -33.83
C ASP C 100 18.67 -31.01 -34.26
N TYR C 101 19.07 -30.08 -33.39
CA TYR C 101 19.01 -28.66 -33.74
C TYR C 101 19.95 -28.33 -34.89
N ASN C 102 21.14 -28.92 -34.90
CA ASN C 102 22.11 -28.65 -35.97
C ASN C 102 21.57 -29.14 -37.31
N ASP C 103 20.94 -30.30 -37.33
CA ASP C 103 20.38 -30.83 -38.57
C ASP C 103 19.22 -30.00 -39.09
N ALA C 104 18.59 -29.20 -38.22
CA ALA C 104 17.35 -28.51 -38.59
C ALA C 104 17.52 -27.69 -39.86
N ARG C 105 18.60 -26.90 -39.94
CA ARG C 105 18.85 -26.10 -41.14
C ARG C 105 18.81 -26.97 -42.39
N ARG C 106 19.54 -28.09 -42.36
CA ARG C 106 19.53 -29.02 -43.50
C ARG C 106 18.10 -29.36 -43.87
N PHE C 107 17.31 -29.78 -42.87
CA PHE C 107 15.92 -30.14 -43.12
C PHE C 107 15.20 -29.02 -43.86
N GLU C 108 15.34 -27.78 -43.35
CA GLU C 108 14.65 -26.67 -43.99
C GLU C 108 15.02 -26.58 -45.45
N VAL C 109 16.32 -26.68 -45.76
CA VAL C 109 16.77 -26.58 -47.14
C VAL C 109 16.04 -27.61 -47.99
N GLU C 110 15.98 -28.85 -47.50
CA GLU C 110 15.26 -29.89 -48.24
C GLU C 110 13.81 -29.49 -48.43
N VAL C 111 13.14 -29.11 -47.35
CA VAL C 111 11.75 -28.66 -47.45
C VAL C 111 11.66 -27.44 -48.34
N MET C 112 12.72 -26.64 -48.36
CA MET C 112 12.74 -25.42 -49.18
C MET C 112 13.10 -25.70 -50.62
N LEU C 113 13.59 -26.90 -50.93
CA LEU C 113 14.02 -27.24 -52.29
C LEU C 113 13.03 -28.11 -53.04
N LYS C 114 11.89 -28.41 -52.44
CA LYS C 114 10.87 -29.23 -53.09
C LYS C 114 9.56 -28.51 -53.31
N ASP C 115 9.10 -27.72 -52.34
CA ASP C 115 7.81 -27.05 -52.41
C ASP C 115 8.02 -25.55 -52.33
N VAL C 116 7.51 -24.83 -53.33
CA VAL C 116 7.59 -23.37 -53.32
C VAL C 116 6.71 -22.80 -52.22
N ILE C 117 5.54 -23.41 -52.00
CA ILE C 117 4.59 -22.89 -51.02
C ILE C 117 5.21 -22.88 -49.62
N ALA C 118 6.01 -23.89 -49.30
CA ALA C 118 6.66 -23.93 -48.00
C ALA C 118 7.70 -22.82 -47.85
N ASP C 119 8.05 -22.13 -48.92
CA ASP C 119 9.01 -21.05 -48.87
C ASP C 119 8.32 -19.69 -48.76
N VAL C 120 7.46 -19.36 -49.72
CA VAL C 120 6.80 -18.06 -49.73
C VAL C 120 5.82 -17.95 -48.57
N GLY C 121 4.99 -18.98 -48.37
CA GLY C 121 3.97 -18.97 -47.35
C GLY C 121 4.38 -19.45 -45.97
N GLY C 122 5.60 -19.95 -45.81
CA GLY C 122 6.05 -20.41 -44.52
C GLY C 122 5.42 -21.71 -44.09
N PHE C 123 5.91 -22.32 -43.02
CA PHE C 123 5.38 -23.60 -42.55
C PHE C 123 5.84 -23.83 -41.12
N MET C 124 5.33 -24.92 -40.54
CA MET C 124 5.71 -25.33 -39.20
C MET C 124 5.66 -26.85 -39.13
N TYR C 125 6.70 -27.45 -38.55
CA TYR C 125 6.72 -28.88 -38.25
C TYR C 125 6.93 -29.06 -36.76
N ALA C 126 6.04 -29.82 -36.13
CA ALA C 126 6.10 -30.08 -34.69
C ALA C 126 6.51 -31.52 -34.44
N GLY C 127 7.42 -31.71 -33.50
CA GLY C 127 7.91 -33.04 -33.18
C GLY C 127 9.12 -33.01 -32.27
N GLY C 128 10.04 -33.95 -32.47
CA GLY C 128 11.26 -33.95 -31.68
C GLY C 128 12.10 -32.71 -31.91
N ALA C 129 12.21 -32.27 -33.15
CA ALA C 129 12.95 -31.08 -33.53
C ALA C 129 12.04 -30.18 -34.36
N PRO C 130 11.17 -29.41 -33.72
CA PRO C 130 10.26 -28.54 -34.47
C PRO C 130 11.02 -27.50 -35.27
N VAL C 131 10.48 -27.19 -36.45
CA VAL C 131 11.10 -26.23 -37.36
C VAL C 131 10.04 -25.25 -37.82
N ARG C 132 10.34 -23.96 -37.75
CA ARG C 132 9.39 -22.91 -38.06
C ARG C 132 9.92 -22.02 -39.18
N ARG C 133 9.00 -21.45 -39.95
CA ARG C 133 9.37 -20.45 -40.95
C ARG C 133 8.17 -19.56 -41.19
N THR C 134 8.23 -18.33 -40.69
CA THR C 134 7.10 -17.43 -40.79
C THR C 134 6.83 -17.02 -42.24
N SER C 135 5.57 -16.72 -42.51
CA SER C 135 5.16 -16.39 -43.88
C SER C 135 5.81 -15.09 -44.34
N ARG C 136 6.12 -15.04 -45.64
CA ARG C 136 6.63 -13.82 -46.25
C ARG C 136 5.51 -12.89 -46.71
N ILE C 137 4.26 -13.36 -46.70
CA ILE C 137 3.10 -12.53 -47.00
C ILE C 137 2.22 -12.49 -45.76
N LYS C 138 1.81 -11.28 -45.37
CA LYS C 138 0.98 -11.07 -44.19
C LYS C 138 -0.32 -10.37 -44.62
N LEU C 139 -1.44 -10.96 -44.22
CA LEU C 139 -2.76 -10.44 -44.56
C LEU C 139 -3.56 -10.20 -43.28
N GLY C 140 -4.74 -9.60 -43.45
CA GLY C 140 -5.60 -9.31 -42.33
C GLY C 140 -7.05 -9.44 -42.73
N TYR C 141 -7.93 -9.18 -41.76
CA TYR C 141 -9.36 -9.29 -41.99
C TYR C 141 -9.83 -8.26 -43.00
N MET C 142 -10.98 -8.53 -43.60
CA MET C 142 -11.62 -7.61 -44.55
C MET C 142 -12.82 -6.97 -43.87
N ILE C 143 -12.73 -5.66 -43.63
CA ILE C 143 -13.76 -4.92 -42.92
C ILE C 143 -14.33 -3.89 -43.88
N PRO C 144 -15.65 -3.72 -43.93
CA PRO C 144 -16.21 -2.63 -44.73
C PRO C 144 -15.79 -1.27 -44.19
N ALA C 145 -15.63 -0.32 -45.09
CA ALA C 145 -15.20 1.02 -44.72
C ALA C 145 -16.26 1.74 -43.90
N ALA C 182 -21.47 -3.05 -49.80
CA ALA C 182 -20.54 -2.65 -48.76
C ALA C 182 -19.17 -2.33 -49.35
N LEU C 183 -18.52 -1.30 -48.82
CA LEU C 183 -17.22 -0.84 -49.31
C LEU C 183 -16.13 -1.53 -48.49
N TYR C 184 -15.87 -2.80 -48.82
CA TYR C 184 -14.86 -3.57 -48.11
C TYR C 184 -13.47 -3.07 -48.46
N THR C 185 -12.60 -2.99 -47.45
CA THR C 185 -11.23 -2.53 -47.62
C THR C 185 -10.29 -3.47 -46.88
N PHE C 186 -9.05 -3.54 -47.35
CA PHE C 186 -8.03 -4.28 -46.62
C PHE C 186 -6.65 -3.81 -47.07
N SER C 187 -5.62 -4.37 -46.45
CA SER C 187 -4.23 -4.05 -46.75
C SER C 187 -3.41 -5.34 -46.76
N PHE C 188 -2.31 -5.30 -47.50
CA PHE C 188 -1.42 -6.45 -47.60
C PHE C 188 0.02 -5.99 -47.56
N GLU C 189 0.90 -6.91 -47.13
CA GLU C 189 2.31 -6.63 -46.95
C GLU C 189 3.12 -7.84 -47.37
N LEU C 190 4.20 -7.60 -48.11
CA LEU C 190 5.12 -8.64 -48.54
C LEU C 190 6.54 -8.11 -48.42
N ASP C 191 7.48 -8.99 -48.05
CA ASP C 191 8.89 -8.64 -48.00
C ASP C 191 9.64 -9.57 -48.95
N GLU C 192 9.77 -9.14 -50.20
CA GLU C 192 10.41 -9.95 -51.22
C GLU C 192 11.91 -10.07 -51.01
N ASP C 193 12.49 -9.31 -50.09
CA ASP C 193 13.92 -9.37 -49.85
C ASP C 193 14.36 -10.65 -49.14
N LEU C 194 13.41 -11.46 -48.65
CA LEU C 194 13.72 -12.67 -47.92
C LEU C 194 13.21 -13.93 -48.60
N ILE C 195 12.60 -13.81 -49.78
CA ILE C 195 12.16 -14.98 -50.53
C ILE C 195 13.38 -15.78 -50.97
N ALA C 196 13.29 -17.10 -50.84
CA ALA C 196 14.36 -18.02 -51.20
C ALA C 196 15.64 -17.75 -50.41
N VAL C 197 15.49 -17.28 -49.18
CA VAL C 197 16.60 -17.04 -48.28
C VAL C 197 16.38 -17.89 -47.03
N PRO C 198 17.29 -18.80 -46.68
CA PRO C 198 17.11 -19.58 -45.45
C PRO C 198 17.06 -18.67 -44.23
N SER C 199 16.19 -19.04 -43.30
CA SER C 199 15.97 -18.24 -42.10
C SER C 199 16.60 -18.82 -40.85
N THR C 200 16.71 -20.14 -40.75
CA THR C 200 17.38 -20.74 -39.61
C THR C 200 18.86 -20.40 -39.62
N PHE C 201 19.41 -20.13 -38.44
CA PHE C 201 20.81 -19.74 -38.31
C PHE C 201 21.68 -20.98 -38.21
N GLY C 202 22.64 -21.09 -39.13
CA GLY C 202 23.54 -22.24 -39.12
C GLY C 202 24.51 -22.14 -40.28
N GLU C 203 25.39 -23.14 -40.35
CA GLU C 203 26.40 -23.19 -41.39
C GLU C 203 25.78 -23.50 -42.74
N LYS C 204 26.53 -23.18 -43.79
CA LYS C 204 26.06 -23.41 -45.15
C LYS C 204 25.94 -24.90 -45.43
N VAL C 205 24.92 -25.26 -46.21
CA VAL C 205 24.63 -26.64 -46.55
C VAL C 205 24.59 -26.79 -48.06
N LYS C 206 24.94 -27.98 -48.54
CA LYS C 206 24.92 -28.25 -49.98
C LYS C 206 23.50 -28.08 -50.53
N GLY C 207 23.41 -27.54 -51.73
CA GLY C 207 22.14 -27.28 -52.38
C GLY C 207 21.72 -25.82 -52.37
N GLU C 208 22.40 -24.96 -51.62
CA GLU C 208 22.06 -23.55 -51.62
C GLU C 208 22.31 -22.89 -52.97
N GLU C 209 23.18 -23.47 -53.79
CA GLU C 209 23.43 -22.93 -55.12
C GLU C 209 22.16 -22.98 -55.98
N GLU C 210 21.41 -24.07 -55.88
CA GLU C 210 20.13 -24.15 -56.59
C GLU C 210 19.16 -23.10 -56.10
N LEU C 211 19.13 -22.85 -54.78
CA LEU C 211 18.28 -21.81 -54.25
C LEU C 211 18.67 -20.44 -54.82
N GLU C 212 19.97 -20.15 -54.88
CA GLU C 212 20.42 -18.88 -55.43
C GLU C 212 20.04 -18.77 -56.91
N ARG C 213 20.16 -19.87 -57.64
CA ARG C 213 19.77 -19.87 -59.05
C ARG C 213 18.28 -19.59 -59.22
N GLN C 214 17.45 -20.21 -58.39
CA GLN C 214 16.00 -20.12 -58.52
C GLN C 214 15.40 -18.91 -57.82
N LYS C 215 16.22 -18.13 -57.09
CA LYS C 215 15.68 -16.98 -56.36
C LYS C 215 14.96 -16.00 -57.27
N ALA C 216 15.51 -15.72 -58.45
CA ALA C 216 14.90 -14.74 -59.35
C ALA C 216 13.51 -15.20 -59.78
N LYS C 217 13.40 -16.46 -60.21
CA LYS C 217 12.10 -16.97 -60.65
C LYS C 217 11.12 -17.05 -59.48
N ARG C 218 11.61 -17.42 -58.29
CA ARG C 218 10.73 -17.48 -57.13
C ARG C 218 10.16 -16.10 -56.80
N VAL C 219 11.01 -15.07 -56.82
CA VAL C 219 10.53 -13.72 -56.53
C VAL C 219 9.57 -13.26 -57.62
N LYS C 220 9.87 -13.55 -58.87
CA LYS C 220 8.98 -13.18 -59.96
C LYS C 220 7.62 -13.84 -59.81
N SER C 221 7.59 -15.12 -59.45
CA SER C 221 6.33 -15.82 -59.25
C SER C 221 5.56 -15.26 -58.07
N ALA C 222 6.25 -14.94 -56.97
CA ALA C 222 5.58 -14.36 -55.81
C ALA C 222 4.95 -13.01 -56.16
N ILE C 223 5.65 -12.20 -56.95
CA ILE C 223 5.09 -10.93 -57.38
C ILE C 223 3.89 -11.16 -58.29
N LYS C 224 4.00 -12.12 -59.21
CA LYS C 224 2.91 -12.41 -60.14
C LYS C 224 1.67 -12.87 -59.40
N ALA C 225 1.84 -13.59 -58.30
CA ALA C 225 0.71 -14.21 -57.60
C ALA C 225 -0.29 -13.20 -57.05
N LEU C 226 0.09 -11.94 -56.87
CA LEU C 226 -0.80 -10.95 -56.27
C LEU C 226 -1.98 -10.59 -57.17
N TYR C 227 -1.95 -11.00 -58.43
CA TYR C 227 -3.04 -10.67 -59.35
C TYR C 227 -4.37 -11.24 -58.88
N SER C 228 -4.36 -12.44 -58.30
CA SER C 228 -5.61 -13.04 -57.84
C SER C 228 -6.23 -12.22 -56.72
N LEU C 229 -5.43 -11.78 -55.75
CA LEU C 229 -5.97 -10.98 -54.65
C LEU C 229 -6.39 -9.59 -55.12
N LEU C 230 -5.60 -8.98 -56.00
CA LEU C 230 -5.94 -7.64 -56.47
C LEU C 230 -7.22 -7.63 -57.29
N SER C 231 -7.46 -8.67 -58.07
CA SER C 231 -8.67 -8.76 -58.88
C SER C 231 -9.92 -8.83 -58.00
N LYS C 246 -15.25 -5.43 -58.40
CA LYS C 246 -15.06 -4.10 -58.97
C LYS C 246 -14.08 -3.29 -58.14
N LEU C 247 -12.84 -3.20 -58.63
CA LEU C 247 -11.82 -2.43 -57.93
C LEU C 247 -12.14 -0.94 -58.02
N MET C 248 -11.95 -0.23 -56.91
CA MET C 248 -12.21 1.20 -56.85
C MET C 248 -10.95 2.02 -56.62
N SER C 249 -10.20 1.73 -55.55
CA SER C 249 -8.99 2.46 -55.23
C SER C 249 -7.90 1.48 -54.82
N LEU C 250 -6.69 1.70 -55.32
CA LEU C 250 -5.59 0.79 -55.03
C LEU C 250 -4.29 1.58 -54.92
N VAL C 251 -3.53 1.33 -53.86
CA VAL C 251 -2.23 1.96 -53.67
C VAL C 251 -1.21 0.86 -53.41
N VAL C 252 -0.08 0.92 -54.13
CA VAL C 252 1.02 -0.02 -53.96
C VAL C 252 2.31 0.76 -53.77
N THR C 253 3.13 0.32 -52.82
CA THR C 253 4.39 0.99 -52.51
C THR C 253 5.51 -0.03 -52.45
N LYS C 254 6.60 0.27 -53.15
CA LYS C 254 7.80 -0.57 -53.15
C LYS C 254 8.95 0.22 -52.54
N THR C 255 9.48 -0.26 -51.43
CA THR C 255 10.53 0.42 -50.69
C THR C 255 11.66 -0.54 -50.36
N ASP C 256 12.71 0.00 -49.75
CA ASP C 256 13.81 -0.78 -49.19
C ASP C 256 13.87 -0.66 -47.68
N PHE C 257 12.87 -0.06 -47.05
CA PHE C 257 12.78 0.12 -45.61
C PHE C 257 11.39 -0.27 -45.17
N PRO C 258 11.20 -0.62 -43.89
CA PRO C 258 9.85 -0.94 -43.41
C PRO C 258 8.91 0.26 -43.57
N PHE C 259 7.69 -0.03 -44.00
CA PHE C 259 6.71 1.00 -44.25
C PHE C 259 5.32 0.38 -44.26
N MET C 260 4.34 1.16 -43.83
CA MET C 260 2.95 0.70 -43.79
C MET C 260 2.04 1.78 -44.34
N PRO C 261 1.36 1.54 -45.46
CA PRO C 261 0.47 2.55 -46.02
C PRO C 261 -0.78 2.74 -45.17
N GLU C 262 -1.40 3.89 -45.31
CA GLU C 262 -2.62 4.20 -44.59
C GLU C 262 -3.75 3.27 -45.04
N PRO C 263 -4.66 2.93 -44.14
CA PRO C 263 -5.82 2.12 -44.54
C PRO C 263 -6.76 2.92 -45.42
N ALA C 264 -7.77 2.22 -45.95
CA ALA C 264 -8.76 2.83 -46.83
C ALA C 264 -9.99 3.32 -46.07
N HIS C 265 -9.82 3.70 -44.79
CA HIS C 265 -10.93 4.21 -44.00
C HIS C 265 -11.28 5.65 -44.35
N ASP C 266 -10.39 6.39 -44.99
CA ASP C 266 -10.59 7.79 -45.29
C ASP C 266 -10.62 8.01 -46.80
N ASP C 267 -11.38 9.01 -47.24
CA ASP C 267 -11.45 9.32 -48.65
C ASP C 267 -10.11 9.84 -49.18
N ASP C 268 -9.39 10.60 -48.35
CA ASP C 268 -8.11 11.18 -48.73
C ASP C 268 -7.01 10.46 -47.97
N TYR C 269 -6.53 9.36 -48.53
CA TYR C 269 -5.42 8.62 -47.95
C TYR C 269 -4.24 8.41 -48.90
N ILE C 270 -4.46 8.44 -50.22
CA ILE C 270 -3.35 8.31 -51.16
C ILE C 270 -2.39 9.48 -51.00
N LYS C 271 -2.93 10.69 -50.87
CA LYS C 271 -2.09 11.86 -50.68
C LYS C 271 -1.28 11.76 -49.39
N THR C 272 -1.92 11.30 -48.32
CA THR C 272 -1.23 11.22 -47.02
C THR C 272 -0.06 10.24 -47.09
N THR C 273 -0.29 9.05 -47.65
CA THR C 273 0.80 8.08 -47.72
C THR C 273 1.89 8.51 -48.68
N ILE C 274 1.53 9.15 -49.80
CA ILE C 274 2.55 9.66 -50.71
C ILE C 274 3.40 10.72 -50.01
N MET C 275 2.76 11.63 -49.27
CA MET C 275 3.51 12.64 -48.54
C MET C 275 4.41 12.02 -47.48
N ARG C 276 3.92 11.01 -46.77
CA ARG C 276 4.71 10.36 -45.74
C ARG C 276 5.86 9.54 -46.31
N LEU C 277 5.73 9.06 -47.56
CA LEU C 277 6.75 8.19 -48.13
C LEU C 277 8.10 8.89 -48.23
N GLY C 278 8.11 10.12 -48.74
CA GLY C 278 9.38 10.83 -48.89
C GLY C 278 10.04 11.14 -47.56
N LYS C 279 9.24 11.58 -46.59
CA LYS C 279 9.80 11.88 -45.26
C LYS C 279 10.33 10.62 -44.59
N ALA C 280 9.61 9.50 -44.72
CA ALA C 280 10.10 8.25 -44.16
C ALA C 280 11.39 7.80 -44.83
N LYS C 281 11.47 7.95 -46.16
CA LYS C 281 12.71 7.62 -46.86
C LYS C 281 13.86 8.49 -46.39
N GLY C 282 13.60 9.79 -46.20
CA GLY C 282 14.65 10.68 -45.73
C GLY C 282 15.12 10.35 -44.33
N VAL C 283 14.19 10.00 -43.43
CA VAL C 283 14.56 9.75 -42.04
C VAL C 283 15.16 8.36 -41.85
N LEU C 284 14.83 7.40 -42.70
CA LEU C 284 15.29 6.03 -42.55
C LEU C 284 16.55 5.72 -43.34
N ASN C 285 17.15 6.72 -43.98
CA ASN C 285 18.37 6.54 -44.78
C ASN C 285 18.15 5.51 -45.89
N GLY C 286 16.98 5.54 -46.52
CA GLY C 286 16.69 4.63 -47.61
C GLY C 286 17.34 5.06 -48.91
N ASN C 287 17.18 4.21 -49.93
CA ASN C 287 17.71 4.49 -51.25
C ASN C 287 16.75 4.15 -52.39
N LEU C 288 15.52 3.75 -52.09
CA LEU C 288 14.55 3.45 -53.13
C LEU C 288 13.15 3.56 -52.55
N ALA C 289 12.26 4.23 -53.27
CA ALA C 289 10.87 4.37 -52.82
C ALA C 289 10.02 4.74 -54.02
N LYS C 290 9.09 3.86 -54.39
CA LYS C 290 8.19 4.11 -55.51
C LYS C 290 6.77 3.81 -55.10
N ALA C 291 5.83 4.54 -55.71
CA ALA C 291 4.41 4.39 -55.43
C ALA C 291 3.64 4.29 -56.73
N TYR C 292 2.51 3.58 -56.67
CA TYR C 292 1.64 3.39 -57.81
C TYR C 292 0.19 3.48 -57.33
N VAL C 293 -0.63 4.20 -58.09
CA VAL C 293 -2.00 4.52 -57.70
C VAL C 293 -2.93 4.13 -58.83
N ILE C 294 -4.07 3.54 -58.47
CA ILE C 294 -5.13 3.22 -59.42
C ILE C 294 -6.44 3.73 -58.85
N ASN C 295 -7.14 4.57 -59.62
CA ASN C 295 -8.44 5.12 -59.25
C ASN C 295 -9.39 4.95 -60.41
N ASN C 296 -10.59 4.46 -60.13
CA ASN C 296 -11.61 4.28 -61.15
C ASN C 296 -12.92 4.96 -60.75
N THR C 306 1.83 8.81 -60.45
CA THR C 306 1.57 7.86 -61.52
C THR C 306 0.18 7.26 -61.38
N VAL C 307 -0.54 7.17 -62.50
CA VAL C 307 -1.88 6.60 -62.54
C VAL C 307 -1.95 5.61 -63.70
N LEU C 308 -2.51 4.44 -63.46
CA LEU C 308 -2.66 3.40 -64.46
C LEU C 308 -4.15 3.12 -64.70
N SER C 309 -4.42 2.12 -65.53
CA SER C 309 -5.77 1.77 -65.91
C SER C 309 -6.19 0.39 -65.42
N THR C 310 -5.38 -0.64 -65.67
CA THR C 310 -5.73 -2.01 -65.33
C THR C 310 -4.66 -2.61 -64.42
N VAL C 311 -5.08 -3.62 -63.64
CA VAL C 311 -4.17 -4.27 -62.71
C VAL C 311 -3.07 -5.02 -63.43
N GLU C 312 -3.35 -5.48 -64.66
CA GLU C 312 -2.32 -6.19 -65.43
C GLU C 312 -1.12 -5.31 -65.71
N ASP C 313 -1.36 -4.04 -66.06
CA ASP C 313 -0.25 -3.11 -66.26
C ASP C 313 0.54 -2.90 -64.98
N LEU C 314 -0.16 -2.81 -63.84
CA LEU C 314 0.52 -2.68 -62.56
C LEU C 314 1.40 -3.88 -62.28
N VAL C 315 0.88 -5.08 -62.54
CA VAL C 315 1.65 -6.30 -62.31
C VAL C 315 2.88 -6.33 -63.22
N VAL C 316 2.71 -5.95 -64.49
CA VAL C 316 3.83 -5.93 -65.42
C VAL C 316 4.90 -4.93 -64.96
N LYS C 317 4.47 -3.74 -64.53
CA LYS C 317 5.41 -2.74 -64.05
C LYS C 317 6.15 -3.23 -62.81
N LEU C 318 5.44 -3.88 -61.89
CA LEU C 318 6.07 -4.41 -60.70
C LEU C 318 7.10 -5.49 -61.04
N GLU C 319 6.76 -6.35 -62.01
CA GLU C 319 7.73 -7.36 -62.46
C GLU C 319 8.96 -6.71 -63.07
N GLU C 320 8.76 -5.69 -63.90
CA GLU C 320 9.88 -5.05 -64.58
C GLU C 320 10.79 -4.33 -63.60
N GLU C 321 10.21 -3.58 -62.67
CA GLU C 321 11.00 -2.78 -61.74
C GLU C 321 11.31 -3.55 -60.46
N MET D 1 -17.88 13.36 38.44
CA MET D 1 -17.00 12.46 37.69
C MET D 1 -17.47 12.31 36.25
N ILE D 2 -16.56 11.92 35.38
CA ILE D 2 -16.85 11.71 33.96
C ILE D 2 -16.36 10.33 33.57
N SER D 3 -17.24 9.52 33.00
CA SER D 3 -16.87 8.18 32.57
C SER D 3 -17.24 8.00 31.10
N GLY D 4 -16.59 7.07 30.43
CA GLY D 4 -16.83 6.89 29.01
C GLY D 4 -16.53 5.50 28.52
N SER D 5 -17.26 5.10 27.47
CA SER D 5 -17.01 3.88 26.72
C SER D 5 -16.96 4.24 25.25
N VAL D 6 -15.94 3.73 24.55
CA VAL D 6 -15.61 4.17 23.19
C VAL D 6 -15.32 2.95 22.34
N ARG D 7 -15.77 2.98 21.09
CA ARG D 7 -15.60 1.88 20.14
C ARG D 7 -14.90 2.40 18.89
N PHE D 8 -13.67 1.92 18.66
CA PHE D 8 -12.84 2.35 17.53
C PHE D 8 -12.74 1.25 16.47
N LEU D 9 -12.36 1.68 15.26
CA LEU D 9 -12.10 0.78 14.14
C LEU D 9 -10.78 1.18 13.51
N VAL D 10 -9.83 0.24 13.43
CA VAL D 10 -8.46 0.55 13.04
C VAL D 10 -8.00 -0.45 11.99
N ASN D 11 -7.24 0.03 11.01
CA ASN D 11 -6.76 -0.79 9.91
C ASN D 11 -5.26 -0.61 9.67
N LEU D 12 -4.58 -1.71 9.37
CA LEU D 12 -3.16 -1.74 9.04
C LEU D 12 -2.34 -0.99 10.11
N GLU D 13 -2.34 -1.62 11.28
CA GLU D 13 -1.97 -1.01 12.53
C GLU D 13 -0.85 -1.75 13.24
N SER D 14 0.06 -1.00 13.84
CA SER D 14 0.99 -1.56 14.82
C SER D 14 1.39 -0.43 15.77
N LEU D 15 0.70 -0.33 16.90
CA LEU D 15 1.01 0.69 17.89
C LEU D 15 1.60 0.12 19.18
N ASN D 16 1.85 -1.19 19.23
CA ASN D 16 2.39 -1.79 20.45
C ASN D 16 3.22 -3.01 20.04
N GLY D 17 4.54 -2.84 20.00
CA GLY D 17 5.44 -3.95 19.78
C GLY D 17 5.77 -4.68 21.06
N VAL D 18 6.51 -5.78 20.93
CA VAL D 18 6.97 -6.57 22.05
C VAL D 18 8.35 -7.14 21.69
N GLU D 19 8.96 -7.86 22.63
CA GLU D 19 10.30 -8.42 22.45
C GLU D 19 10.42 -9.12 21.11
N SER D 20 11.31 -8.60 20.26
CA SER D 20 11.47 -9.15 18.92
C SER D 20 12.26 -10.45 18.96
N ILE D 21 11.87 -11.39 18.11
CA ILE D 21 12.54 -12.68 17.97
C ILE D 21 13.21 -12.70 16.61
N GLY D 22 14.53 -12.91 16.60
CA GLY D 22 15.27 -12.89 15.36
C GLY D 22 15.23 -11.52 14.69
N ASN D 23 14.50 -11.41 13.60
CA ASN D 23 14.32 -10.15 12.89
C ASN D 23 12.84 -9.88 12.66
N LEU D 24 12.01 -10.24 13.64
CA LEU D 24 10.57 -10.12 13.55
C LEU D 24 10.05 -9.40 14.78
N THR D 25 9.20 -8.40 14.57
CA THR D 25 8.55 -7.67 15.65
C THR D 25 7.12 -8.18 15.80
N LYS D 26 6.77 -8.62 17.00
CA LYS D 26 5.48 -9.25 17.25
C LYS D 26 4.54 -8.28 17.96
N HIS D 27 3.25 -8.44 17.69
CA HIS D 27 2.21 -7.65 18.32
C HIS D 27 1.89 -8.20 19.70
N ARG D 28 1.28 -7.36 20.53
CA ARG D 28 0.79 -7.82 21.83
C ARG D 28 -0.57 -8.47 21.67
N THR D 29 -0.75 -9.65 22.25
CA THR D 29 -1.96 -10.43 22.08
C THR D 29 -2.38 -11.05 23.41
N ALA D 30 -3.66 -11.43 23.48
CA ALA D 30 -4.25 -12.00 24.67
C ALA D 30 -5.16 -13.16 24.32
N PRO D 31 -5.31 -14.14 25.22
CA PRO D 31 -6.17 -15.29 24.94
C PRO D 31 -7.61 -15.07 25.38
N VAL D 32 -8.54 -15.53 24.55
CA VAL D 32 -9.96 -15.51 24.85
C VAL D 32 -10.55 -16.87 24.52
N VAL D 33 -11.72 -17.15 25.09
CA VAL D 33 -12.44 -18.39 24.87
C VAL D 33 -13.71 -18.10 24.09
N LEU D 34 -13.87 -18.78 22.97
CA LEU D 34 -15.07 -18.70 22.14
C LEU D 34 -15.82 -20.01 22.23
N LYS D 35 -17.09 -19.94 22.61
CA LYS D 35 -17.90 -21.14 22.79
C LYS D 35 -18.59 -21.49 21.48
N THR D 36 -18.56 -22.78 21.13
CA THR D 36 -19.20 -23.30 19.93
C THR D 36 -20.10 -24.47 20.32
N SER D 37 -20.93 -24.88 19.37
CA SER D 37 -21.78 -26.04 19.59
C SER D 37 -20.94 -27.30 19.80
N THR D 38 -19.87 -27.45 19.02
CA THR D 38 -18.97 -28.58 19.21
C THR D 38 -18.26 -28.50 20.55
N GLY D 39 -17.87 -27.30 20.98
CA GLY D 39 -17.15 -27.14 22.22
C GLY D 39 -16.62 -25.73 22.43
N TYR D 40 -15.34 -25.63 22.79
CA TYR D 40 -14.72 -24.35 23.08
C TYR D 40 -13.43 -24.21 22.28
N LEU D 41 -13.05 -22.96 22.02
CA LEU D 41 -11.80 -22.65 21.34
C LEU D 41 -11.07 -21.56 22.11
N VAL D 42 -9.74 -21.62 22.09
CA VAL D 42 -8.89 -20.61 22.71
C VAL D 42 -8.23 -19.85 21.58
N ARG D 43 -8.69 -18.62 21.35
CA ARG D 43 -8.12 -17.76 20.31
C ARG D 43 -7.15 -16.77 20.93
N TYR D 44 -6.19 -16.32 20.12
CA TYR D 44 -5.25 -15.29 20.52
C TYR D 44 -5.53 -14.05 19.69
N VAL D 45 -5.85 -12.94 20.36
CA VAL D 45 -6.41 -11.77 19.69
C VAL D 45 -5.58 -10.54 20.06
N PRO D 46 -5.31 -9.64 19.12
CA PRO D 46 -4.49 -8.47 19.43
C PRO D 46 -5.15 -7.53 20.43
N VAL D 47 -4.31 -6.92 21.28
CA VAL D 47 -4.74 -5.93 22.25
C VAL D 47 -3.74 -4.78 22.24
N ILE D 48 -4.17 -3.65 22.79
CA ILE D 48 -3.30 -2.49 23.01
C ILE D 48 -3.31 -2.17 24.51
N SER D 49 -2.13 -2.07 25.09
CA SER D 49 -2.02 -1.89 26.54
C SER D 49 -2.53 -0.50 26.94
N GLY D 50 -2.55 -0.28 28.26
CA GLY D 50 -3.09 0.95 28.80
C GLY D 50 -2.03 1.94 29.26
N GLU D 51 -0.77 1.52 29.29
CA GLU D 51 0.30 2.42 29.71
C GLU D 51 0.65 3.39 28.58
N ALA D 52 0.58 2.94 27.33
CA ALA D 52 0.84 3.82 26.20
C ALA D 52 -0.17 4.96 26.15
N LEU D 53 -1.44 4.65 26.42
CA LEU D 53 -2.46 5.70 26.45
C LEU D 53 -2.17 6.71 27.55
N ALA D 54 -1.70 6.24 28.71
CA ALA D 54 -1.34 7.15 29.79
C ALA D 54 -0.18 8.05 29.38
N HIS D 55 0.82 7.49 28.70
CA HIS D 55 1.94 8.30 28.24
C HIS D 55 1.48 9.37 27.25
N ALA D 56 0.61 8.99 26.31
CA ALA D 56 0.11 9.97 25.34
C ALA D 56 -0.68 11.08 26.03
N TYR D 57 -1.54 10.70 26.99
CA TYR D 57 -2.32 11.69 27.71
C TYR D 57 -1.42 12.64 28.49
N GLN D 58 -0.39 12.10 29.15
CA GLN D 58 0.50 12.95 29.93
C GLN D 58 1.32 13.87 29.04
N ALA D 59 1.75 13.39 27.86
CA ALA D 59 2.46 14.26 26.93
C ALA D 59 1.56 15.41 26.46
N SER D 60 0.31 15.11 26.11
CA SER D 60 -0.59 16.17 25.68
C SER D 60 -0.83 17.17 26.81
N LEU D 61 -0.96 16.67 28.04
CA LEU D 61 -1.12 17.57 29.17
C LEU D 61 0.11 18.44 29.36
N VAL D 62 1.31 17.89 29.15
CA VAL D 62 2.53 18.69 29.25
C VAL D 62 2.49 19.82 28.24
N ASP D 63 2.14 19.50 27.00
CA ASP D 63 2.09 20.54 25.96
C ASP D 63 1.10 21.64 26.31
N ILE D 64 -0.12 21.26 26.72
CA ILE D 64 -1.14 22.26 27.00
C ILE D 64 -0.76 23.09 28.23
N ALA D 65 -0.21 22.45 29.25
CA ALA D 65 0.19 23.16 30.47
C ALA D 65 1.29 24.18 30.17
N LYS D 66 2.29 23.79 29.39
CA LYS D 66 3.33 24.74 29.04
C LYS D 66 2.82 25.84 28.12
N LYS D 67 1.77 25.58 27.34
CA LYS D 67 1.22 26.63 26.49
C LYS D 67 0.35 27.63 27.25
N GLU D 68 -0.40 27.19 28.25
CA GLU D 68 -1.30 28.11 28.96
C GLU D 68 -0.67 28.79 30.17
N GLY D 69 0.58 28.45 30.51
CA GLY D 69 1.28 29.14 31.58
C GLY D 69 1.32 28.41 32.91
N LEU D 70 0.78 27.20 33.00
CA LEU D 70 0.85 26.46 34.24
C LEU D 70 2.27 25.98 34.49
N PRO D 71 2.65 25.81 35.76
CA PRO D 71 4.00 25.33 36.06
C PRO D 71 4.19 23.87 35.64
N VAL D 72 5.35 23.59 35.06
CA VAL D 72 5.72 22.25 34.64
C VAL D 72 7.12 21.95 35.17
N GLY D 73 7.32 20.73 35.67
CA GLY D 73 8.59 20.39 36.30
C GLY D 73 9.73 20.39 35.31
N SER D 74 10.94 20.41 35.86
CA SER D 74 12.14 20.45 35.03
C SER D 74 12.28 19.19 34.19
N LEU D 75 12.20 18.02 34.82
CA LEU D 75 12.30 16.77 34.08
C LEU D 75 11.09 16.56 33.18
N SER D 76 9.89 16.85 33.69
CA SER D 76 8.67 16.64 32.91
C SER D 76 8.54 17.62 31.76
N SER D 77 9.34 18.69 31.73
CA SER D 77 9.40 19.52 30.53
C SER D 77 9.94 18.70 29.36
N GLN D 78 10.98 17.91 29.59
CA GLN D 78 11.32 16.82 28.71
C GLN D 78 10.30 15.69 28.90
N TYR D 79 10.16 14.86 27.88
CA TYR D 79 9.15 13.81 27.97
C TYR D 79 9.69 12.56 28.65
N GLU D 80 10.23 12.77 29.84
CA GLU D 80 10.73 11.70 30.72
C GLU D 80 9.87 11.74 31.98
N PHE D 81 8.77 10.99 31.96
CA PHE D 81 7.82 11.04 33.06
C PHE D 81 8.25 10.15 34.23
N ILE D 82 9.47 10.35 34.71
CA ILE D 82 9.89 9.64 35.92
C ILE D 82 9.12 10.17 37.13
N LYS D 83 8.76 11.45 37.11
CA LYS D 83 8.11 12.13 38.24
C LYS D 83 9.00 12.10 39.47
N PHE D 84 8.58 12.76 40.54
CA PHE D 84 9.43 12.95 41.71
C PHE D 84 9.40 11.67 42.55
N SER D 85 10.02 10.63 41.98
CA SER D 85 9.97 9.29 42.55
C SER D 85 11.24 8.87 43.28
N THR D 86 12.40 9.40 42.90
CA THR D 86 13.66 9.03 43.51
C THR D 86 14.38 10.28 44.01
N ASP D 87 15.45 10.06 44.78
CA ASP D 87 16.20 11.17 45.34
C ASP D 87 16.86 12.01 44.26
N GLU D 88 17.32 11.38 43.18
CA GLU D 88 17.97 12.12 42.11
C GLU D 88 17.00 13.09 41.43
N ALA D 89 15.76 12.66 41.22
CA ALA D 89 14.77 13.55 40.61
C ALA D 89 14.50 14.76 41.51
N LEU D 90 14.39 14.52 42.82
CA LEU D 90 14.18 15.63 43.76
C LEU D 90 15.37 16.59 43.75
N LYS D 91 16.58 16.05 43.72
CA LYS D 91 17.77 16.89 43.69
C LYS D 91 17.82 17.72 42.41
N ILE D 92 17.44 17.12 41.28
CA ILE D 92 17.40 17.86 40.02
C ILE D 92 16.37 18.98 40.10
N GLU D 93 15.18 18.66 40.63
CA GLU D 93 14.11 19.65 40.66
C GLU D 93 14.34 20.68 41.77
N GLY D 94 14.88 20.25 42.90
CA GLY D 94 15.17 21.18 43.98
C GLY D 94 14.10 21.25 45.06
N ILE D 95 13.65 20.10 45.52
CA ILE D 95 12.64 20.01 46.58
C ILE D 95 13.20 19.18 47.72
N LYS D 96 13.02 19.66 48.94
CA LYS D 96 13.46 18.92 50.11
C LYS D 96 12.58 17.70 50.35
N GLU D 97 13.18 16.62 50.81
CA GLU D 97 12.43 15.41 51.11
C GLU D 97 11.61 15.59 52.39
N PRO D 98 10.46 14.92 52.50
CA PRO D 98 9.68 15.01 53.73
C PRO D 98 10.43 14.43 54.91
N LYS D 99 10.20 15.01 56.09
CA LYS D 99 10.92 14.58 57.29
C LYS D 99 10.20 13.43 57.98
N ASP D 100 8.90 13.60 58.27
CA ASP D 100 8.12 12.57 58.94
C ASP D 100 6.74 12.54 58.30
N TYR D 101 5.85 11.74 58.89
CA TYR D 101 4.49 11.62 58.36
C TYR D 101 3.73 12.94 58.44
N ASN D 102 3.91 13.67 59.53
CA ASN D 102 3.13 14.89 59.74
C ASN D 102 3.40 15.92 58.66
N ASP D 103 4.65 16.05 58.22
CA ASP D 103 4.99 16.98 57.16
C ASP D 103 4.58 16.48 55.78
N ALA D 104 4.11 15.24 55.67
CA ALA D 104 3.87 14.63 54.37
C ALA D 104 2.95 15.50 53.51
N ARG D 105 1.80 15.90 54.06
CA ARG D 105 0.89 16.77 53.34
C ARG D 105 1.63 17.99 52.81
N ARG D 106 2.37 18.67 53.68
CA ARG D 106 3.19 19.81 53.28
C ARG D 106 3.97 19.48 52.02
N PHE D 107 4.78 18.42 52.08
CA PHE D 107 5.61 18.05 50.94
C PHE D 107 4.76 17.93 49.68
N GLU D 108 3.65 17.20 49.79
CA GLU D 108 2.78 17.00 48.63
C GLU D 108 2.42 18.34 48.00
N VAL D 109 1.96 19.28 48.83
CA VAL D 109 1.53 20.57 48.30
C VAL D 109 2.67 21.22 47.52
N GLU D 110 3.88 21.18 48.08
CA GLU D 110 5.03 21.75 47.39
C GLU D 110 5.20 21.11 46.02
N VAL D 111 5.23 19.78 45.99
CA VAL D 111 5.27 19.06 44.72
C VAL D 111 4.10 19.48 43.85
N MET D 112 2.91 19.52 44.45
CA MET D 112 1.70 19.84 43.72
C MET D 112 1.73 21.25 43.15
N LEU D 113 2.61 22.10 43.65
CA LEU D 113 2.77 23.44 43.12
C LEU D 113 3.83 23.53 42.03
N LYS D 114 4.86 22.69 42.09
CA LYS D 114 5.94 22.78 41.11
C LYS D 114 5.54 22.18 39.77
N ASP D 115 4.77 21.10 39.79
CA ASP D 115 4.47 20.35 38.58
C ASP D 115 2.97 20.11 38.48
N VAL D 116 2.44 20.25 37.27
CA VAL D 116 1.03 19.95 37.03
C VAL D 116 0.83 18.47 36.76
N ILE D 117 1.78 17.83 36.06
CA ILE D 117 1.66 16.42 35.74
C ILE D 117 1.63 15.58 37.01
N ALA D 118 2.40 15.97 38.02
CA ALA D 118 2.41 15.24 39.29
C ALA D 118 1.07 15.32 40.00
N ASP D 119 0.20 16.25 39.62
CA ASP D 119 -1.11 16.36 40.25
C ASP D 119 -2.14 15.52 39.52
N VAL D 120 -2.37 15.80 38.24
CA VAL D 120 -3.37 15.07 37.47
C VAL D 120 -2.92 13.62 37.24
N GLY D 121 -1.66 13.45 36.86
CA GLY D 121 -1.18 12.10 36.57
C GLY D 121 -0.91 11.29 37.83
N GLY D 122 -0.69 11.96 38.94
CA GLY D 122 -0.40 11.22 40.17
C GLY D 122 1.04 10.79 40.24
N PHE D 123 1.53 10.65 41.47
CA PHE D 123 2.92 10.29 41.69
C PHE D 123 3.00 9.36 42.89
N MET D 124 4.18 8.76 43.06
CA MET D 124 4.49 8.00 44.26
C MET D 124 5.97 8.18 44.57
N TYR D 125 6.29 8.40 45.84
CA TYR D 125 7.66 8.59 46.28
C TYR D 125 8.00 7.52 47.30
N ALA D 126 9.01 6.70 46.98
CA ALA D 126 9.44 5.63 47.86
C ALA D 126 10.63 6.10 48.69
N GLY D 127 10.57 5.87 50.00
CA GLY D 127 11.62 6.32 50.88
C GLY D 127 11.27 6.07 52.33
N GLY D 128 11.92 6.81 53.22
CA GLY D 128 11.68 6.65 54.65
C GLY D 128 10.26 6.98 55.05
N ALA D 129 9.67 8.00 54.44
CA ALA D 129 8.29 8.40 54.70
C ALA D 129 7.56 8.45 53.36
N PRO D 130 7.06 7.31 52.90
CA PRO D 130 6.43 7.27 51.56
C PRO D 130 5.21 8.18 51.48
N VAL D 131 5.08 8.83 50.33
CA VAL D 131 3.92 9.68 50.04
C VAL D 131 3.33 9.20 48.72
N ARG D 132 2.04 8.89 48.72
CA ARG D 132 1.37 8.34 47.56
C ARG D 132 0.22 9.22 47.11
N ARG D 133 -0.13 9.10 45.84
CA ARG D 133 -1.24 9.85 45.27
C ARG D 133 -1.70 9.12 44.03
N THR D 134 -2.99 8.80 43.96
CA THR D 134 -3.53 8.04 42.84
C THR D 134 -3.83 8.96 41.66
N SER D 135 -3.66 8.44 40.45
CA SER D 135 -3.96 9.21 39.26
C SER D 135 -5.43 9.59 39.22
N ARG D 136 -5.72 10.76 38.66
CA ARG D 136 -7.09 11.22 38.50
C ARG D 136 -7.73 10.75 37.21
N ILE D 137 -6.99 10.04 36.36
CA ILE D 137 -7.54 9.46 35.14
C ILE D 137 -7.16 7.99 35.10
N LYS D 138 -8.12 7.14 34.75
CA LYS D 138 -7.94 5.70 34.70
C LYS D 138 -8.37 5.20 33.33
N LEU D 139 -7.52 4.39 32.72
CA LEU D 139 -7.71 3.89 31.36
C LEU D 139 -7.49 2.39 31.32
N GLY D 140 -8.32 1.69 30.55
CA GLY D 140 -8.26 0.25 30.45
C GLY D 140 -7.70 -0.22 29.12
N TYR D 141 -7.42 -1.52 29.06
CA TYR D 141 -6.86 -2.12 27.86
C TYR D 141 -7.80 -1.98 26.68
N MET D 142 -7.21 -1.86 25.50
CA MET D 142 -7.97 -1.78 24.25
C MET D 142 -8.07 -3.19 23.69
N ILE D 143 -9.25 -3.80 23.83
CA ILE D 143 -9.50 -5.17 23.42
C ILE D 143 -10.70 -5.17 22.48
N PRO D 144 -10.66 -5.92 21.37
CA PRO D 144 -11.77 -5.87 20.42
C PRO D 144 -13.05 -6.46 20.99
N ALA D 145 -14.11 -6.34 20.20
CA ALA D 145 -15.46 -6.68 20.67
C ALA D 145 -15.72 -8.16 20.50
N LEU D 146 -15.95 -8.84 21.61
CA LEU D 146 -16.39 -10.24 21.60
C LEU D 146 -17.91 -10.28 21.47
N ARG D 147 -18.38 -9.85 20.30
CA ARG D 147 -19.80 -9.75 20.01
C ARG D 147 -20.16 -10.76 18.92
N GLY D 148 -21.25 -11.50 19.16
CA GLY D 148 -21.68 -12.46 18.16
C GLY D 148 -20.83 -13.72 18.18
N ASP D 149 -20.84 -14.42 17.05
CA ASP D 149 -20.17 -15.71 16.92
C ASP D 149 -18.81 -15.60 16.25
N GLU D 150 -18.32 -14.38 16.00
CA GLU D 150 -17.05 -14.18 15.31
C GLU D 150 -16.24 -13.11 16.03
N ILE D 151 -14.93 -13.16 15.83
CA ILE D 151 -14.03 -12.14 16.36
C ILE D 151 -13.46 -11.35 15.20
N PRO D 152 -13.93 -10.12 14.96
CA PRO D 152 -13.38 -9.33 13.84
C PRO D 152 -12.01 -8.76 14.15
N ALA D 153 -10.99 -9.61 14.12
CA ALA D 153 -9.62 -9.18 14.40
C ALA D 153 -8.66 -10.12 13.71
N GLN D 154 -7.75 -9.58 12.91
CA GLN D 154 -6.80 -10.39 12.16
C GLN D 154 -5.41 -9.80 12.32
N LEU D 155 -4.40 -10.66 12.15
CA LEU D 155 -3.01 -10.29 12.39
C LEU D 155 -2.13 -11.06 11.43
N GLU D 156 -1.23 -10.36 10.72
CA GLU D 156 -0.34 -10.99 9.76
C GLU D 156 1.06 -10.44 9.94
N ALA D 157 2.01 -10.97 9.17
CA ALA D 157 3.39 -10.51 9.20
C ALA D 157 3.81 -10.11 7.78
N GLN D 158 4.63 -9.05 7.69
CA GLN D 158 5.02 -8.48 6.42
C GLN D 158 6.55 -8.36 6.35
N PHE D 159 7.04 -8.31 5.11
CA PHE D 159 8.44 -8.52 4.76
C PHE D 159 9.02 -7.22 4.21
N HIS D 160 10.13 -6.75 4.80
CA HIS D 160 10.78 -5.52 4.37
C HIS D 160 12.27 -5.75 4.23
N VAL D 161 12.89 -5.02 3.30
CA VAL D 161 14.30 -5.18 2.95
C VAL D 161 14.95 -3.81 2.82
N ARG D 162 16.19 -3.70 3.31
CA ARG D 162 17.01 -2.52 3.09
C ARG D 162 17.94 -2.76 1.90
N PHE D 163 17.96 -1.80 0.97
CA PHE D 163 18.67 -1.95 -0.28
C PHE D 163 20.06 -1.32 -0.17
N SER D 164 21.06 -2.00 -0.73
CA SER D 164 22.44 -1.54 -0.67
C SER D 164 23.16 -1.98 -1.94
N ASN D 165 24.31 -1.35 -2.19
CA ASN D 165 25.10 -1.64 -3.39
C ASN D 165 26.26 -2.58 -3.13
N LYS D 166 26.55 -2.90 -1.87
CA LYS D 166 27.61 -3.86 -1.51
C LYS D 166 27.02 -4.89 -0.57
N PRO D 167 26.24 -5.84 -1.09
CA PRO D 167 25.60 -6.83 -0.22
C PRO D 167 26.62 -7.66 0.54
N VAL D 168 26.29 -7.97 1.79
CA VAL D 168 27.17 -8.77 2.64
C VAL D 168 26.38 -9.89 3.29
N ALA D 173 19.83 -7.22 6.58
CA ALA D 173 19.20 -6.29 5.63
C ALA D 173 17.76 -6.70 5.34
N ILE D 174 17.22 -7.58 6.19
CA ILE D 174 15.86 -8.09 6.04
C ILE D 174 15.20 -8.05 7.42
N PHE D 175 13.96 -7.57 7.46
CA PHE D 175 13.21 -7.58 8.72
C PHE D 175 11.73 -7.82 8.43
N ASN D 176 11.01 -8.23 9.47
CA ASN D 176 9.60 -8.57 9.38
C ASN D 176 8.85 -7.87 10.48
N VAL D 177 7.66 -7.38 10.16
CA VAL D 177 6.84 -6.62 11.10
C VAL D 177 5.40 -7.13 11.05
N GLU D 178 4.80 -7.37 12.20
CA GLU D 178 3.42 -7.82 12.27
C GLU D 178 2.46 -6.63 12.25
N VAL D 179 1.41 -6.76 11.45
CA VAL D 179 0.40 -5.73 11.26
C VAL D 179 -0.96 -6.33 11.60
N SER D 180 -1.76 -5.60 12.38
CA SER D 180 -3.03 -6.06 12.88
C SER D 180 -4.16 -5.16 12.42
N SER D 181 -5.39 -5.68 12.48
CA SER D 181 -6.58 -4.91 12.18
C SER D 181 -7.73 -5.47 13.00
N ALA D 182 -8.43 -4.60 13.73
CA ALA D 182 -9.45 -5.05 14.66
C ALA D 182 -10.46 -3.94 14.92
N LEU D 183 -11.54 -4.33 15.62
CA LEU D 183 -12.57 -3.39 16.07
C LEU D 183 -12.39 -3.22 17.57
N TYR D 184 -11.63 -2.20 17.97
CA TYR D 184 -11.24 -2.05 19.37
C TYR D 184 -12.30 -1.32 20.17
N THR D 185 -12.33 -1.61 21.48
CA THR D 185 -13.23 -0.98 22.43
C THR D 185 -12.48 -0.71 23.73
N PHE D 186 -12.72 0.44 24.35
CA PHE D 186 -12.13 0.67 25.66
C PHE D 186 -12.98 1.67 26.44
N SER D 187 -12.76 1.70 27.75
CA SER D 187 -13.50 2.57 28.64
C SER D 187 -12.54 3.28 29.59
N PHE D 188 -12.97 4.45 30.08
CA PHE D 188 -12.10 5.31 30.87
C PHE D 188 -12.92 6.06 31.90
N GLU D 189 -12.20 6.55 32.92
CA GLU D 189 -12.81 7.30 34.03
C GLU D 189 -11.91 8.47 34.39
N LEU D 190 -12.52 9.61 34.73
CA LEU D 190 -11.77 10.80 35.11
C LEU D 190 -12.57 11.56 36.16
N ASP D 191 -12.00 11.77 37.33
CA ASP D 191 -12.67 12.44 38.44
C ASP D 191 -12.11 13.86 38.59
N GLU D 192 -12.71 14.79 37.85
CA GLU D 192 -12.27 16.18 37.87
C GLU D 192 -12.57 16.87 39.21
N ASP D 193 -13.43 16.29 40.04
CA ASP D 193 -13.78 16.92 41.30
C ASP D 193 -12.62 16.90 42.29
N LEU D 194 -11.71 15.94 42.15
CA LEU D 194 -10.59 15.78 43.07
C LEU D 194 -9.31 16.42 42.55
N ILE D 195 -9.35 17.06 41.38
CA ILE D 195 -8.16 17.71 40.84
C ILE D 195 -7.82 18.93 41.69
N ALA D 196 -6.52 19.15 41.88
CA ALA D 196 -6.00 20.26 42.68
C ALA D 196 -6.41 20.18 44.15
N VAL D 197 -6.75 19.00 44.63
CA VAL D 197 -7.14 18.76 46.02
C VAL D 197 -6.09 17.87 46.66
N PRO D 198 -5.52 18.24 47.81
CA PRO D 198 -4.59 17.36 48.50
C PRO D 198 -5.26 16.05 48.89
N SER D 199 -4.46 14.99 48.97
CA SER D 199 -4.97 13.65 49.21
C SER D 199 -4.39 13.06 50.49
N THR D 200 -4.38 13.85 51.56
CA THR D 200 -3.91 13.38 52.86
C THR D 200 -4.61 14.19 53.94
N PHE D 201 -4.95 13.53 55.05
CA PHE D 201 -5.58 14.21 56.16
C PHE D 201 -4.56 15.02 56.96
N GLY D 202 -4.96 16.22 57.35
CA GLY D 202 -4.11 17.08 58.14
C GLY D 202 -4.64 18.49 58.11
N GLU D 203 -3.98 19.34 58.90
CA GLU D 203 -4.33 20.76 58.92
C GLU D 203 -3.88 21.44 57.63
N LYS D 204 -4.61 22.48 57.26
CA LYS D 204 -4.27 23.21 56.04
C LYS D 204 -2.90 23.86 56.17
N VAL D 205 -2.11 23.76 55.11
CA VAL D 205 -0.74 24.27 55.08
C VAL D 205 -0.68 25.41 54.08
N LYS D 206 0.29 26.31 54.30
CA LYS D 206 0.45 27.46 53.43
C LYS D 206 0.71 27.05 52.00
N GLY D 207 0.16 27.79 51.06
CA GLY D 207 0.28 27.51 49.64
C GLY D 207 -0.97 26.93 49.01
N GLU D 208 -1.94 26.48 49.80
CA GLU D 208 -3.17 25.97 49.24
C GLU D 208 -4.02 27.05 48.60
N GLU D 209 -3.79 28.31 48.95
CA GLU D 209 -4.50 29.41 48.30
C GLU D 209 -4.12 29.51 46.83
N GLU D 210 -2.84 29.29 46.52
CA GLU D 210 -2.42 29.25 45.12
C GLU D 210 -3.09 28.10 44.38
N LEU D 211 -3.21 26.95 45.04
CA LEU D 211 -3.91 25.83 44.43
C LEU D 211 -5.38 26.17 44.17
N GLU D 212 -6.02 26.85 45.12
CA GLU D 212 -7.42 27.25 44.92
C GLU D 212 -7.53 28.22 43.75
N ARG D 213 -6.57 29.12 43.61
CA ARG D 213 -6.58 30.03 42.46
C ARG D 213 -6.41 29.28 41.14
N GLN D 214 -5.51 28.30 41.12
CA GLN D 214 -5.14 27.60 39.89
C GLN D 214 -6.05 26.41 39.58
N LYS D 215 -7.00 26.10 40.46
CA LYS D 215 -7.82 24.89 40.29
C LYS D 215 -8.63 24.92 39.00
N ALA D 216 -9.24 26.06 38.69
CA ALA D 216 -10.07 26.14 37.48
C ALA D 216 -9.25 25.88 36.23
N LYS D 217 -8.07 26.50 36.13
CA LYS D 217 -7.23 26.31 34.95
C LYS D 217 -6.69 24.89 34.89
N ARG D 218 -6.35 24.31 36.05
CA ARG D 218 -5.86 22.93 36.04
C ARG D 218 -6.93 21.96 35.59
N VAL D 219 -8.17 22.15 36.06
CA VAL D 219 -9.27 21.30 35.62
C VAL D 219 -9.52 21.47 34.13
N LYS D 220 -9.49 22.72 33.65
CA LYS D 220 -9.68 22.96 32.23
C LYS D 220 -8.62 22.28 31.39
N SER D 221 -7.35 22.34 31.82
CA SER D 221 -6.28 21.68 31.09
C SER D 221 -6.45 20.17 31.10
N ALA D 222 -6.82 19.60 32.25
CA ALA D 222 -7.02 18.16 32.33
C ALA D 222 -8.13 17.71 31.40
N ILE D 223 -9.22 18.47 31.33
CA ILE D 223 -10.30 18.14 30.41
C ILE D 223 -9.83 18.26 28.96
N LYS D 224 -9.06 19.31 28.66
CA LYS D 224 -8.58 19.50 27.29
C LYS D 224 -7.64 18.37 26.85
N ALA D 225 -6.91 17.78 27.80
CA ALA D 225 -5.99 16.71 27.45
C ALA D 225 -6.70 15.46 26.93
N LEU D 226 -8.01 15.34 27.13
CA LEU D 226 -8.75 14.17 26.65
C LEU D 226 -8.96 14.20 25.14
N TYR D 227 -8.88 15.39 24.53
CA TYR D 227 -9.11 15.51 23.09
C TYR D 227 -8.07 14.72 22.31
N SER D 228 -6.83 14.71 22.78
CA SER D 228 -5.79 13.96 22.08
C SER D 228 -6.07 12.46 22.09
N LEU D 229 -6.46 11.91 23.25
CA LEU D 229 -6.79 10.50 23.31
C LEU D 229 -8.00 10.18 22.44
N LEU D 230 -9.05 10.99 22.52
CA LEU D 230 -10.25 10.72 21.75
C LEU D 230 -10.08 11.01 20.26
N SER D 231 -8.99 11.65 19.86
CA SER D 231 -8.74 11.92 18.45
C SER D 231 -7.77 10.94 17.81
N GLY D 232 -7.06 10.14 18.60
CA GLY D 232 -6.16 9.14 18.03
C GLY D 232 -4.72 9.57 17.88
N ASN D 233 -4.13 10.10 18.94
CA ASN D 233 -2.73 10.54 18.90
C ASN D 233 -1.88 9.76 19.88
N PHE D 234 -2.07 8.44 19.93
CA PHE D 234 -1.35 7.58 20.86
C PHE D 234 -0.61 6.50 20.07
N GLY D 235 0.11 5.65 20.80
CA GLY D 235 0.77 4.52 20.19
C GLY D 235 2.21 4.79 19.79
N GLY D 236 2.70 3.94 18.88
CA GLY D 236 4.07 4.03 18.41
C GLY D 236 4.16 3.64 16.95
N LYS D 237 5.39 3.73 16.42
CA LYS D 237 5.68 3.42 15.02
C LYS D 237 4.79 4.20 14.07
N ARG D 238 4.51 5.46 14.42
CA ARG D 238 3.61 6.29 13.64
C ARG D 238 4.27 6.92 12.42
N SER D 239 5.61 6.91 12.35
CA SER D 239 6.29 7.59 11.24
C SER D 239 6.08 6.83 9.93
N ARG D 240 6.28 5.52 9.94
CA ARG D 240 6.13 4.71 8.74
C ARG D 240 4.86 3.88 8.72
N PHE D 241 4.29 3.55 9.88
CA PHE D 241 3.09 2.72 9.96
C PHE D 241 1.94 3.53 10.54
N LEU D 242 1.74 4.74 10.04
CA LEU D 242 0.66 5.59 10.50
C LEU D 242 -0.67 4.88 10.29
N PRO D 243 -1.46 4.66 11.34
CA PRO D 243 -2.70 3.89 11.20
C PRO D 243 -3.83 4.74 10.64
N SER D 244 -4.93 4.05 10.36
CA SER D 244 -6.18 4.68 9.96
C SER D 244 -7.22 4.40 11.03
N MET D 245 -7.85 5.47 11.54
CA MET D 245 -8.77 5.34 12.67
C MET D 245 -10.13 5.93 12.32
N LYS D 246 -11.16 5.39 12.97
CA LYS D 246 -12.51 5.91 12.82
C LYS D 246 -13.28 5.63 14.11
N LEU D 247 -14.24 6.51 14.40
CA LEU D 247 -15.06 6.42 15.60
C LEU D 247 -16.46 5.93 15.23
N MET D 248 -16.93 4.90 15.93
CA MET D 248 -18.23 4.32 15.67
C MET D 248 -19.25 4.68 16.75
N SER D 249 -18.96 4.38 18.01
CA SER D 249 -19.89 4.67 19.09
C SER D 249 -19.15 5.18 20.31
N LEU D 250 -19.80 6.08 21.04
CA LEU D 250 -19.20 6.66 22.24
C LEU D 250 -20.30 7.09 23.19
N VAL D 251 -20.19 6.68 24.46
CA VAL D 251 -21.11 7.11 25.50
C VAL D 251 -20.29 7.64 26.67
N VAL D 252 -20.47 8.92 27.00
CA VAL D 252 -19.79 9.55 28.12
C VAL D 252 -20.85 10.12 29.06
N THR D 253 -20.74 9.77 30.34
CA THR D 253 -21.71 10.16 31.35
C THR D 253 -21.02 11.06 32.38
N LYS D 254 -21.68 12.19 32.67
CA LYS D 254 -21.24 13.13 33.70
C LYS D 254 -22.20 13.03 34.87
N THR D 255 -21.68 12.65 36.04
CA THR D 255 -22.50 12.38 37.21
C THR D 255 -21.92 13.11 38.41
N ASP D 256 -22.53 12.88 39.57
CA ASP D 256 -22.06 13.39 40.85
C ASP D 256 -21.68 12.27 41.81
N PHE D 257 -21.85 11.01 41.40
CA PHE D 257 -21.62 9.82 42.21
C PHE D 257 -20.90 8.80 41.36
N PRO D 258 -20.21 7.85 41.99
CA PRO D 258 -19.48 6.83 41.20
C PRO D 258 -20.42 6.05 40.31
N PHE D 259 -20.00 5.84 39.06
CA PHE D 259 -20.78 5.17 38.04
C PHE D 259 -19.91 4.96 36.81
N MET D 260 -20.17 3.85 36.11
CA MET D 260 -19.47 3.54 34.87
C MET D 260 -20.40 2.80 33.91
N PRO D 261 -20.41 3.17 32.64
CA PRO D 261 -21.33 2.54 31.70
C PRO D 261 -20.94 1.10 31.40
N GLU D 262 -21.79 0.44 30.62
CA GLU D 262 -21.54 -0.94 30.23
C GLU D 262 -20.38 -1.02 29.24
N PRO D 263 -19.61 -2.11 29.29
CA PRO D 263 -18.55 -2.30 28.29
C PRO D 263 -19.12 -2.35 26.89
N ALA D 264 -18.35 -1.83 25.93
CA ALA D 264 -18.82 -1.77 24.55
C ALA D 264 -18.59 -3.09 23.83
N HIS D 265 -19.06 -4.19 24.41
CA HIS D 265 -18.95 -5.51 23.80
C HIS D 265 -20.25 -5.92 23.12
N ASP D 266 -21.36 -5.94 23.89
CA ASP D 266 -22.65 -6.23 23.29
C ASP D 266 -23.04 -5.14 22.30
N ASP D 267 -23.76 -5.54 21.26
CA ASP D 267 -24.21 -4.58 20.26
C ASP D 267 -25.22 -3.60 20.85
N ASP D 268 -25.80 -3.91 22.00
CA ASP D 268 -26.73 -3.03 22.70
C ASP D 268 -26.18 -2.79 24.11
N TYR D 269 -25.32 -1.79 24.24
CA TYR D 269 -24.79 -1.37 25.53
C TYR D 269 -25.12 0.08 25.84
N ILE D 270 -25.91 0.73 24.99
CA ILE D 270 -26.39 2.08 25.27
C ILE D 270 -27.67 2.06 26.09
N LYS D 271 -28.60 1.18 25.73
CA LYS D 271 -29.84 1.04 26.51
C LYS D 271 -29.54 0.59 27.94
N THR D 272 -28.69 -0.43 28.08
CA THR D 272 -28.43 -1.00 29.40
C THR D 272 -27.82 0.03 30.34
N THR D 273 -26.86 0.82 29.84
CA THR D 273 -26.25 1.81 30.71
C THR D 273 -27.23 2.93 31.07
N ILE D 274 -28.16 3.26 30.18
CA ILE D 274 -29.19 4.24 30.53
C ILE D 274 -30.06 3.72 31.66
N MET D 275 -30.49 2.45 31.56
CA MET D 275 -31.31 1.87 32.61
C MET D 275 -30.56 1.82 33.93
N ARG D 276 -29.29 1.39 33.89
CA ARG D 276 -28.50 1.30 35.11
C ARG D 276 -28.25 2.68 35.70
N LEU D 277 -28.04 3.69 34.85
CA LEU D 277 -27.87 5.05 35.34
C LEU D 277 -29.13 5.54 36.03
N GLY D 278 -30.29 5.27 35.44
CA GLY D 278 -31.55 5.66 36.08
C GLY D 278 -31.70 5.03 37.44
N LYS D 279 -31.46 3.71 37.54
CA LYS D 279 -31.60 3.02 38.81
C LYS D 279 -30.60 3.55 39.84
N ALA D 280 -29.34 3.74 39.44
CA ALA D 280 -28.33 4.19 40.38
C ALA D 280 -28.61 5.62 40.85
N LYS D 281 -29.02 6.50 39.95
CA LYS D 281 -29.37 7.86 40.35
C LYS D 281 -30.55 7.86 41.30
N GLY D 282 -31.55 7.02 41.04
CA GLY D 282 -32.67 6.92 41.95
C GLY D 282 -32.28 6.41 43.33
N VAL D 283 -31.37 5.45 43.38
CA VAL D 283 -31.04 4.81 44.66
C VAL D 283 -29.98 5.57 45.46
N LEU D 284 -29.15 6.38 44.81
CA LEU D 284 -28.05 7.06 45.48
C LEU D 284 -28.34 8.53 45.77
N ASN D 285 -29.55 8.99 45.46
CA ASN D 285 -29.95 10.38 45.69
C ASN D 285 -29.01 11.36 44.97
N GLY D 286 -28.95 11.21 43.66
CA GLY D 286 -28.15 12.08 42.81
C GLY D 286 -29.01 13.21 42.25
N ASN D 287 -28.37 14.35 42.01
CA ASN D 287 -29.06 15.53 41.51
C ASN D 287 -28.79 15.83 40.05
N LEU D 288 -27.57 15.55 39.57
CA LEU D 288 -27.22 15.77 38.18
C LEU D 288 -26.64 14.49 37.60
N ALA D 289 -27.13 14.10 36.42
CA ALA D 289 -26.58 12.95 35.70
C ALA D 289 -26.97 13.10 34.25
N LYS D 290 -25.98 13.37 33.40
CA LYS D 290 -26.22 13.60 31.97
C LYS D 290 -25.42 12.61 31.15
N ALA D 291 -25.94 12.29 29.97
CA ALA D 291 -25.32 11.33 29.07
C ALA D 291 -25.17 11.95 27.69
N TYR D 292 -23.98 11.82 27.11
CA TYR D 292 -23.69 12.27 25.76
C TYR D 292 -23.28 11.07 24.93
N VAL D 293 -23.91 10.91 23.76
CA VAL D 293 -23.68 9.74 22.91
C VAL D 293 -23.38 10.21 21.50
N ILE D 294 -22.30 9.68 20.93
CA ILE D 294 -21.97 9.83 19.52
C ILE D 294 -22.24 8.48 18.85
N ASN D 295 -23.11 8.50 17.85
CA ASN D 295 -23.60 7.30 17.20
C ASN D 295 -23.27 7.33 15.72
N ASN D 296 -22.48 6.35 15.26
CA ASN D 296 -22.12 6.25 13.86
C ASN D 296 -22.35 4.89 13.25
N GLU D 297 -22.45 3.82 14.05
CA GLU D 297 -22.66 2.47 13.52
C GLU D 297 -24.13 2.04 13.58
N GLY D 298 -25.05 2.97 13.84
CA GLY D 298 -26.46 2.70 13.75
C GLY D 298 -27.04 1.69 14.71
N ILE D 299 -26.68 1.80 15.99
CA ILE D 299 -27.21 0.93 17.02
C ILE D 299 -28.32 1.67 17.76
N GLU D 300 -29.11 0.93 18.52
CA GLU D 300 -30.23 1.51 19.25
C GLU D 300 -29.72 2.37 20.41
N VAL D 301 -30.40 3.50 20.65
CA VAL D 301 -29.97 4.48 21.65
C VAL D 301 -30.97 4.55 22.79
N GLY D 302 -32.22 4.93 22.51
CA GLY D 302 -33.23 5.12 23.53
C GLY D 302 -33.69 6.57 23.60
N GLU D 303 -34.17 6.95 24.78
CA GLU D 303 -34.67 8.31 25.02
C GLU D 303 -34.10 8.85 26.31
N GLY D 304 -33.93 10.17 26.36
CA GLY D 304 -33.32 10.81 27.50
C GLY D 304 -31.83 11.02 27.39
N VAL D 305 -31.31 11.23 26.19
CA VAL D 305 -29.88 11.33 25.94
C VAL D 305 -29.62 12.45 24.96
N THR D 306 -28.57 13.24 25.24
CA THR D 306 -28.13 14.27 24.32
C THR D 306 -27.31 13.64 23.20
N VAL D 307 -27.62 14.02 21.95
CA VAL D 307 -26.96 13.45 20.77
C VAL D 307 -26.03 14.50 20.19
N LEU D 308 -24.74 14.19 20.15
CA LEU D 308 -23.73 15.07 19.61
C LEU D 308 -23.32 14.62 18.21
N SER D 309 -22.30 15.27 17.65
CA SER D 309 -21.81 14.94 16.33
C SER D 309 -20.32 14.62 16.29
N THR D 310 -19.50 15.35 17.04
CA THR D 310 -18.04 15.16 17.02
C THR D 310 -17.53 15.12 18.45
N VAL D 311 -16.20 15.08 18.58
CA VAL D 311 -15.56 15.06 19.89
C VAL D 311 -15.32 16.47 20.42
N GLU D 312 -15.15 17.46 19.54
CA GLU D 312 -14.95 18.84 19.99
C GLU D 312 -16.18 19.34 20.74
N ASP D 313 -17.37 19.01 20.26
CA ASP D 313 -18.59 19.37 20.97
C ASP D 313 -18.62 18.71 22.35
N LEU D 314 -18.20 17.45 22.43
CA LEU D 314 -18.14 16.77 23.72
C LEU D 314 -17.19 17.48 24.67
N VAL D 315 -16.02 17.89 24.18
CA VAL D 315 -15.05 18.56 25.05
C VAL D 315 -15.59 19.90 25.50
N VAL D 316 -16.26 20.64 24.61
CA VAL D 316 -16.84 21.92 24.99
C VAL D 316 -17.89 21.73 26.07
N LYS D 317 -18.77 20.74 25.90
CA LYS D 317 -19.83 20.52 26.88
C LYS D 317 -19.26 20.05 28.22
N LEU D 318 -18.18 19.26 28.18
CA LEU D 318 -17.52 18.87 29.43
C LEU D 318 -16.91 20.08 30.13
N GLU D 319 -16.31 20.99 29.35
CA GLU D 319 -15.73 22.19 29.95
C GLU D 319 -16.79 23.08 30.57
N GLU D 320 -17.94 23.23 29.90
CA GLU D 320 -18.96 24.15 30.39
C GLU D 320 -19.47 23.74 31.77
N GLU D 321 -19.72 22.45 31.97
CA GLU D 321 -20.23 21.97 33.26
C GLU D 321 -19.09 21.73 34.23
N MET E 1 -28.00 -10.73 61.23
CA MET E 1 -27.10 -10.93 60.10
C MET E 1 -27.84 -10.74 58.77
N ILE E 2 -27.40 -9.76 57.99
CA ILE E 2 -28.00 -9.50 56.69
C ILE E 2 -26.97 -9.77 55.61
N TYR E 3 -27.46 -9.87 54.37
CA TYR E 3 -26.63 -10.23 53.24
C TYR E 3 -27.07 -9.44 52.01
N SER E 4 -26.16 -9.34 51.05
CA SER E 4 -26.40 -8.66 49.79
C SER E 4 -25.59 -9.35 48.69
N LYS E 5 -26.28 -9.74 47.62
CA LYS E 5 -25.65 -10.30 46.44
C LYS E 5 -25.45 -9.18 45.42
N VAL E 6 -24.30 -9.20 44.73
CA VAL E 6 -24.01 -8.23 43.69
C VAL E 6 -23.44 -8.94 42.47
N PHE E 7 -23.95 -8.57 41.30
CA PHE E 7 -23.48 -9.10 40.02
C PHE E 7 -22.62 -8.04 39.34
N LEU E 8 -21.42 -8.42 38.93
CA LEU E 8 -20.47 -7.51 38.32
C LEU E 8 -20.16 -7.95 36.89
N LYS E 9 -20.13 -7.00 35.98
CA LYS E 9 -19.74 -7.23 34.58
C LYS E 9 -18.37 -6.60 34.38
N LEU E 10 -17.32 -7.41 34.46
CA LEU E 10 -15.97 -6.91 34.30
C LEU E 10 -15.71 -6.47 32.86
N HIS E 11 -14.91 -5.42 32.71
CA HIS E 11 -14.67 -4.86 31.39
C HIS E 11 -13.70 -5.70 30.58
N TRP E 12 -12.47 -5.85 31.07
CA TRP E 12 -11.47 -6.66 30.38
C TRP E 12 -10.86 -7.75 31.25
N GLY E 13 -10.92 -7.63 32.56
CA GLY E 13 -10.39 -8.66 33.43
C GLY E 13 -9.99 -8.06 34.76
N PHE E 14 -9.12 -8.78 35.45
CA PHE E 14 -8.58 -8.32 36.73
C PHE E 14 -7.23 -8.98 36.93
N SER E 15 -6.42 -8.38 37.82
CA SER E 15 -5.08 -8.90 38.07
C SER E 15 -4.60 -8.37 39.41
N VAL E 16 -4.28 -9.27 40.34
CA VAL E 16 -3.66 -8.92 41.60
C VAL E 16 -2.41 -9.79 41.74
N VAL E 17 -1.25 -9.16 41.75
CA VAL E 17 0.01 -9.90 41.75
C VAL E 17 0.33 -10.36 43.16
N LYS E 18 1.01 -11.50 43.25
CA LYS E 18 1.31 -12.11 44.53
C LYS E 18 2.39 -11.33 45.27
N PRO E 19 2.40 -11.40 46.59
CA PRO E 19 3.50 -10.77 47.35
C PRO E 19 4.79 -11.56 47.18
N LEU E 20 5.90 -10.89 47.50
CA LEU E 20 7.24 -11.45 47.39
C LEU E 20 7.52 -11.94 45.96
N ALA E 24 9.55 -12.25 37.90
CA ALA E 24 8.62 -13.31 38.28
C ALA E 24 7.45 -12.73 39.08
N LYS E 25 6.33 -12.50 38.40
CA LYS E 25 5.14 -11.92 39.02
C LYS E 25 3.91 -12.72 38.62
N PRO E 26 3.70 -13.89 39.21
CA PRO E 26 2.46 -14.64 38.95
C PRO E 26 1.26 -14.00 39.63
N GLY E 27 0.08 -14.26 39.09
CA GLY E 27 -1.15 -13.69 39.59
C GLY E 27 -2.02 -14.70 40.32
N PHE E 28 -3.16 -14.20 40.79
CA PHE E 28 -4.15 -15.01 41.50
C PHE E 28 -5.29 -15.38 40.57
N TYR E 29 -5.79 -16.60 40.72
CA TYR E 29 -6.92 -17.04 39.89
C TYR E 29 -8.18 -16.26 40.21
N LEU E 30 -8.44 -16.01 41.49
CA LEU E 30 -9.59 -15.25 41.95
C LEU E 30 -9.15 -14.20 42.96
N PRO E 31 -9.81 -13.04 42.99
CA PRO E 31 -9.39 -11.99 43.91
C PRO E 31 -9.60 -12.39 45.35
N PRO E 32 -8.66 -12.09 46.24
CA PRO E 32 -8.84 -12.39 47.65
C PRO E 32 -9.91 -11.51 48.28
N PRO E 33 -10.41 -11.86 49.45
CA PRO E 33 -11.45 -11.03 50.09
C PRO E 33 -11.01 -9.61 50.40
N THR E 34 -9.72 -9.38 50.66
CA THR E 34 -9.25 -8.04 51.00
C THR E 34 -9.52 -7.06 49.87
N THR E 35 -9.30 -7.48 48.63
CA THR E 35 -9.61 -6.63 47.48
C THR E 35 -11.10 -6.32 47.43
N LEU E 36 -11.95 -7.32 47.72
CA LEU E 36 -13.39 -7.08 47.71
C LEU E 36 -13.79 -6.07 48.76
N ILE E 37 -13.23 -6.19 49.96
CA ILE E 37 -13.56 -5.26 51.05
C ILE E 37 -13.10 -3.85 50.69
N GLY E 38 -11.92 -3.73 50.08
CA GLY E 38 -11.47 -2.42 49.64
C GLY E 38 -12.35 -1.82 48.56
N ALA E 39 -12.78 -2.64 47.60
CA ALA E 39 -13.68 -2.15 46.56
C ALA E 39 -14.99 -1.69 47.17
N LEU E 40 -15.45 -2.36 48.23
CA LEU E 40 -16.64 -1.88 48.94
C LEU E 40 -16.37 -0.55 49.64
N SER E 41 -15.23 -0.44 50.34
CA SER E 41 -14.91 0.76 51.10
C SER E 41 -14.68 1.97 50.21
N TYR E 42 -14.38 1.75 48.93
CA TYR E 42 -14.20 2.88 48.01
C TYR E 42 -15.40 3.81 48.01
N GLY E 43 -16.62 3.27 48.18
CA GLY E 43 -17.80 4.11 48.06
C GLY E 43 -17.93 5.15 49.15
N LYS E 44 -17.27 4.92 50.30
CA LYS E 44 -17.40 5.81 51.44
C LYS E 44 -16.18 6.72 51.63
N PHE E 45 -14.99 6.23 51.32
CA PHE E 45 -13.74 6.94 51.58
C PHE E 45 -13.11 7.47 50.29
N ARG E 46 -13.93 7.88 49.33
CA ARG E 46 -13.39 8.35 48.06
C ARG E 46 -12.76 9.72 48.23
N GLY E 47 -11.58 9.91 47.64
CA GLY E 47 -10.87 11.16 47.69
C GLY E 47 -9.73 11.23 48.67
N VAL E 48 -9.50 10.18 49.45
CA VAL E 48 -8.40 10.15 50.42
C VAL E 48 -7.57 8.90 50.18
N ASP E 49 -6.25 9.04 50.32
CA ASP E 49 -5.32 7.94 50.15
C ASP E 49 -4.47 7.67 51.37
N ASN E 50 -4.64 8.44 52.45
CA ASN E 50 -3.88 8.22 53.68
C ASN E 50 -4.68 8.75 54.85
N ILE E 51 -4.76 7.96 55.92
CA ILE E 51 -5.40 8.37 57.16
C ILE E 51 -4.50 7.96 58.32
N ASN E 52 -4.67 8.63 59.44
CA ASN E 52 -3.90 8.33 60.65
C ASN E 52 -4.71 7.36 61.50
N LEU E 53 -4.30 6.09 61.49
CA LEU E 53 -4.98 5.08 62.31
C LEU E 53 -4.75 5.30 63.79
N GLY E 54 -3.77 6.13 64.16
CA GLY E 54 -3.42 6.36 65.55
C GLY E 54 -1.94 6.21 65.76
N ASN E 55 -1.32 5.30 65.02
CA ASN E 55 0.12 5.10 65.11
C ASN E 55 0.81 4.96 63.76
N VAL E 56 0.08 4.79 62.66
CA VAL E 56 0.69 4.58 61.35
C VAL E 56 -0.34 4.88 60.28
N TYR E 57 0.12 5.37 59.14
CA TYR E 57 -0.74 5.69 57.99
C TYR E 57 -0.90 4.42 57.17
N GLY E 58 -1.94 3.64 57.47
CA GLY E 58 -2.09 2.38 56.77
C GLY E 58 -2.87 2.43 55.47
N SER E 59 -4.15 2.79 55.52
CA SER E 59 -5.01 2.84 54.35
C SER E 59 -6.39 3.36 54.76
N PRO E 60 -7.17 3.92 53.84
CA PRO E 60 -8.55 4.33 54.18
C PRO E 60 -9.53 3.18 54.33
N ALA E 61 -9.09 1.94 54.13
CA ALA E 61 -9.95 0.78 54.22
C ALA E 61 -9.69 -0.07 55.46
N TYR E 62 -8.90 0.45 56.41
CA TYR E 62 -8.64 -0.29 57.64
C TYR E 62 -9.89 -0.40 58.50
N ASN E 63 -10.79 0.58 58.44
CA ASN E 63 -11.99 0.55 59.27
C ASN E 63 -12.89 -0.63 58.91
N PHE E 64 -13.10 -0.86 57.61
CA PHE E 64 -13.91 -1.99 57.15
C PHE E 64 -13.05 -3.23 57.21
N ARG E 65 -13.09 -3.94 58.36
CA ARG E 65 -12.31 -5.15 58.49
C ARG E 65 -13.08 -6.25 59.21
N ASN E 66 -14.40 -6.15 59.29
CA ASN E 66 -15.24 -7.17 59.92
C ASN E 66 -16.46 -7.45 59.07
N ILE E 67 -16.29 -7.42 57.75
CA ILE E 67 -17.37 -7.70 56.80
C ILE E 67 -17.02 -8.97 56.07
N MET E 68 -17.96 -9.92 56.05
CA MET E 68 -17.76 -11.17 55.33
C MET E 68 -18.02 -10.96 53.85
N ALA E 69 -17.10 -11.43 53.00
CA ALA E 69 -17.23 -11.23 51.57
C ALA E 69 -16.63 -12.41 50.83
N THR E 70 -17.37 -12.94 49.86
CA THR E 70 -16.88 -14.00 49.00
C THR E 70 -17.29 -13.69 47.56
N ALA E 71 -16.68 -14.41 46.61
CA ALA E 71 -16.99 -14.19 45.21
C ALA E 71 -16.74 -15.47 44.41
N ARG E 72 -17.38 -15.54 43.25
CA ARG E 72 -17.23 -16.71 42.39
C ARG E 72 -17.48 -16.29 40.94
N LEU E 73 -16.95 -17.09 40.03
CA LEU E 73 -17.08 -16.85 38.61
C LEU E 73 -18.45 -17.33 38.10
N GLU E 74 -18.79 -16.90 36.89
CA GLU E 74 -19.98 -17.38 36.22
C GLU E 74 -19.75 -17.63 34.74
N SER E 75 -18.50 -17.62 34.29
CA SER E 75 -18.16 -17.78 32.88
C SER E 75 -16.80 -18.47 32.79
N GLU E 76 -16.19 -18.41 31.61
CA GLU E 76 -14.93 -19.08 31.34
C GLU E 76 -13.88 -18.05 30.98
N GLY E 77 -12.72 -18.11 31.64
CA GLY E 77 -11.61 -17.21 31.39
C GLY E 77 -10.30 -17.96 31.31
N VAL E 78 -9.24 -17.20 30.99
CA VAL E 78 -7.92 -17.78 30.81
C VAL E 78 -6.90 -17.00 31.63
N TYR E 79 -6.05 -17.72 32.36
CA TYR E 79 -4.94 -17.10 33.08
C TYR E 79 -3.74 -17.01 32.16
N THR E 80 -3.06 -15.86 32.20
CA THR E 80 -1.95 -15.59 31.30
C THR E 80 -0.81 -14.91 32.05
N GLU E 81 0.43 -15.27 31.70
CA GLU E 81 1.63 -14.62 32.22
C GLU E 81 2.35 -14.01 31.02
N ASP E 82 2.01 -12.77 30.69
CA ASP E 82 2.64 -12.08 29.58
C ASP E 82 2.77 -10.58 29.87
N THR E 109 3.91 -10.50 35.47
CA THR E 109 2.63 -9.88 35.79
C THR E 109 1.47 -10.75 35.31
N GLY E 110 0.92 -11.53 36.24
CA GLY E 110 -0.18 -12.41 35.89
C GLY E 110 -1.48 -11.66 35.64
N LYS E 111 -2.30 -12.23 34.77
CA LYS E 111 -3.59 -11.63 34.42
C LYS E 111 -4.62 -12.73 34.21
N VAL E 112 -5.89 -12.36 34.34
CA VAL E 112 -7.02 -13.25 34.09
C VAL E 112 -7.87 -12.56 33.04
N TYR E 113 -7.83 -13.06 31.81
CA TYR E 113 -8.65 -12.51 30.74
C TYR E 113 -10.01 -13.17 30.77
N ILE E 114 -11.04 -12.36 30.99
CA ILE E 114 -12.44 -12.79 30.97
C ILE E 114 -13.28 -11.58 30.54
N PRO E 115 -13.10 -11.09 29.32
CA PRO E 115 -13.85 -9.89 28.91
C PRO E 115 -15.34 -10.15 28.86
N ASN E 116 -16.11 -9.13 29.20
CA ASN E 116 -17.57 -9.18 29.22
C ASN E 116 -18.10 -10.28 30.14
N GLY E 117 -17.25 -10.82 31.01
CA GLY E 117 -17.66 -11.88 31.89
C GLY E 117 -18.53 -11.38 33.02
N ARG E 118 -18.87 -12.30 33.92
CA ARG E 118 -19.71 -11.99 35.07
C ARG E 118 -19.09 -12.57 36.33
N LEU E 119 -19.23 -11.84 37.43
CA LEU E 119 -18.72 -12.24 38.73
C LEU E 119 -19.85 -12.05 39.74
N VAL E 120 -19.95 -12.94 40.72
CA VAL E 120 -20.97 -12.83 41.75
C VAL E 120 -20.26 -12.69 43.09
N VAL E 121 -20.59 -11.62 43.82
CA VAL E 121 -19.98 -11.35 45.11
C VAL E 121 -21.07 -11.27 46.17
N VAL E 122 -20.85 -11.95 47.28
CA VAL E 122 -21.79 -12.01 48.39
C VAL E 122 -21.17 -11.30 49.58
N TYR E 123 -21.90 -10.33 50.13
CA TYR E 123 -21.50 -9.54 51.30
C TYR E 123 -22.43 -9.88 52.45
N VAL E 124 -21.90 -10.50 53.48
CA VAL E 124 -22.68 -10.88 54.66
C VAL E 124 -22.09 -10.15 55.87
N THR E 125 -22.94 -9.43 56.59
CA THR E 125 -22.48 -8.66 57.74
C THR E 125 -23.66 -8.29 58.62
N ASP E 126 -23.35 -7.74 59.79
CA ASP E 126 -24.36 -7.25 60.72
C ASP E 126 -23.99 -5.92 61.36
N SER E 127 -22.82 -5.36 61.07
CA SER E 127 -22.37 -4.15 61.75
C SER E 127 -22.98 -2.88 61.19
N ILE E 128 -23.58 -2.93 60.00
CA ILE E 128 -24.22 -1.78 59.40
C ILE E 128 -25.62 -2.18 58.93
N SER E 129 -26.46 -1.18 58.76
CA SER E 129 -27.84 -1.42 58.36
C SER E 129 -27.91 -1.79 56.89
N LYS E 130 -29.13 -2.10 56.43
CA LYS E 130 -29.33 -2.45 55.02
C LYS E 130 -29.03 -1.27 54.11
N GLU E 131 -29.40 -0.05 54.54
CA GLU E 131 -29.20 1.12 53.71
C GLU E 131 -27.72 1.37 53.44
N GLU E 132 -26.89 1.28 54.49
CA GLU E 132 -25.46 1.49 54.31
C GLU E 132 -24.86 0.47 53.36
N LEU E 133 -25.21 -0.80 53.55
CA LEU E 133 -24.65 -1.85 52.71
C LEU E 133 -25.08 -1.69 51.26
N GLU E 134 -26.35 -1.38 51.02
CA GLU E 134 -26.81 -1.23 49.65
C GLU E 134 -26.19 -0.02 48.98
N LYS E 135 -26.08 1.10 49.71
CA LYS E 135 -25.48 2.30 49.13
C LYS E 135 -24.01 2.09 48.80
N LEU E 136 -23.27 1.40 49.69
CA LEU E 136 -21.88 1.12 49.41
C LEU E 136 -21.72 0.09 48.29
N CYS E 137 -22.66 -0.86 48.18
CA CYS E 137 -22.56 -1.90 47.17
C CYS E 137 -22.85 -1.36 45.78
N TRP E 138 -23.79 -0.43 45.67
CA TRP E 138 -24.04 0.15 44.34
C TRP E 138 -22.95 1.11 43.88
N SER E 139 -21.83 1.21 44.58
CA SER E 139 -20.79 2.20 44.31
C SER E 139 -19.42 1.52 44.15
N ILE E 140 -19.38 0.47 43.34
CA ILE E 140 -18.15 -0.30 43.10
C ILE E 140 -17.72 -0.08 41.66
N THR E 141 -16.45 0.26 41.45
CA THR E 141 -15.94 0.59 40.13
C THR E 141 -14.70 -0.19 39.69
N ARG E 142 -13.86 -0.65 40.61
CA ARG E 142 -12.70 -1.39 40.17
C ARG E 142 -12.30 -2.41 41.23
N ILE E 143 -11.84 -3.56 40.76
CA ILE E 143 -11.36 -4.65 41.62
C ILE E 143 -9.94 -5.00 41.18
N GLY E 144 -8.99 -4.84 42.09
CA GLY E 144 -7.61 -5.15 41.77
C GLY E 144 -6.75 -3.91 41.58
N CYS E 145 -6.36 -3.63 40.34
CA CYS E 145 -5.55 -2.47 40.02
C CYS E 145 -6.35 -1.47 39.20
N LYS E 146 -5.71 -0.37 38.80
CA LYS E 146 -6.44 0.76 38.23
C LYS E 146 -7.18 0.37 36.96
N GLU E 147 -6.54 -0.40 36.09
CA GLU E 147 -7.12 -0.69 34.78
C GLU E 147 -8.30 -1.63 34.86
N CYS E 148 -8.50 -2.31 35.99
CA CYS E 148 -9.54 -3.33 36.11
C CYS E 148 -10.88 -2.68 36.46
N LEU E 149 -11.42 -1.95 35.49
CA LEU E 149 -12.75 -1.37 35.65
C LEU E 149 -13.80 -2.48 35.73
N ALA E 150 -14.90 -2.18 36.40
CA ALA E 150 -15.95 -3.18 36.62
C ALA E 150 -17.27 -2.47 36.88
N SER E 151 -18.27 -2.76 36.06
CA SER E 151 -19.61 -2.24 36.26
C SER E 151 -20.37 -3.07 37.28
N VAL E 152 -21.43 -2.48 37.83
CA VAL E 152 -22.33 -3.17 38.74
C VAL E 152 -23.65 -3.41 38.02
N GLU E 153 -24.09 -4.66 37.99
CA GLU E 153 -25.28 -5.01 37.22
C GLU E 153 -26.54 -4.94 38.09
N ASN E 154 -26.54 -5.63 39.23
CA ASN E 154 -27.69 -5.60 40.12
C ASN E 154 -27.26 -6.11 41.50
N VAL E 155 -28.05 -5.74 42.51
CA VAL E 155 -27.86 -6.24 43.87
C VAL E 155 -29.20 -6.71 44.41
N GLU E 156 -29.12 -7.59 45.39
CA GLU E 156 -30.30 -8.11 46.09
C GLU E 156 -29.98 -8.19 47.58
N VAL E 157 -30.81 -7.55 48.41
CA VAL E 157 -30.54 -7.41 49.83
C VAL E 157 -31.57 -8.21 50.60
N GLY E 158 -31.12 -8.97 51.59
CA GLY E 158 -32.04 -9.74 52.39
C GLY E 158 -31.38 -10.28 53.65
N GLU E 159 -32.00 -11.31 54.21
CA GLU E 159 -31.54 -11.95 55.42
C GLU E 159 -31.03 -13.35 55.12
N ALA E 160 -30.15 -13.84 55.98
CA ALA E 160 -29.52 -15.15 55.83
C ALA E 160 -29.80 -16.01 57.05
N LYS E 161 -29.76 -17.33 56.86
CA LYS E 161 -30.03 -18.28 57.93
C LYS E 161 -28.79 -19.11 58.23
N LYS E 162 -28.47 -19.23 59.52
CA LYS E 162 -27.31 -20.00 59.94
C LYS E 162 -27.65 -21.47 60.00
N VAL E 163 -26.85 -22.30 59.33
CA VAL E 163 -27.07 -23.74 59.24
C VAL E 163 -25.77 -24.46 59.55
N SER E 164 -25.89 -25.75 59.85
CA SER E 164 -24.74 -26.59 60.15
C SER E 164 -24.80 -27.97 59.52
N GLY E 165 -25.82 -28.28 58.73
CA GLY E 165 -25.94 -29.59 58.10
C GLY E 165 -25.18 -29.67 56.80
N ARG E 166 -25.37 -30.80 56.11
CA ARG E 166 -24.73 -31.01 54.81
C ARG E 166 -25.27 -30.00 53.81
N VAL E 167 -24.34 -29.35 53.09
CA VAL E 167 -24.68 -28.31 52.13
C VAL E 167 -23.85 -28.50 50.87
N LYS E 168 -24.26 -27.82 49.81
CA LYS E 168 -23.51 -27.79 48.55
C LYS E 168 -23.19 -26.33 48.23
N THR E 169 -21.91 -26.03 48.08
CA THR E 169 -21.43 -24.65 47.96
C THR E 169 -20.61 -24.49 46.69
N ARG E 170 -20.49 -23.24 46.26
CA ARG E 170 -19.70 -22.85 45.10
C ARG E 170 -18.60 -21.86 45.42
N TYR E 171 -18.80 -20.97 46.38
CA TYR E 171 -17.82 -19.94 46.69
C TYR E 171 -16.62 -20.54 47.41
N TYR E 172 -15.47 -19.90 47.25
CA TYR E 172 -14.27 -20.39 47.90
C TYR E 172 -14.36 -20.19 49.41
N PHE E 173 -13.77 -21.13 50.14
CA PHE E 173 -13.83 -21.11 51.60
C PHE E 173 -12.45 -21.35 52.19
N ARG E 174 -12.39 -21.54 53.51
CA ARG E 174 -11.14 -21.74 54.19
C ARG E 174 -10.63 -23.16 53.97
N ASP E 175 -9.39 -23.39 54.39
CA ASP E 175 -8.78 -24.71 54.23
C ASP E 175 -9.37 -25.71 55.21
N THR E 176 -9.71 -25.27 56.42
CA THR E 176 -10.15 -26.17 57.47
C THR E 176 -11.54 -26.76 57.23
N VAL E 177 -12.27 -26.26 56.23
CA VAL E 177 -13.60 -26.79 55.94
C VAL E 177 -13.45 -28.22 55.44
N LYS E 178 -14.09 -29.16 56.14
CA LYS E 178 -14.03 -30.56 55.72
C LYS E 178 -14.90 -30.78 54.49
N VAL E 179 -14.43 -31.67 53.62
CA VAL E 179 -15.11 -32.00 52.37
C VAL E 179 -15.34 -33.50 52.32
N VAL E 180 -16.53 -33.88 51.86
CA VAL E 180 -16.92 -35.28 51.79
C VAL E 180 -16.89 -35.83 50.37
N GLY E 181 -16.94 -34.99 49.35
CA GLY E 181 -16.96 -35.45 47.98
C GLY E 181 -15.59 -35.90 47.49
N ARG E 182 -15.50 -36.09 46.18
CA ARG E 182 -14.27 -36.54 45.55
C ARG E 182 -13.33 -35.35 45.35
N LYS E 183 -12.09 -35.50 45.80
CA LYS E 183 -11.08 -34.44 45.70
C LYS E 183 -10.59 -34.36 44.26
N GLU E 184 -11.43 -33.78 43.40
CA GLU E 184 -11.12 -33.71 41.98
C GLU E 184 -11.12 -32.30 41.40
N PHE E 185 -11.63 -31.31 42.13
CA PHE E 185 -11.71 -29.94 41.66
C PHE E 185 -11.25 -28.98 42.75
N LEU E 186 -10.12 -29.27 43.37
CA LEU E 186 -9.61 -28.47 44.47
C LEU E 186 -8.31 -27.77 44.06
N GLU E 187 -8.28 -26.46 44.26
CA GLU E 187 -7.06 -25.66 44.11
C GLU E 187 -6.72 -25.02 45.44
N TYR E 188 -5.43 -24.87 45.72
CA TYR E 188 -4.96 -24.34 46.98
C TYR E 188 -4.24 -23.01 46.72
N VAL E 189 -4.62 -21.97 47.46
CA VAL E 189 -4.00 -20.66 47.32
C VAL E 189 -3.66 -20.14 48.71
N THR E 190 -2.84 -19.08 48.73
CA THR E 190 -2.44 -18.42 49.97
C THR E 190 -2.85 -16.95 49.89
N PHE E 191 -3.66 -16.52 50.86
CA PHE E 191 -4.13 -15.15 50.97
C PHE E 191 -3.66 -14.54 52.29
N TRP E 192 -4.06 -13.31 52.52
CA TRP E 192 -3.60 -12.54 53.68
C TRP E 192 -4.80 -12.01 54.48
N GLU E 193 -4.53 -11.70 55.74
CA GLU E 193 -5.52 -11.17 56.66
C GLU E 193 -5.57 -9.65 56.53
N GLU E 194 -6.26 -8.99 57.47
CA GLU E 194 -6.36 -7.53 57.43
C GLU E 194 -5.06 -6.84 57.80
N ASN E 195 -4.13 -7.57 58.43
CA ASN E 195 -2.89 -6.97 58.91
C ASN E 195 -2.04 -6.42 57.77
N GLY E 196 -2.33 -6.81 56.54
CA GLY E 196 -1.66 -6.30 55.37
C GLY E 196 -2.16 -4.97 54.85
N TYR E 197 -3.06 -4.31 55.59
CA TYR E 197 -3.55 -3.00 55.17
C TYR E 197 -2.58 -1.88 55.48
N ILE E 198 -1.49 -2.14 56.20
CA ILE E 198 -0.52 -1.13 56.59
C ILE E 198 0.72 -1.26 55.73
N TRP E 199 1.24 -0.13 55.25
CA TRP E 199 2.46 -0.15 54.44
C TRP E 199 3.63 -0.67 55.25
N GLY E 200 4.58 -1.29 54.55
CA GLY E 200 5.74 -1.85 55.21
C GLY E 200 5.43 -3.02 56.12
N LYS E 201 4.47 -3.86 55.75
CA LYS E 201 4.10 -5.00 56.55
C LYS E 201 3.46 -6.04 55.65
N GLU E 202 3.58 -7.31 56.04
CA GLU E 202 3.07 -8.43 55.25
C GLU E 202 1.86 -9.03 55.95
N GLY E 203 0.79 -9.25 55.18
CA GLY E 203 -0.39 -9.87 55.73
C GLY E 203 -0.14 -11.31 56.14
N SER E 204 -0.85 -11.75 57.15
CA SER E 204 -0.66 -13.10 57.69
C SER E 204 -1.05 -14.13 56.65
N PRO E 205 -0.32 -15.24 56.52
CA PRO E 205 -0.63 -16.24 55.48
C PRO E 205 -1.76 -17.17 55.92
N VAL E 206 -2.77 -17.30 55.07
CA VAL E 206 -3.90 -18.19 55.31
C VAL E 206 -4.19 -18.97 54.04
N ARG E 207 -4.28 -20.29 54.15
CA ARG E 207 -4.53 -21.13 53.00
C ARG E 207 -6.02 -21.22 52.71
N TYR E 208 -6.40 -21.08 51.44
CA TYR E 208 -7.78 -21.22 51.00
C TYR E 208 -7.88 -22.29 49.92
N ILE E 209 -9.10 -22.83 49.78
CA ILE E 209 -9.41 -23.89 48.84
C ILE E 209 -10.48 -23.36 47.88
N LEU E 210 -10.27 -23.57 46.58
CA LEU E 210 -11.19 -23.11 45.56
C LEU E 210 -11.68 -24.29 44.73
N PRO E 211 -12.98 -24.37 44.44
CA PRO E 211 -13.52 -25.35 43.48
C PRO E 211 -13.45 -24.82 42.05
N ILE E 212 -12.27 -24.87 41.45
CA ILE E 212 -12.00 -24.21 40.18
C ILE E 212 -11.28 -25.18 39.25
N THR E 213 -11.64 -25.14 37.97
CA THR E 213 -10.92 -25.88 36.94
C THR E 213 -9.81 -25.00 36.37
N THR E 214 -8.61 -25.57 36.29
CA THR E 214 -7.43 -24.75 36.00
C THR E 214 -7.45 -24.18 34.59
N TYR E 215 -7.89 -24.95 33.60
CA TYR E 215 -7.87 -24.45 32.22
C TYR E 215 -8.87 -25.20 31.35
N PRO E 216 -9.88 -24.51 30.80
CA PRO E 216 -10.19 -23.09 30.99
C PRO E 216 -10.78 -22.83 32.37
N LEU E 217 -10.71 -21.58 32.84
CA LEU E 217 -11.09 -21.29 34.22
C LEU E 217 -12.61 -21.36 34.37
N ALA E 218 -13.05 -22.05 35.41
CA ALA E 218 -14.48 -22.20 35.69
C ALA E 218 -14.63 -22.66 37.14
N SER E 219 -15.88 -22.71 37.59
CA SER E 219 -16.19 -23.08 38.97
C SER E 219 -17.24 -24.18 38.99
N LYS E 220 -17.07 -25.14 39.90
CA LYS E 220 -17.97 -26.28 40.04
C LYS E 220 -18.40 -26.43 41.49
N GLU E 221 -19.57 -27.03 41.68
CA GLU E 221 -20.14 -27.18 43.01
C GLU E 221 -19.42 -28.28 43.79
N VAL E 222 -19.33 -28.09 45.11
CA VAL E 222 -18.71 -29.06 46.00
C VAL E 222 -19.60 -29.23 47.23
N GLU E 223 -19.83 -30.48 47.62
CA GLU E 223 -20.65 -30.77 48.80
C GLU E 223 -19.77 -30.87 50.03
N VAL E 224 -20.16 -30.19 51.10
CA VAL E 224 -19.40 -30.14 52.34
C VAL E 224 -20.33 -30.25 53.53
N GLU E 225 -19.74 -30.38 54.71
CA GLU E 225 -20.45 -30.58 55.97
C GLU E 225 -20.15 -29.45 56.94
N ALA E 226 -20.23 -28.20 56.46
CA ALA E 226 -19.76 -27.05 57.19
C ALA E 226 -20.33 -26.98 58.61
N LYS E 227 -19.46 -26.61 59.55
CA LYS E 227 -19.91 -26.39 60.93
C LYS E 227 -20.83 -25.20 61.03
N GLU E 228 -20.55 -24.15 60.25
CA GLU E 228 -21.31 -22.90 60.31
C GLU E 228 -21.35 -22.30 58.92
N ALA E 229 -22.51 -22.34 58.28
CA ALA E 229 -22.70 -21.79 56.95
C ALA E 229 -23.92 -20.89 56.95
N TYR E 230 -24.02 -20.04 55.93
CA TYR E 230 -25.09 -19.06 55.86
C TYR E 230 -25.86 -19.25 54.56
N GLU E 231 -27.08 -19.76 54.67
CA GLU E 231 -28.00 -19.78 53.53
C GLU E 231 -28.41 -18.35 53.19
N VAL E 232 -28.14 -17.94 51.96
CA VAL E 232 -28.34 -16.56 51.52
C VAL E 232 -29.23 -16.51 50.30
N GLY E 233 -30.14 -17.46 50.16
CA GLY E 233 -31.07 -17.43 49.04
C GLY E 233 -30.91 -18.56 48.05
N GLY E 234 -30.58 -19.75 48.55
CA GLY E 234 -30.40 -20.91 47.69
C GLY E 234 -28.96 -21.28 47.43
N GLU E 235 -28.00 -20.51 47.95
CA GLU E 235 -26.58 -20.83 47.82
C GLU E 235 -25.98 -20.79 49.22
N TYR E 236 -25.67 -21.96 49.77
CA TYR E 236 -25.15 -22.05 51.13
C TYR E 236 -23.69 -21.62 51.12
N VAL E 237 -23.44 -20.37 51.52
CA VAL E 237 -22.07 -19.87 51.60
C VAL E 237 -21.43 -20.42 52.87
N VAL E 238 -20.28 -21.06 52.71
CA VAL E 238 -19.55 -21.67 53.82
C VAL E 238 -18.46 -20.71 54.27
N PHE E 239 -18.32 -20.55 55.57
CA PHE E 239 -17.33 -19.65 56.14
C PHE E 239 -16.37 -20.34 57.10
N SER E 240 -16.87 -21.25 57.94
CA SER E 240 -16.02 -21.95 58.89
C SER E 240 -16.68 -23.23 59.36
#